data_2OJ4
# 
_entry.id   2OJ4 
# 
_audit_conform.dict_name       mmcif_pdbx.dic 
_audit_conform.dict_version    5.399 
_audit_conform.dict_location   http://mmcif.pdb.org/dictionaries/ascii/mmcif_pdbx.dic 
# 
loop_
_database_2.database_id 
_database_2.database_code 
_database_2.pdbx_database_accession 
_database_2.pdbx_DOI 
PDB   2OJ4         pdb_00002oj4 10.2210/pdb2oj4/pdb 
RCSB  RCSB041199   ?            ?                   
WWPDB D_1000041199 ?            ?                   
# 
loop_
_pdbx_audit_revision_history.ordinal 
_pdbx_audit_revision_history.data_content_type 
_pdbx_audit_revision_history.major_revision 
_pdbx_audit_revision_history.minor_revision 
_pdbx_audit_revision_history.revision_date 
1 'Structure model' 1 0 2007-01-30 
2 'Structure model' 1 1 2008-05-01 
3 'Structure model' 1 2 2011-07-13 
4 'Structure model' 1 3 2017-10-18 
5 'Structure model' 1 4 2023-08-30 
6 'Structure model' 1 5 2024-11-20 
# 
_pdbx_audit_revision_details.ordinal             1 
_pdbx_audit_revision_details.revision_ordinal    1 
_pdbx_audit_revision_details.data_content_type   'Structure model' 
_pdbx_audit_revision_details.provider            repository 
_pdbx_audit_revision_details.type                'Initial release' 
_pdbx_audit_revision_details.description         ? 
_pdbx_audit_revision_details.details             ? 
# 
loop_
_pdbx_audit_revision_group.ordinal 
_pdbx_audit_revision_group.revision_ordinal 
_pdbx_audit_revision_group.data_content_type 
_pdbx_audit_revision_group.group 
1 2 'Structure model' 'Version format compliance' 
2 3 'Structure model' 'Version format compliance' 
3 4 'Structure model' 'Refinement description'    
4 5 'Structure model' 'Data collection'           
5 5 'Structure model' 'Database references'       
6 5 'Structure model' 'Refinement description'    
7 6 'Structure model' 'Structure summary'         
# 
loop_
_pdbx_audit_revision_category.ordinal 
_pdbx_audit_revision_category.revision_ordinal 
_pdbx_audit_revision_category.data_content_type 
_pdbx_audit_revision_category.category 
1 4 'Structure model' software                      
2 5 'Structure model' chem_comp_atom                
3 5 'Structure model' chem_comp_bond                
4 5 'Structure model' database_2                    
5 5 'Structure model' pdbx_initial_refinement_model 
6 6 'Structure model' pdbx_entry_details            
7 6 'Structure model' pdbx_modification_feature     
# 
loop_
_pdbx_audit_revision_item.ordinal 
_pdbx_audit_revision_item.revision_ordinal 
_pdbx_audit_revision_item.data_content_type 
_pdbx_audit_revision_item.item 
1 4 'Structure model' '_software.name'                      
2 5 'Structure model' '_database_2.pdbx_DOI'                
3 5 'Structure model' '_database_2.pdbx_database_accession' 
# 
_pdbx_database_status.entry_id                        2OJ4 
_pdbx_database_status.status_code                     REL 
_pdbx_database_status.status_code_sf                  REL 
_pdbx_database_status.recvd_initial_deposition_date   2007-01-12 
_pdbx_database_status.deposit_site                    RCSB 
_pdbx_database_status.process_site                    RCSB 
_pdbx_database_status.SG_entry                        N 
_pdbx_database_status.status_code_mr                  ? 
_pdbx_database_status.pdb_format_compatible           Y 
_pdbx_database_status.status_code_cs                  ? 
_pdbx_database_status.methods_development_category    ? 
_pdbx_database_status.status_code_nmr_data            ? 
# 
loop_
_audit_author.name 
_audit_author.pdbx_ordinal 
'Boura, E.' 1 
'Obsil, T.' 2 
# 
_citation.id                        primary 
_citation.title                     
'14-3-3 protein interacts with and affects the structure of RGS domain of regulator of G protein signaling 3 (RGS3).' 
_citation.journal_abbrev            J.Struct.Biol. 
_citation.journal_volume            170 
_citation.page_first                451 
_citation.page_last                 461 
_citation.year                      2010 
_citation.journal_id_ASTM           JSBIEM 
_citation.country                   US 
_citation.journal_id_ISSN           1047-8477 
_citation.journal_id_CSD            0803 
_citation.book_publisher            ? 
_citation.pdbx_database_id_PubMed   20347994 
_citation.pdbx_database_id_DOI      10.1016/j.jsb.2010.03.009 
# 
loop_
_citation_author.citation_id 
_citation_author.name 
_citation_author.ordinal 
_citation_author.identifier_ORCID 
primary 'Rezabkova, L.' 1 ? 
primary 'Boura, E.'     2 ? 
primary 'Herman, P.'    3 ? 
primary 'Vecer, J.'     4 ? 
primary 'Bourova, L.'   5 ? 
primary 'Sulc, M.'      6 ? 
primary 'Svoboda, P.'   7 ? 
primary 'Obsilova, V.'  8 ? 
primary 'Obsil, T.'     9 ? 
# 
loop_
_entity.id 
_entity.type 
_entity.src_method 
_entity.pdbx_description 
_entity.formula_weight 
_entity.pdbx_number_of_molecules 
_entity.pdbx_ec 
_entity.pdbx_mutation 
_entity.pdbx_fragment 
_entity.details 
1 polymer man 'Regulator of G-protein signaling 3' 14895.071 1  ? ? 'RGS domain' ? 
2 water   nat water                                18.015    62 ? ? ?            ? 
# 
_entity_name_com.entity_id   1 
_entity_name_com.name        'RGS3; RGP3' 
# 
_entity_poly.entity_id                      1 
_entity_poly.type                           'polypeptide(L)' 
_entity_poly.nstd_linkage                   no 
_entity_poly.nstd_monomer                   no 
_entity_poly.pdbx_seq_one_letter_code       
;SEEALKWGESLEKLLVHKYGLAVFQAFLRTEFSEENLEFWLACEDFKKVKSQSKMASKAKKIFAEYIAIQACKEVNLDSY
TREHTKDNLQSVTRGCFDLAQKRIFGLMEKDSYPRFLRSDLYLDLIN
;
_entity_poly.pdbx_seq_one_letter_code_can   
;SEEALKWGESLEKLLVHKYGLAVFQAFLRTEFSEENLEFWLACEDFKKVKSQSKMASKAKKIFAEYIAIQACKEVNLDSY
TREHTKDNLQSVTRGCFDLAQKRIFGLMEKDSYPRFLRSDLYLDLIN
;
_entity_poly.pdbx_strand_id                 A 
_entity_poly.pdbx_target_identifier         ? 
# 
_pdbx_entity_nonpoly.entity_id   2 
_pdbx_entity_nonpoly.name        water 
_pdbx_entity_nonpoly.comp_id     HOH 
# 
loop_
_entity_poly_seq.entity_id 
_entity_poly_seq.num 
_entity_poly_seq.mon_id 
_entity_poly_seq.hetero 
1 1   SER n 
1 2   GLU n 
1 3   GLU n 
1 4   ALA n 
1 5   LEU n 
1 6   LYS n 
1 7   TRP n 
1 8   GLY n 
1 9   GLU n 
1 10  SER n 
1 11  LEU n 
1 12  GLU n 
1 13  LYS n 
1 14  LEU n 
1 15  LEU n 
1 16  VAL n 
1 17  HIS n 
1 18  LYS n 
1 19  TYR n 
1 20  GLY n 
1 21  LEU n 
1 22  ALA n 
1 23  VAL n 
1 24  PHE n 
1 25  GLN n 
1 26  ALA n 
1 27  PHE n 
1 28  LEU n 
1 29  ARG n 
1 30  THR n 
1 31  GLU n 
1 32  PHE n 
1 33  SER n 
1 34  GLU n 
1 35  GLU n 
1 36  ASN n 
1 37  LEU n 
1 38  GLU n 
1 39  PHE n 
1 40  TRP n 
1 41  LEU n 
1 42  ALA n 
1 43  CYS n 
1 44  GLU n 
1 45  ASP n 
1 46  PHE n 
1 47  LYS n 
1 48  LYS n 
1 49  VAL n 
1 50  LYS n 
1 51  SER n 
1 52  GLN n 
1 53  SER n 
1 54  LYS n 
1 55  MET n 
1 56  ALA n 
1 57  SER n 
1 58  LYS n 
1 59  ALA n 
1 60  LYS n 
1 61  LYS n 
1 62  ILE n 
1 63  PHE n 
1 64  ALA n 
1 65  GLU n 
1 66  TYR n 
1 67  ILE n 
1 68  ALA n 
1 69  ILE n 
1 70  GLN n 
1 71  ALA n 
1 72  CYS n 
1 73  LYS n 
1 74  GLU n 
1 75  VAL n 
1 76  ASN n 
1 77  LEU n 
1 78  ASP n 
1 79  SER n 
1 80  TYR n 
1 81  THR n 
1 82  ARG n 
1 83  GLU n 
1 84  HIS n 
1 85  THR n 
1 86  LYS n 
1 87  ASP n 
1 88  ASN n 
1 89  LEU n 
1 90  GLN n 
1 91  SER n 
1 92  VAL n 
1 93  THR n 
1 94  ARG n 
1 95  GLY n 
1 96  CYS n 
1 97  PHE n 
1 98  ASP n 
1 99  LEU n 
1 100 ALA n 
1 101 GLN n 
1 102 LYS n 
1 103 ARG n 
1 104 ILE n 
1 105 PHE n 
1 106 GLY n 
1 107 LEU n 
1 108 MET n 
1 109 GLU n 
1 110 LYS n 
1 111 ASP n 
1 112 SER n 
1 113 TYR n 
1 114 PRO n 
1 115 ARG n 
1 116 PHE n 
1 117 LEU n 
1 118 ARG n 
1 119 SER n 
1 120 ASP n 
1 121 LEU n 
1 122 TYR n 
1 123 LEU n 
1 124 ASP n 
1 125 LEU n 
1 126 ILE n 
1 127 ASN n 
# 
_entity_src_gen.entity_id                          1 
_entity_src_gen.pdbx_src_id                        1 
_entity_src_gen.pdbx_alt_source_flag               sample 
_entity_src_gen.pdbx_seq_type                      ? 
_entity_src_gen.pdbx_beg_seq_num                   ? 
_entity_src_gen.pdbx_end_seq_num                   ? 
_entity_src_gen.gene_src_common_name               human 
_entity_src_gen.gene_src_genus                     Homo 
_entity_src_gen.pdbx_gene_src_gene                 RGS3 
_entity_src_gen.gene_src_species                   ? 
_entity_src_gen.gene_src_strain                    ? 
_entity_src_gen.gene_src_tissue                    ? 
_entity_src_gen.gene_src_tissue_fraction           ? 
_entity_src_gen.gene_src_details                   ? 
_entity_src_gen.pdbx_gene_src_fragment             ? 
_entity_src_gen.pdbx_gene_src_scientific_name      'Homo sapiens' 
_entity_src_gen.pdbx_gene_src_ncbi_taxonomy_id     9606 
_entity_src_gen.pdbx_gene_src_variant              ? 
_entity_src_gen.pdbx_gene_src_cell_line            ? 
_entity_src_gen.pdbx_gene_src_atcc                 ? 
_entity_src_gen.pdbx_gene_src_organ                ? 
_entity_src_gen.pdbx_gene_src_organelle            ? 
_entity_src_gen.pdbx_gene_src_cell                 ? 
_entity_src_gen.pdbx_gene_src_cellular_location    ? 
_entity_src_gen.host_org_common_name               ? 
_entity_src_gen.pdbx_host_org_scientific_name      'Escherichia coli BL21(DE3)' 
_entity_src_gen.pdbx_host_org_ncbi_taxonomy_id     469008 
_entity_src_gen.host_org_genus                     Escherichia 
_entity_src_gen.pdbx_host_org_gene                 ? 
_entity_src_gen.pdbx_host_org_organ                ? 
_entity_src_gen.host_org_species                   'Escherichia coli' 
_entity_src_gen.pdbx_host_org_tissue               ? 
_entity_src_gen.pdbx_host_org_tissue_fraction      ? 
_entity_src_gen.pdbx_host_org_strain               'BL21(DE3)' 
_entity_src_gen.pdbx_host_org_variant              ? 
_entity_src_gen.pdbx_host_org_cell_line            ? 
_entity_src_gen.pdbx_host_org_atcc                 ? 
_entity_src_gen.pdbx_host_org_culture_collection   ? 
_entity_src_gen.pdbx_host_org_cell                 ? 
_entity_src_gen.pdbx_host_org_organelle            ? 
_entity_src_gen.pdbx_host_org_cellular_location    ? 
_entity_src_gen.pdbx_host_org_vector_type          PLASMID 
_entity_src_gen.pdbx_host_org_vector               ? 
_entity_src_gen.host_org_details                   ? 
_entity_src_gen.expression_system_id               ? 
_entity_src_gen.plasmid_name                       pET15b 
_entity_src_gen.plasmid_details                    ? 
_entity_src_gen.pdbx_description                   ? 
# 
loop_
_chem_comp.id 
_chem_comp.type 
_chem_comp.mon_nstd_flag 
_chem_comp.name 
_chem_comp.pdbx_synonyms 
_chem_comp.formula 
_chem_comp.formula_weight 
ALA 'L-peptide linking' y ALANINE         ? 'C3 H7 N O2'     89.093  
ARG 'L-peptide linking' y ARGININE        ? 'C6 H15 N4 O2 1' 175.209 
ASN 'L-peptide linking' y ASPARAGINE      ? 'C4 H8 N2 O3'    132.118 
ASP 'L-peptide linking' y 'ASPARTIC ACID' ? 'C4 H7 N O4'     133.103 
CYS 'L-peptide linking' y CYSTEINE        ? 'C3 H7 N O2 S'   121.158 
GLN 'L-peptide linking' y GLUTAMINE       ? 'C5 H10 N2 O3'   146.144 
GLU 'L-peptide linking' y 'GLUTAMIC ACID' ? 'C5 H9 N O4'     147.129 
GLY 'peptide linking'   y GLYCINE         ? 'C2 H5 N O2'     75.067  
HIS 'L-peptide linking' y HISTIDINE       ? 'C6 H10 N3 O2 1' 156.162 
HOH non-polymer         . WATER           ? 'H2 O'           18.015  
ILE 'L-peptide linking' y ISOLEUCINE      ? 'C6 H13 N O2'    131.173 
LEU 'L-peptide linking' y LEUCINE         ? 'C6 H13 N O2'    131.173 
LYS 'L-peptide linking' y LYSINE          ? 'C6 H15 N2 O2 1' 147.195 
MET 'L-peptide linking' y METHIONINE      ? 'C5 H11 N O2 S'  149.211 
PHE 'L-peptide linking' y PHENYLALANINE   ? 'C9 H11 N O2'    165.189 
PRO 'L-peptide linking' y PROLINE         ? 'C5 H9 N O2'     115.130 
SER 'L-peptide linking' y SERINE          ? 'C3 H7 N O3'     105.093 
THR 'L-peptide linking' y THREONINE       ? 'C4 H9 N O3'     119.119 
TRP 'L-peptide linking' y TRYPTOPHAN      ? 'C11 H12 N2 O2'  204.225 
TYR 'L-peptide linking' y TYROSINE        ? 'C9 H11 N O3'    181.189 
VAL 'L-peptide linking' y VALINE          ? 'C5 H11 N O2'    117.146 
# 
loop_
_pdbx_poly_seq_scheme.asym_id 
_pdbx_poly_seq_scheme.entity_id 
_pdbx_poly_seq_scheme.seq_id 
_pdbx_poly_seq_scheme.mon_id 
_pdbx_poly_seq_scheme.ndb_seq_num 
_pdbx_poly_seq_scheme.pdb_seq_num 
_pdbx_poly_seq_scheme.auth_seq_num 
_pdbx_poly_seq_scheme.pdb_mon_id 
_pdbx_poly_seq_scheme.auth_mon_id 
_pdbx_poly_seq_scheme.pdb_strand_id 
_pdbx_poly_seq_scheme.pdb_ins_code 
_pdbx_poly_seq_scheme.hetero 
A 1 1   SER 1   2   2   SER SER A . n 
A 1 2   GLU 2   3   3   GLU GLU A . n 
A 1 3   GLU 3   4   4   GLU GLU A . n 
A 1 4   ALA 4   5   5   ALA ALA A . n 
A 1 5   LEU 5   6   6   LEU LEU A . n 
A 1 6   LYS 6   7   7   LYS LYS A . n 
A 1 7   TRP 7   8   8   TRP TRP A . n 
A 1 8   GLY 8   9   9   GLY GLY A . n 
A 1 9   GLU 9   10  10  GLU GLU A . n 
A 1 10  SER 10  11  11  SER SER A . n 
A 1 11  LEU 11  12  12  LEU LEU A . n 
A 1 12  GLU 12  13  13  GLU GLU A . n 
A 1 13  LYS 13  14  14  LYS LYS A . n 
A 1 14  LEU 14  15  15  LEU LEU A . n 
A 1 15  LEU 15  16  16  LEU LEU A . n 
A 1 16  VAL 16  17  17  VAL VAL A . n 
A 1 17  HIS 17  18  18  HIS HIS A . n 
A 1 18  LYS 18  19  19  LYS LYS A . n 
A 1 19  TYR 19  20  20  TYR TYR A . n 
A 1 20  GLY 20  21  21  GLY GLY A . n 
A 1 21  LEU 21  22  22  LEU LEU A . n 
A 1 22  ALA 22  23  23  ALA ALA A . n 
A 1 23  VAL 23  24  24  VAL VAL A . n 
A 1 24  PHE 24  25  25  PHE PHE A . n 
A 1 25  GLN 25  26  26  GLN GLN A . n 
A 1 26  ALA 26  27  27  ALA ALA A . n 
A 1 27  PHE 27  28  28  PHE PHE A . n 
A 1 28  LEU 28  29  29  LEU LEU A . n 
A 1 29  ARG 29  30  30  ARG ARG A . n 
A 1 30  THR 30  31  31  THR THR A . n 
A 1 31  GLU 31  32  32  GLU GLU A . n 
A 1 32  PHE 32  33  33  PHE PHE A . n 
A 1 33  SER 33  34  34  SER SER A . n 
A 1 34  GLU 34  35  35  GLU GLU A . n 
A 1 35  GLU 35  36  36  GLU GLU A . n 
A 1 36  ASN 36  37  37  ASN ASN A . n 
A 1 37  LEU 37  38  38  LEU LEU A . n 
A 1 38  GLU 38  39  39  GLU GLU A . n 
A 1 39  PHE 39  40  40  PHE PHE A . n 
A 1 40  TRP 40  41  41  TRP TRP A . n 
A 1 41  LEU 41  42  42  LEU LEU A . n 
A 1 42  ALA 42  43  43  ALA ALA A . n 
A 1 43  CYS 43  44  44  CYS CYS A . n 
A 1 44  GLU 44  45  45  GLU GLU A . n 
A 1 45  ASP 45  46  46  ASP ASP A . n 
A 1 46  PHE 46  47  47  PHE PHE A . n 
A 1 47  LYS 47  48  48  LYS LYS A . n 
A 1 48  LYS 48  49  49  LYS LYS A . n 
A 1 49  VAL 49  50  50  VAL VAL A . n 
A 1 50  LYS 50  51  51  LYS LYS A . n 
A 1 51  SER 51  52  52  SER SER A . n 
A 1 52  GLN 52  53  53  GLN GLN A . n 
A 1 53  SER 53  54  54  SER SER A . n 
A 1 54  LYS 54  55  55  LYS LYS A . n 
A 1 55  MET 55  56  56  MET MET A . n 
A 1 56  ALA 56  57  57  ALA ALA A . n 
A 1 57  SER 57  58  58  SER SER A . n 
A 1 58  LYS 58  59  59  LYS LYS A . n 
A 1 59  ALA 59  60  60  ALA ALA A . n 
A 1 60  LYS 60  61  61  LYS LYS A . n 
A 1 61  LYS 61  62  62  LYS LYS A . n 
A 1 62  ILE 62  63  63  ILE ILE A . n 
A 1 63  PHE 63  64  64  PHE PHE A . n 
A 1 64  ALA 64  65  65  ALA ALA A . n 
A 1 65  GLU 65  66  66  GLU GLU A . n 
A 1 66  TYR 66  67  67  TYR TYR A . n 
A 1 67  ILE 67  68  68  ILE ILE A . n 
A 1 68  ALA 68  69  69  ALA ALA A . n 
A 1 69  ILE 69  70  70  ILE ILE A . n 
A 1 70  GLN 70  71  71  GLN GLN A . n 
A 1 71  ALA 71  72  72  ALA ALA A . n 
A 1 72  CYS 72  73  73  CYS CYS A . n 
A 1 73  LYS 73  74  74  LYS LYS A . n 
A 1 74  GLU 74  75  75  GLU GLU A . n 
A 1 75  VAL 75  76  76  VAL VAL A . n 
A 1 76  ASN 76  77  77  ASN ASN A . n 
A 1 77  LEU 77  78  78  LEU LEU A . n 
A 1 78  ASP 78  79  79  ASP ASP A . n 
A 1 79  SER 79  80  80  SER SER A . n 
A 1 80  TYR 80  81  81  TYR TYR A . n 
A 1 81  THR 81  82  82  THR THR A . n 
A 1 82  ARG 82  83  83  ARG ARG A . n 
A 1 83  GLU 83  84  84  GLU GLU A . n 
A 1 84  HIS 84  85  85  HIS HIS A . n 
A 1 85  THR 85  86  86  THR THR A . n 
A 1 86  LYS 86  87  87  LYS LYS A . n 
A 1 87  ASP 87  88  88  ASP ASP A . n 
A 1 88  ASN 88  89  89  ASN ASN A . n 
A 1 89  LEU 89  90  90  LEU LEU A . n 
A 1 90  GLN 90  91  91  GLN GLN A . n 
A 1 91  SER 91  92  92  SER SER A . n 
A 1 92  VAL 92  93  93  VAL VAL A . n 
A 1 93  THR 93  94  94  THR THR A . n 
A 1 94  ARG 94  95  95  ARG ARG A . n 
A 1 95  GLY 95  96  96  GLY GLY A . n 
A 1 96  CYS 96  97  97  CYS CYS A . n 
A 1 97  PHE 97  98  98  PHE PHE A . n 
A 1 98  ASP 98  99  99  ASP ASP A . n 
A 1 99  LEU 99  100 100 LEU LEU A . n 
A 1 100 ALA 100 101 101 ALA ALA A . n 
A 1 101 GLN 101 102 102 GLN GLN A . n 
A 1 102 LYS 102 103 103 LYS LYS A . n 
A 1 103 ARG 103 104 104 ARG ARG A . n 
A 1 104 ILE 104 105 105 ILE ILE A . n 
A 1 105 PHE 105 106 106 PHE PHE A . n 
A 1 106 GLY 106 107 107 GLY GLY A . n 
A 1 107 LEU 107 108 108 LEU LEU A . n 
A 1 108 MET 108 109 109 MET MET A . n 
A 1 109 GLU 109 110 110 GLU GLU A . n 
A 1 110 LYS 110 111 111 LYS LYS A . n 
A 1 111 ASP 111 112 112 ASP ASP A . n 
A 1 112 SER 112 113 113 SER SER A . n 
A 1 113 TYR 113 114 114 TYR TYR A . n 
A 1 114 PRO 114 115 115 PRO PRO A . n 
A 1 115 ARG 115 116 116 ARG ARG A . n 
A 1 116 PHE 116 117 117 PHE PHE A . n 
A 1 117 LEU 117 118 118 LEU LEU A . n 
A 1 118 ARG 118 119 119 ARG ARG A . n 
A 1 119 SER 119 120 120 SER SER A . n 
A 1 120 ASP 120 121 121 ASP ASP A . n 
A 1 121 LEU 121 122 122 LEU LEU A . n 
A 1 122 TYR 122 123 123 TYR TYR A . n 
A 1 123 LEU 123 124 124 LEU LEU A . n 
A 1 124 ASP 124 125 125 ASP ASP A . n 
A 1 125 LEU 125 126 126 LEU LEU A . n 
A 1 126 ILE 126 127 127 ILE ILE A . n 
A 1 127 ASN 127 128 128 ASN ASN A . n 
# 
loop_
_pdbx_nonpoly_scheme.asym_id 
_pdbx_nonpoly_scheme.entity_id 
_pdbx_nonpoly_scheme.mon_id 
_pdbx_nonpoly_scheme.ndb_seq_num 
_pdbx_nonpoly_scheme.pdb_seq_num 
_pdbx_nonpoly_scheme.auth_seq_num 
_pdbx_nonpoly_scheme.pdb_mon_id 
_pdbx_nonpoly_scheme.auth_mon_id 
_pdbx_nonpoly_scheme.pdb_strand_id 
_pdbx_nonpoly_scheme.pdb_ins_code 
B 2 HOH 1  129 3   HOH HOH A . 
B 2 HOH 2  130 4   HOH HOH A . 
B 2 HOH 3  131 6   HOH HOH A . 
B 2 HOH 4  132 7   HOH HOH A . 
B 2 HOH 5  133 8   HOH HOH A . 
B 2 HOH 6  134 9   HOH HOH A . 
B 2 HOH 7  135 11  HOH HOH A . 
B 2 HOH 8  136 12  HOH HOH A . 
B 2 HOH 9  137 13  HOH HOH A . 
B 2 HOH 10 138 15  HOH HOH A . 
B 2 HOH 11 139 17  HOH HOH A . 
B 2 HOH 12 140 19  HOH HOH A . 
B 2 HOH 13 141 20  HOH HOH A . 
B 2 HOH 14 142 21  HOH HOH A . 
B 2 HOH 15 143 23  HOH HOH A . 
B 2 HOH 16 144 24  HOH HOH A . 
B 2 HOH 17 145 25  HOH HOH A . 
B 2 HOH 18 146 26  HOH HOH A . 
B 2 HOH 19 147 27  HOH HOH A . 
B 2 HOH 20 148 28  HOH HOH A . 
B 2 HOH 21 149 29  HOH HOH A . 
B 2 HOH 22 150 30  HOH HOH A . 
B 2 HOH 23 151 31  HOH HOH A . 
B 2 HOH 24 152 33  HOH HOH A . 
B 2 HOH 25 153 34  HOH HOH A . 
B 2 HOH 26 154 35  HOH HOH A . 
B 2 HOH 27 155 36  HOH HOH A . 
B 2 HOH 28 156 37  HOH HOH A . 
B 2 HOH 29 157 39  HOH HOH A . 
B 2 HOH 30 158 40  HOH HOH A . 
B 2 HOH 31 159 42  HOH HOH A . 
B 2 HOH 32 160 43  HOH HOH A . 
B 2 HOH 33 161 44  HOH HOH A . 
B 2 HOH 34 162 45  HOH HOH A . 
B 2 HOH 35 163 47  HOH HOH A . 
B 2 HOH 36 164 51  HOH HOH A . 
B 2 HOH 37 165 52  HOH HOH A . 
B 2 HOH 38 166 56  HOH HOH A . 
B 2 HOH 39 167 57  HOH HOH A . 
B 2 HOH 40 168 58  HOH HOH A . 
B 2 HOH 41 169 61  HOH HOH A . 
B 2 HOH 42 170 63  HOH HOH A . 
B 2 HOH 43 171 64  HOH HOH A . 
B 2 HOH 44 172 65  HOH HOH A . 
B 2 HOH 45 173 66  HOH HOH A . 
B 2 HOH 46 174 67  HOH HOH A . 
B 2 HOH 47 175 68  HOH HOH A . 
B 2 HOH 48 176 69  HOH HOH A . 
B 2 HOH 49 177 70  HOH HOH A . 
B 2 HOH 50 178 73  HOH HOH A . 
B 2 HOH 51 179 75  HOH HOH A . 
B 2 HOH 52 180 76  HOH HOH A . 
B 2 HOH 53 181 78  HOH HOH A . 
B 2 HOH 54 182 79  HOH HOH A . 
B 2 HOH 55 183 93  HOH HOH A . 
B 2 HOH 56 184 96  HOH HOH A . 
B 2 HOH 57 185 102 HOH HOH A . 
B 2 HOH 58 186 105 HOH HOH A . 
B 2 HOH 59 187 107 HOH HOH A . 
B 2 HOH 60 188 108 HOH HOH A . 
B 2 HOH 61 189 110 HOH HOH A . 
B 2 HOH 62 190 117 HOH HOH A . 
# 
loop_
_software.name 
_software.classification 
_software.version 
_software.citation_id 
_software.pdbx_ordinal 
MAR345dtb 'data collection' .         ? 1 
MOLREP    phasing           .         ? 2 
REFMAC    refinement        5.2       ? 3 
MAR345    'data collection' 345DTB    ? 4 
MOSFLM    'data reduction'  .         ? 5 
CCP4      'data scaling'    '(SCALA)' ? 6 
# 
_cell.entry_id           2OJ4 
_cell.length_a           77.236 
_cell.length_b           60.849 
_cell.length_c           57.406 
_cell.angle_alpha        90.00 
_cell.angle_beta         135.44 
_cell.angle_gamma        90.00 
_cell.Z_PDB              4 
_cell.pdbx_unique_axis   ? 
_cell.length_a_esd       ? 
_cell.length_b_esd       ? 
_cell.length_c_esd       ? 
_cell.angle_alpha_esd    ? 
_cell.angle_beta_esd     ? 
_cell.angle_gamma_esd    ? 
# 
_symmetry.entry_id                         2OJ4 
_symmetry.space_group_name_H-M             'C 1 2 1' 
_symmetry.pdbx_full_space_group_name_H-M   ? 
_symmetry.Int_Tables_number                5 
_symmetry.cell_setting                     ? 
_symmetry.space_group_name_Hall            ? 
# 
_exptl.entry_id          2OJ4 
_exptl.method            'X-RAY DIFFRACTION' 
_exptl.crystals_number   1 
# 
_exptl_crystal.id                    1 
_exptl_crystal.density_meas          ? 
_exptl_crystal.density_Matthews      3.18 
_exptl_crystal.density_percent_sol   61.28 
_exptl_crystal.description           ? 
_exptl_crystal.F_000                 ? 
_exptl_crystal.preparation           ? 
# 
_exptl_crystal_grow.crystal_id      1 
_exptl_crystal_grow.method          'VAPOR DIFFUSION, HANGING DROP' 
_exptl_crystal_grow.temp            288 
_exptl_crystal_grow.pH              6.5 
_exptl_crystal_grow.pdbx_details    
'28% PEG 4000, 0.15M magnesium chloride, 0.1M glycine, pH 6.5, VAPOR DIFFUSION, HANGING DROP, temperature 288K' 
_exptl_crystal_grow.temp_details    ? 
_exptl_crystal_grow.pdbx_pH_range   . 
# 
_diffrn.id                     1 
_diffrn.ambient_temp           100 
_diffrn.ambient_temp_details   ? 
_diffrn.crystal_id             1 
# 
_diffrn_detector.diffrn_id              1 
_diffrn_detector.detector               'IMAGE PLATE' 
_diffrn_detector.type                   'MAR scanner 345 mm plate' 
_diffrn_detector.pdbx_collection_date   2006-08-14 
_diffrn_detector.details                mirrors 
# 
_diffrn_radiation.diffrn_id                        1 
_diffrn_radiation.wavelength_id                    1 
_diffrn_radiation.pdbx_monochromatic_or_laue_m_l   M 
_diffrn_radiation.monochromator                    MIRROR 
_diffrn_radiation.pdbx_diffrn_protocol             'SINGLE WAVELENGTH' 
_diffrn_radiation.pdbx_scattering_type             x-ray 
# 
_diffrn_radiation_wavelength.id           1 
_diffrn_radiation_wavelength.wavelength   1.5418 
_diffrn_radiation_wavelength.wt           1.0 
# 
_diffrn_source.diffrn_id                   1 
_diffrn_source.source                      'ROTATING ANODE' 
_diffrn_source.type                        'ENRAF-NONIUS FR591' 
_diffrn_source.pdbx_synchrotron_site       ? 
_diffrn_source.pdbx_synchrotron_beamline   ? 
_diffrn_source.pdbx_wavelength             ? 
_diffrn_source.pdbx_wavelength_list        1.5418 
# 
_reflns.entry_id                     2OJ4 
_reflns.observed_criterion_sigma_F   0 
_reflns.observed_criterion_sigma_I   0 
_reflns.d_resolution_high            2.30 
_reflns.d_resolution_low             28. 
_reflns.number_all                   8099 
_reflns.number_obs                   8095 
_reflns.percent_possible_obs         96.7 
_reflns.pdbx_Rmerge_I_obs            0.055 
_reflns.pdbx_Rsym_value              ? 
_reflns.pdbx_netI_over_sigmaI        16.5 
_reflns.B_iso_Wilson_estimate        37.3 
_reflns.pdbx_redundancy              2.5 
_reflns.R_free_details               ? 
_reflns.limit_h_max                  ? 
_reflns.limit_h_min                  ? 
_reflns.limit_k_max                  ? 
_reflns.limit_k_min                  ? 
_reflns.limit_l_max                  ? 
_reflns.limit_l_min                  ? 
_reflns.observed_criterion_F_max     ? 
_reflns.observed_criterion_F_min     ? 
_reflns.pdbx_chi_squared             ? 
_reflns.pdbx_scaling_rejects         ? 
_reflns.pdbx_diffrn_id               1 
_reflns.pdbx_ordinal                 1 
# 
_reflns_shell.d_res_high             2.30 
_reflns_shell.d_res_low              2.42 
_reflns_shell.percent_possible_all   97.3 
_reflns_shell.Rmerge_I_obs           0.214 
_reflns_shell.pdbx_Rsym_value        ? 
_reflns_shell.meanI_over_sigI_obs    5.3 
_reflns_shell.pdbx_redundancy        2.4 
_reflns_shell.percent_possible_obs   ? 
_reflns_shell.number_unique_all      1177 
_reflns_shell.number_measured_all    ? 
_reflns_shell.number_measured_obs    ? 
_reflns_shell.number_unique_obs      ? 
_reflns_shell.pdbx_chi_squared       ? 
_reflns_shell.pdbx_diffrn_id         ? 
_reflns_shell.pdbx_ordinal           1 
# 
_refine.entry_id                                 2OJ4 
_refine.ls_number_reflns_obs                     8085 
_refine.ls_number_reflns_all                     8085 
_refine.pdbx_ls_sigma_I                          0 
_refine.pdbx_ls_sigma_F                          0 
_refine.pdbx_data_cutoff_high_absF               ? 
_refine.pdbx_data_cutoff_low_absF                ? 
_refine.pdbx_data_cutoff_high_rms_absF           ? 
_refine.ls_d_res_low                             20.00 
_refine.ls_d_res_high                            2.30 
_refine.ls_percent_reflns_obs                    96.65 
_refine.ls_R_factor_obs                          0.221 
_refine.ls_R_factor_all                          0.221 
_refine.ls_R_factor_R_work                       0.193 
_refine.ls_R_factor_R_free                       0.25 
_refine.ls_R_factor_R_free_error                 ? 
_refine.ls_R_factor_R_free_error_details         ? 
_refine.ls_percent_reflns_R_free                 4.6 
_refine.ls_number_reflns_R_free                  373 
_refine.ls_number_parameters                     ? 
_refine.ls_number_restraints                     ? 
_refine.occupancy_min                            ? 
_refine.occupancy_max                            ? 
_refine.correlation_coeff_Fo_to_Fc               0.939 
_refine.correlation_coeff_Fo_to_Fc_free          0.904 
_refine.B_iso_mean                               29.480 
_refine.aniso_B[1][1]                            0.11 
_refine.aniso_B[2][2]                            -0.01 
_refine.aniso_B[3][3]                            0.00 
_refine.aniso_B[1][2]                            0.00 
_refine.aniso_B[1][3]                            0.07 
_refine.aniso_B[2][3]                            0.00 
_refine.solvent_model_details                    MASK 
_refine.solvent_model_param_ksol                 ? 
_refine.solvent_model_param_bsol                 ? 
_refine.pdbx_solvent_vdw_probe_radii             1.20 
_refine.pdbx_solvent_ion_probe_radii             0.80 
_refine.pdbx_solvent_shrinkage_radii             0.80 
_refine.pdbx_ls_cross_valid_method               THROUGHOUT 
_refine.details                                  'HYDROGENS HAVE BEEN ADDED IN THE RIDING POSITIONS' 
_refine.pdbx_starting_model                      'PDB ENTRY 1FQI' 
_refine.pdbx_method_to_determine_struct          'MOLECULAR REPLACEMENT' 
_refine.pdbx_isotropic_thermal_model             ? 
_refine.pdbx_stereochemistry_target_values       'MAXIMUM LIKELIHOOD' 
_refine.pdbx_stereochem_target_val_spec_case     ? 
_refine.pdbx_R_Free_selection_details            RANDOM 
_refine.pdbx_overall_ESU_R                       0.266 
_refine.pdbx_overall_ESU_R_Free                  0.224 
_refine.overall_SU_ML                            0.143 
_refine.overall_SU_B                             5.673 
_refine.ls_redundancy_reflns_obs                 ? 
_refine.B_iso_min                                ? 
_refine.B_iso_max                                ? 
_refine.overall_SU_R_Cruickshank_DPI             ? 
_refine.overall_SU_R_free                        ? 
_refine.ls_wR_factor_R_free                      ? 
_refine.ls_wR_factor_R_work                      ? 
_refine.overall_FOM_free_R_set                   ? 
_refine.overall_FOM_work_R_set                   ? 
_refine.pdbx_refine_id                           'X-RAY DIFFRACTION' 
_refine.pdbx_diffrn_id                           1 
_refine.pdbx_TLS_residual_ADP_flag               ? 
_refine.pdbx_overall_phase_error                 ? 
_refine.pdbx_overall_SU_R_free_Cruickshank_DPI   ? 
_refine.pdbx_overall_SU_R_Blow_DPI               ? 
_refine.pdbx_overall_SU_R_free_Blow_DPI          ? 
# 
_refine_hist.pdbx_refine_id                   'X-RAY DIFFRACTION' 
_refine_hist.cycle_id                         LAST 
_refine_hist.pdbx_number_atoms_protein        1047 
_refine_hist.pdbx_number_atoms_nucleic_acid   0 
_refine_hist.pdbx_number_atoms_ligand         0 
_refine_hist.number_atoms_solvent             62 
_refine_hist.number_atoms_total               1109 
_refine_hist.d_res_high                       2.30 
_refine_hist.d_res_low                        20.00 
# 
loop_
_refine_ls_restr.type 
_refine_ls_restr.dev_ideal 
_refine_ls_restr.dev_ideal_target 
_refine_ls_restr.weight 
_refine_ls_restr.number 
_refine_ls_restr.pdbx_refine_id 
_refine_ls_restr.pdbx_restraint_function 
r_bond_refined_d             0.023  0.022  ? 1067 'X-RAY DIFFRACTION' ? 
r_bond_other_d               ?      ?      ? ?    'X-RAY DIFFRACTION' ? 
r_angle_refined_deg          1.890  1.962  ? 1429 'X-RAY DIFFRACTION' ? 
r_angle_other_deg            ?      ?      ? ?    'X-RAY DIFFRACTION' ? 
r_dihedral_angle_1_deg       6.916  5.000  ? 126  'X-RAY DIFFRACTION' ? 
r_dihedral_angle_2_deg       28.957 24.340 ? 53   'X-RAY DIFFRACTION' ? 
r_dihedral_angle_3_deg       16.778 15.000 ? 209  'X-RAY DIFFRACTION' ? 
r_dihedral_angle_4_deg       19.944 15.000 ? 6    'X-RAY DIFFRACTION' ? 
r_chiral_restr               0.131  0.200  ? 153  'X-RAY DIFFRACTION' ? 
r_gen_planes_refined         0.008  0.020  ? 789  'X-RAY DIFFRACTION' ? 
r_gen_planes_other           ?      ?      ? ?    'X-RAY DIFFRACTION' ? 
r_nbd_refined                0.224  0.200  ? 479  'X-RAY DIFFRACTION' ? 
r_nbd_other                  ?      ?      ? ?    'X-RAY DIFFRACTION' ? 
r_nbtor_refined              0.305  0.200  ? 736  'X-RAY DIFFRACTION' ? 
r_nbtor_other                ?      ?      ? ?    'X-RAY DIFFRACTION' ? 
r_xyhbond_nbd_refined        0.178  0.200  ? 54   'X-RAY DIFFRACTION' ? 
r_xyhbond_nbd_other          ?      ?      ? ?    'X-RAY DIFFRACTION' ? 
r_metal_ion_refined          ?      ?      ? ?    'X-RAY DIFFRACTION' ? 
r_metal_ion_other            ?      ?      ? ?    'X-RAY DIFFRACTION' ? 
r_symmetry_vdw_refined       0.214  0.200  ? 26   'X-RAY DIFFRACTION' ? 
r_symmetry_vdw_other         ?      ?      ? ?    'X-RAY DIFFRACTION' ? 
r_symmetry_hbond_refined     0.237  0.200  ? 10   'X-RAY DIFFRACTION' ? 
r_symmetry_hbond_other       ?      ?      ? ?    'X-RAY DIFFRACTION' ? 
r_symmetry_metal_ion_refined ?      ?      ? ?    'X-RAY DIFFRACTION' ? 
r_symmetry_metal_ion_other   ?      ?      ? ?    'X-RAY DIFFRACTION' ? 
r_mcbond_it                  1.323  1.500  ? 664  'X-RAY DIFFRACTION' ? 
r_mcbond_other               ?      ?      ? ?    'X-RAY DIFFRACTION' ? 
r_mcangle_it                 2.165  2.000  ? 1008 'X-RAY DIFFRACTION' ? 
r_scbond_it                  3.363  3.000  ? 483  'X-RAY DIFFRACTION' ? 
r_scangle_it                 4.999  4.500  ? 421  'X-RAY DIFFRACTION' ? 
r_rigid_bond_restr           ?      ?      ? ?    'X-RAY DIFFRACTION' ? 
r_sphericity_free            ?      ?      ? ?    'X-RAY DIFFRACTION' ? 
r_sphericity_bonded          ?      ?      ? ?    'X-RAY DIFFRACTION' ? 
# 
_refine_ls_shell.pdbx_total_number_of_bins_used   20 
_refine_ls_shell.d_res_high                       2.300 
_refine_ls_shell.d_res_low                        2.359 
_refine_ls_shell.number_reflns_R_work             560 
_refine_ls_shell.R_factor_R_work                  0.203 
_refine_ls_shell.percent_reflns_obs               97.53 
_refine_ls_shell.R_factor_R_free                  0.237 
_refine_ls_shell.R_factor_R_free_error            ? 
_refine_ls_shell.percent_reflns_R_free            ? 
_refine_ls_shell.number_reflns_R_free             33 
_refine_ls_shell.number_reflns_all                ? 
_refine_ls_shell.R_factor_all                     ? 
_refine_ls_shell.number_reflns_obs                ? 
_refine_ls_shell.redundancy_reflns_obs            ? 
_refine_ls_shell.pdbx_refine_id                   'X-RAY DIFFRACTION' 
# 
_struct.entry_id                  2OJ4 
_struct.title                     'Crystal structure of RGS3 RGS domain' 
_struct.pdbx_model_details        ? 
_struct.pdbx_CASP_flag            ? 
_struct.pdbx_model_type_details   ? 
# 
_struct_keywords.entry_id        2OJ4 
_struct_keywords.pdbx_keywords   'SIGNALING PROTEIN INHIBITOR' 
_struct_keywords.text            'PROTEIN; RGS DOMAIN, SIGNALING PROTEIN INHIBITOR' 
# 
loop_
_struct_asym.id 
_struct_asym.pdbx_blank_PDB_chainid_flag 
_struct_asym.pdbx_modified 
_struct_asym.entity_id 
_struct_asym.details 
A N N 1 ? 
B N N 2 ? 
# 
_struct_ref.id                         1 
_struct_ref.entity_id                  1 
_struct_ref.db_name                    UNP 
_struct_ref.db_code                    RGS3_HUMAN 
_struct_ref.pdbx_db_accession          P49796 
_struct_ref.pdbx_align_begin           1064 
_struct_ref.pdbx_seq_one_letter_code   
;SEEALKWGESLEKLLVHKYGLAVFQAFLRTEFSEENLEFWLACEDFKKVKSQSKMASKAKKIFAEYIAIQACKEVNLDSY
TREHTKDNLQSVTRGCFDLAQKRIFGLMEKDSYPRFLRSDLYLDLIN
;
_struct_ref.pdbx_db_isoform            ? 
# 
_struct_ref_seq.align_id                      1 
_struct_ref_seq.ref_id                        1 
_struct_ref_seq.pdbx_PDB_id_code              2OJ4 
_struct_ref_seq.pdbx_strand_id                A 
_struct_ref_seq.seq_align_beg                 1 
_struct_ref_seq.pdbx_seq_align_beg_ins_code   ? 
_struct_ref_seq.seq_align_end                 127 
_struct_ref_seq.pdbx_seq_align_end_ins_code   ? 
_struct_ref_seq.pdbx_db_accession             P49796 
_struct_ref_seq.db_align_beg                  1064 
_struct_ref_seq.pdbx_db_align_beg_ins_code    ? 
_struct_ref_seq.db_align_end                  1190 
_struct_ref_seq.pdbx_db_align_end_ins_code    ? 
_struct_ref_seq.pdbx_auth_seq_align_beg       2 
_struct_ref_seq.pdbx_auth_seq_align_end       128 
# 
_pdbx_struct_assembly.id                   1 
_pdbx_struct_assembly.details              author_defined_assembly 
_pdbx_struct_assembly.method_details       ? 
_pdbx_struct_assembly.oligomeric_details   monomeric 
_pdbx_struct_assembly.oligomeric_count     1 
# 
_pdbx_struct_assembly_gen.assembly_id       1 
_pdbx_struct_assembly_gen.oper_expression   1 
_pdbx_struct_assembly_gen.asym_id_list      A,B 
# 
_pdbx_struct_oper_list.id                   1 
_pdbx_struct_oper_list.type                 'identity operation' 
_pdbx_struct_oper_list.name                 1_555 
_pdbx_struct_oper_list.symmetry_operation   x,y,z 
_pdbx_struct_oper_list.matrix[1][1]         1.0000000000 
_pdbx_struct_oper_list.matrix[1][2]         0.0000000000 
_pdbx_struct_oper_list.matrix[1][3]         0.0000000000 
_pdbx_struct_oper_list.vector[1]            0.0000000000 
_pdbx_struct_oper_list.matrix[2][1]         0.0000000000 
_pdbx_struct_oper_list.matrix[2][2]         1.0000000000 
_pdbx_struct_oper_list.matrix[2][3]         0.0000000000 
_pdbx_struct_oper_list.vector[2]            0.0000000000 
_pdbx_struct_oper_list.matrix[3][1]         0.0000000000 
_pdbx_struct_oper_list.matrix[3][2]         0.0000000000 
_pdbx_struct_oper_list.matrix[3][3]         1.0000000000 
_pdbx_struct_oper_list.vector[3]            0.0000000000 
# 
_struct_biol.id   1 
# 
loop_
_struct_conf.conf_type_id 
_struct_conf.id 
_struct_conf.pdbx_PDB_helix_id 
_struct_conf.beg_label_comp_id 
_struct_conf.beg_label_asym_id 
_struct_conf.beg_label_seq_id 
_struct_conf.pdbx_beg_PDB_ins_code 
_struct_conf.end_label_comp_id 
_struct_conf.end_label_asym_id 
_struct_conf.end_label_seq_id 
_struct_conf.pdbx_end_PDB_ins_code 
_struct_conf.beg_auth_comp_id 
_struct_conf.beg_auth_asym_id 
_struct_conf.beg_auth_seq_id 
_struct_conf.end_auth_comp_id 
_struct_conf.end_auth_asym_id 
_struct_conf.end_auth_seq_id 
_struct_conf.pdbx_PDB_helix_class 
_struct_conf.details 
_struct_conf.pdbx_PDB_helix_length 
HELX_P HELX_P1 1 GLU A 2   ? GLY A 8   ? GLU A 3   GLY A 9   1 ? 7  
HELX_P HELX_P2 2 SER A 10  ? VAL A 16  ? SER A 11  VAL A 17  1 ? 7  
HELX_P HELX_P3 3 HIS A 17  ? GLU A 31  ? HIS A 18  GLU A 32  1 ? 15 
HELX_P HELX_P4 4 SER A 33  ? LYS A 47  ? SER A 34  LYS A 48  1 ? 15 
HELX_P HELX_P5 5 SER A 51  ? ILE A 67  ? SER A 52  ILE A 68  1 ? 17 
HELX_P HELX_P6 6 ASP A 78  ? ASN A 88  ? ASP A 79  ASN A 89  1 ? 11 
HELX_P HELX_P7 7 PHE A 97  ? ASP A 111 ? PHE A 98  ASP A 112 1 ? 15 
HELX_P HELX_P8 8 ASP A 111 ? SER A 119 ? ASP A 112 SER A 120 1 ? 9  
HELX_P HELX_P9 9 SER A 119 ? ASP A 124 ? SER A 120 ASP A 125 1 ? 6  
# 
_struct_conf_type.id          HELX_P 
_struct_conf_type.criteria    ? 
_struct_conf_type.reference   ? 
# 
_struct_conn.id                            disulf1 
_struct_conn.conn_type_id                  disulf 
_struct_conn.pdbx_leaving_atom_flag        ? 
_struct_conn.pdbx_PDB_id                   ? 
_struct_conn.ptnr1_label_asym_id           A 
_struct_conn.ptnr1_label_comp_id           CYS 
_struct_conn.ptnr1_label_seq_id            72 
_struct_conn.ptnr1_label_atom_id           SG 
_struct_conn.pdbx_ptnr1_label_alt_id       ? 
_struct_conn.pdbx_ptnr1_PDB_ins_code       ? 
_struct_conn.pdbx_ptnr1_standard_comp_id   ? 
_struct_conn.ptnr1_symmetry                1_555 
_struct_conn.ptnr2_label_asym_id           A 
_struct_conn.ptnr2_label_comp_id           CYS 
_struct_conn.ptnr2_label_seq_id            72 
_struct_conn.ptnr2_label_atom_id           SG 
_struct_conn.pdbx_ptnr2_label_alt_id       ? 
_struct_conn.pdbx_ptnr2_PDB_ins_code       ? 
_struct_conn.ptnr1_auth_asym_id            A 
_struct_conn.ptnr1_auth_comp_id            CYS 
_struct_conn.ptnr1_auth_seq_id             73 
_struct_conn.ptnr2_auth_asym_id            A 
_struct_conn.ptnr2_auth_comp_id            CYS 
_struct_conn.ptnr2_auth_seq_id             73 
_struct_conn.ptnr2_symmetry                2_555 
_struct_conn.pdbx_ptnr3_label_atom_id      ? 
_struct_conn.pdbx_ptnr3_label_seq_id       ? 
_struct_conn.pdbx_ptnr3_label_comp_id      ? 
_struct_conn.pdbx_ptnr3_label_asym_id      ? 
_struct_conn.pdbx_ptnr3_label_alt_id       ? 
_struct_conn.pdbx_ptnr3_PDB_ins_code       ? 
_struct_conn.details                       ? 
_struct_conn.pdbx_dist_value               1.874 
_struct_conn.pdbx_value_order              ? 
_struct_conn.pdbx_role                     ? 
# 
_struct_conn_type.id          disulf 
_struct_conn_type.criteria    ? 
_struct_conn_type.reference   ? 
# 
_pdbx_modification_feature.ordinal                            1 
_pdbx_modification_feature.label_comp_id                      CYS 
_pdbx_modification_feature.label_asym_id                      A 
_pdbx_modification_feature.label_seq_id                       72 
_pdbx_modification_feature.label_alt_id                       ? 
_pdbx_modification_feature.modified_residue_label_comp_id     CYS 
_pdbx_modification_feature.modified_residue_label_asym_id     A 
_pdbx_modification_feature.modified_residue_label_seq_id      72 
_pdbx_modification_feature.modified_residue_label_alt_id      ? 
_pdbx_modification_feature.auth_comp_id                       CYS 
_pdbx_modification_feature.auth_asym_id                       A 
_pdbx_modification_feature.auth_seq_id                        73 
_pdbx_modification_feature.PDB_ins_code                       ? 
_pdbx_modification_feature.symmetry                           1_555 
_pdbx_modification_feature.modified_residue_auth_comp_id      CYS 
_pdbx_modification_feature.modified_residue_auth_asym_id      A 
_pdbx_modification_feature.modified_residue_auth_seq_id       73 
_pdbx_modification_feature.modified_residue_PDB_ins_code      ? 
_pdbx_modification_feature.modified_residue_symmetry          2_555 
_pdbx_modification_feature.comp_id_linking_atom               SG 
_pdbx_modification_feature.modified_residue_id_linking_atom   SG 
_pdbx_modification_feature.modified_residue_id                . 
_pdbx_modification_feature.ref_pcm_id                         . 
_pdbx_modification_feature.ref_comp_id                        . 
_pdbx_modification_feature.type                               None 
_pdbx_modification_feature.category                           'Disulfide bridge' 
# 
_pdbx_entry_details.entry_id                   2OJ4 
_pdbx_entry_details.compound_details           ? 
_pdbx_entry_details.source_details             ? 
_pdbx_entry_details.nonpolymer_details         ? 
_pdbx_entry_details.sequence_details           ? 
_pdbx_entry_details.has_ligand_of_interest     ? 
_pdbx_entry_details.has_protein_modification   Y 
# 
loop_
_pdbx_validate_rmsd_angle.id 
_pdbx_validate_rmsd_angle.PDB_model_num 
_pdbx_validate_rmsd_angle.auth_atom_id_1 
_pdbx_validate_rmsd_angle.auth_asym_id_1 
_pdbx_validate_rmsd_angle.auth_comp_id_1 
_pdbx_validate_rmsd_angle.auth_seq_id_1 
_pdbx_validate_rmsd_angle.PDB_ins_code_1 
_pdbx_validate_rmsd_angle.label_alt_id_1 
_pdbx_validate_rmsd_angle.auth_atom_id_2 
_pdbx_validate_rmsd_angle.auth_asym_id_2 
_pdbx_validate_rmsd_angle.auth_comp_id_2 
_pdbx_validate_rmsd_angle.auth_seq_id_2 
_pdbx_validate_rmsd_angle.PDB_ins_code_2 
_pdbx_validate_rmsd_angle.label_alt_id_2 
_pdbx_validate_rmsd_angle.auth_atom_id_3 
_pdbx_validate_rmsd_angle.auth_asym_id_3 
_pdbx_validate_rmsd_angle.auth_comp_id_3 
_pdbx_validate_rmsd_angle.auth_seq_id_3 
_pdbx_validate_rmsd_angle.PDB_ins_code_3 
_pdbx_validate_rmsd_angle.label_alt_id_3 
_pdbx_validate_rmsd_angle.angle_value 
_pdbx_validate_rmsd_angle.angle_target_value 
_pdbx_validate_rmsd_angle.angle_deviation 
_pdbx_validate_rmsd_angle.angle_standard_deviation 
_pdbx_validate_rmsd_angle.linker_flag 
1 1 CB A ASP 79 ? ? CG A ASP 79 ? ? OD1 A ASP 79 ? ? 126.08 118.30 7.78 0.90 N 
2 1 CA A CYS 97 ? ? CB A CYS 97 ? ? SG  A CYS 97 ? ? 120.87 114.20 6.67 1.10 N 
# 
loop_
_pdbx_validate_torsion.id 
_pdbx_validate_torsion.PDB_model_num 
_pdbx_validate_torsion.auth_comp_id 
_pdbx_validate_torsion.auth_asym_id 
_pdbx_validate_torsion.auth_seq_id 
_pdbx_validate_torsion.PDB_ins_code 
_pdbx_validate_torsion.label_alt_id 
_pdbx_validate_torsion.phi 
_pdbx_validate_torsion.psi 
1 1 GLU A 3   ? ? 65.52   -64.99 
2 1 ASP A 112 ? ? -100.37 -71.13 
# 
_pdbx_validate_peptide_omega.id               1 
_pdbx_validate_peptide_omega.PDB_model_num    1 
_pdbx_validate_peptide_omega.auth_comp_id_1   SER 
_pdbx_validate_peptide_omega.auth_asym_id_1   A 
_pdbx_validate_peptide_omega.auth_seq_id_1    2 
_pdbx_validate_peptide_omega.PDB_ins_code_1   ? 
_pdbx_validate_peptide_omega.label_alt_id_1   ? 
_pdbx_validate_peptide_omega.auth_comp_id_2   GLU 
_pdbx_validate_peptide_omega.auth_asym_id_2   A 
_pdbx_validate_peptide_omega.auth_seq_id_2    3 
_pdbx_validate_peptide_omega.PDB_ins_code_2   ? 
_pdbx_validate_peptide_omega.label_alt_id_2   ? 
_pdbx_validate_peptide_omega.omega            145.18 
# 
_pdbx_struct_special_symmetry.id              1 
_pdbx_struct_special_symmetry.PDB_model_num   1 
_pdbx_struct_special_symmetry.auth_asym_id    A 
_pdbx_struct_special_symmetry.auth_comp_id    HOH 
_pdbx_struct_special_symmetry.auth_seq_id     132 
_pdbx_struct_special_symmetry.PDB_ins_code    ? 
_pdbx_struct_special_symmetry.label_asym_id   B 
_pdbx_struct_special_symmetry.label_comp_id   HOH 
_pdbx_struct_special_symmetry.label_seq_id    . 
# 
loop_
_chem_comp_atom.comp_id 
_chem_comp_atom.atom_id 
_chem_comp_atom.type_symbol 
_chem_comp_atom.pdbx_aromatic_flag 
_chem_comp_atom.pdbx_stereo_config 
_chem_comp_atom.pdbx_ordinal 
ALA N    N N N 1   
ALA CA   C N S 2   
ALA C    C N N 3   
ALA O    O N N 4   
ALA CB   C N N 5   
ALA OXT  O N N 6   
ALA H    H N N 7   
ALA H2   H N N 8   
ALA HA   H N N 9   
ALA HB1  H N N 10  
ALA HB2  H N N 11  
ALA HB3  H N N 12  
ALA HXT  H N N 13  
ARG N    N N N 14  
ARG CA   C N S 15  
ARG C    C N N 16  
ARG O    O N N 17  
ARG CB   C N N 18  
ARG CG   C N N 19  
ARG CD   C N N 20  
ARG NE   N N N 21  
ARG CZ   C N N 22  
ARG NH1  N N N 23  
ARG NH2  N N N 24  
ARG OXT  O N N 25  
ARG H    H N N 26  
ARG H2   H N N 27  
ARG HA   H N N 28  
ARG HB2  H N N 29  
ARG HB3  H N N 30  
ARG HG2  H N N 31  
ARG HG3  H N N 32  
ARG HD2  H N N 33  
ARG HD3  H N N 34  
ARG HE   H N N 35  
ARG HH11 H N N 36  
ARG HH12 H N N 37  
ARG HH21 H N N 38  
ARG HH22 H N N 39  
ARG HXT  H N N 40  
ASN N    N N N 41  
ASN CA   C N S 42  
ASN C    C N N 43  
ASN O    O N N 44  
ASN CB   C N N 45  
ASN CG   C N N 46  
ASN OD1  O N N 47  
ASN ND2  N N N 48  
ASN OXT  O N N 49  
ASN H    H N N 50  
ASN H2   H N N 51  
ASN HA   H N N 52  
ASN HB2  H N N 53  
ASN HB3  H N N 54  
ASN HD21 H N N 55  
ASN HD22 H N N 56  
ASN HXT  H N N 57  
ASP N    N N N 58  
ASP CA   C N S 59  
ASP C    C N N 60  
ASP O    O N N 61  
ASP CB   C N N 62  
ASP CG   C N N 63  
ASP OD1  O N N 64  
ASP OD2  O N N 65  
ASP OXT  O N N 66  
ASP H    H N N 67  
ASP H2   H N N 68  
ASP HA   H N N 69  
ASP HB2  H N N 70  
ASP HB3  H N N 71  
ASP HD2  H N N 72  
ASP HXT  H N N 73  
CYS N    N N N 74  
CYS CA   C N R 75  
CYS C    C N N 76  
CYS O    O N N 77  
CYS CB   C N N 78  
CYS SG   S N N 79  
CYS OXT  O N N 80  
CYS H    H N N 81  
CYS H2   H N N 82  
CYS HA   H N N 83  
CYS HB2  H N N 84  
CYS HB3  H N N 85  
CYS HG   H N N 86  
CYS HXT  H N N 87  
GLN N    N N N 88  
GLN CA   C N S 89  
GLN C    C N N 90  
GLN O    O N N 91  
GLN CB   C N N 92  
GLN CG   C N N 93  
GLN CD   C N N 94  
GLN OE1  O N N 95  
GLN NE2  N N N 96  
GLN OXT  O N N 97  
GLN H    H N N 98  
GLN H2   H N N 99  
GLN HA   H N N 100 
GLN HB2  H N N 101 
GLN HB3  H N N 102 
GLN HG2  H N N 103 
GLN HG3  H N N 104 
GLN HE21 H N N 105 
GLN HE22 H N N 106 
GLN HXT  H N N 107 
GLU N    N N N 108 
GLU CA   C N S 109 
GLU C    C N N 110 
GLU O    O N N 111 
GLU CB   C N N 112 
GLU CG   C N N 113 
GLU CD   C N N 114 
GLU OE1  O N N 115 
GLU OE2  O N N 116 
GLU OXT  O N N 117 
GLU H    H N N 118 
GLU H2   H N N 119 
GLU HA   H N N 120 
GLU HB2  H N N 121 
GLU HB3  H N N 122 
GLU HG2  H N N 123 
GLU HG3  H N N 124 
GLU HE2  H N N 125 
GLU HXT  H N N 126 
GLY N    N N N 127 
GLY CA   C N N 128 
GLY C    C N N 129 
GLY O    O N N 130 
GLY OXT  O N N 131 
GLY H    H N N 132 
GLY H2   H N N 133 
GLY HA2  H N N 134 
GLY HA3  H N N 135 
GLY HXT  H N N 136 
HIS N    N N N 137 
HIS CA   C N S 138 
HIS C    C N N 139 
HIS O    O N N 140 
HIS CB   C N N 141 
HIS CG   C Y N 142 
HIS ND1  N Y N 143 
HIS CD2  C Y N 144 
HIS CE1  C Y N 145 
HIS NE2  N Y N 146 
HIS OXT  O N N 147 
HIS H    H N N 148 
HIS H2   H N N 149 
HIS HA   H N N 150 
HIS HB2  H N N 151 
HIS HB3  H N N 152 
HIS HD1  H N N 153 
HIS HD2  H N N 154 
HIS HE1  H N N 155 
HIS HE2  H N N 156 
HIS HXT  H N N 157 
HOH O    O N N 158 
HOH H1   H N N 159 
HOH H2   H N N 160 
ILE N    N N N 161 
ILE CA   C N S 162 
ILE C    C N N 163 
ILE O    O N N 164 
ILE CB   C N S 165 
ILE CG1  C N N 166 
ILE CG2  C N N 167 
ILE CD1  C N N 168 
ILE OXT  O N N 169 
ILE H    H N N 170 
ILE H2   H N N 171 
ILE HA   H N N 172 
ILE HB   H N N 173 
ILE HG12 H N N 174 
ILE HG13 H N N 175 
ILE HG21 H N N 176 
ILE HG22 H N N 177 
ILE HG23 H N N 178 
ILE HD11 H N N 179 
ILE HD12 H N N 180 
ILE HD13 H N N 181 
ILE HXT  H N N 182 
LEU N    N N N 183 
LEU CA   C N S 184 
LEU C    C N N 185 
LEU O    O N N 186 
LEU CB   C N N 187 
LEU CG   C N N 188 
LEU CD1  C N N 189 
LEU CD2  C N N 190 
LEU OXT  O N N 191 
LEU H    H N N 192 
LEU H2   H N N 193 
LEU HA   H N N 194 
LEU HB2  H N N 195 
LEU HB3  H N N 196 
LEU HG   H N N 197 
LEU HD11 H N N 198 
LEU HD12 H N N 199 
LEU HD13 H N N 200 
LEU HD21 H N N 201 
LEU HD22 H N N 202 
LEU HD23 H N N 203 
LEU HXT  H N N 204 
LYS N    N N N 205 
LYS CA   C N S 206 
LYS C    C N N 207 
LYS O    O N N 208 
LYS CB   C N N 209 
LYS CG   C N N 210 
LYS CD   C N N 211 
LYS CE   C N N 212 
LYS NZ   N N N 213 
LYS OXT  O N N 214 
LYS H    H N N 215 
LYS H2   H N N 216 
LYS HA   H N N 217 
LYS HB2  H N N 218 
LYS HB3  H N N 219 
LYS HG2  H N N 220 
LYS HG3  H N N 221 
LYS HD2  H N N 222 
LYS HD3  H N N 223 
LYS HE2  H N N 224 
LYS HE3  H N N 225 
LYS HZ1  H N N 226 
LYS HZ2  H N N 227 
LYS HZ3  H N N 228 
LYS HXT  H N N 229 
MET N    N N N 230 
MET CA   C N S 231 
MET C    C N N 232 
MET O    O N N 233 
MET CB   C N N 234 
MET CG   C N N 235 
MET SD   S N N 236 
MET CE   C N N 237 
MET OXT  O N N 238 
MET H    H N N 239 
MET H2   H N N 240 
MET HA   H N N 241 
MET HB2  H N N 242 
MET HB3  H N N 243 
MET HG2  H N N 244 
MET HG3  H N N 245 
MET HE1  H N N 246 
MET HE2  H N N 247 
MET HE3  H N N 248 
MET HXT  H N N 249 
PHE N    N N N 250 
PHE CA   C N S 251 
PHE C    C N N 252 
PHE O    O N N 253 
PHE CB   C N N 254 
PHE CG   C Y N 255 
PHE CD1  C Y N 256 
PHE CD2  C Y N 257 
PHE CE1  C Y N 258 
PHE CE2  C Y N 259 
PHE CZ   C Y N 260 
PHE OXT  O N N 261 
PHE H    H N N 262 
PHE H2   H N N 263 
PHE HA   H N N 264 
PHE HB2  H N N 265 
PHE HB3  H N N 266 
PHE HD1  H N N 267 
PHE HD2  H N N 268 
PHE HE1  H N N 269 
PHE HE2  H N N 270 
PHE HZ   H N N 271 
PHE HXT  H N N 272 
PRO N    N N N 273 
PRO CA   C N S 274 
PRO C    C N N 275 
PRO O    O N N 276 
PRO CB   C N N 277 
PRO CG   C N N 278 
PRO CD   C N N 279 
PRO OXT  O N N 280 
PRO H    H N N 281 
PRO HA   H N N 282 
PRO HB2  H N N 283 
PRO HB3  H N N 284 
PRO HG2  H N N 285 
PRO HG3  H N N 286 
PRO HD2  H N N 287 
PRO HD3  H N N 288 
PRO HXT  H N N 289 
SER N    N N N 290 
SER CA   C N S 291 
SER C    C N N 292 
SER O    O N N 293 
SER CB   C N N 294 
SER OG   O N N 295 
SER OXT  O N N 296 
SER H    H N N 297 
SER H2   H N N 298 
SER HA   H N N 299 
SER HB2  H N N 300 
SER HB3  H N N 301 
SER HG   H N N 302 
SER HXT  H N N 303 
THR N    N N N 304 
THR CA   C N S 305 
THR C    C N N 306 
THR O    O N N 307 
THR CB   C N R 308 
THR OG1  O N N 309 
THR CG2  C N N 310 
THR OXT  O N N 311 
THR H    H N N 312 
THR H2   H N N 313 
THR HA   H N N 314 
THR HB   H N N 315 
THR HG1  H N N 316 
THR HG21 H N N 317 
THR HG22 H N N 318 
THR HG23 H N N 319 
THR HXT  H N N 320 
TRP N    N N N 321 
TRP CA   C N S 322 
TRP C    C N N 323 
TRP O    O N N 324 
TRP CB   C N N 325 
TRP CG   C Y N 326 
TRP CD1  C Y N 327 
TRP CD2  C Y N 328 
TRP NE1  N Y N 329 
TRP CE2  C Y N 330 
TRP CE3  C Y N 331 
TRP CZ2  C Y N 332 
TRP CZ3  C Y N 333 
TRP CH2  C Y N 334 
TRP OXT  O N N 335 
TRP H    H N N 336 
TRP H2   H N N 337 
TRP HA   H N N 338 
TRP HB2  H N N 339 
TRP HB3  H N N 340 
TRP HD1  H N N 341 
TRP HE1  H N N 342 
TRP HE3  H N N 343 
TRP HZ2  H N N 344 
TRP HZ3  H N N 345 
TRP HH2  H N N 346 
TRP HXT  H N N 347 
TYR N    N N N 348 
TYR CA   C N S 349 
TYR C    C N N 350 
TYR O    O N N 351 
TYR CB   C N N 352 
TYR CG   C Y N 353 
TYR CD1  C Y N 354 
TYR CD2  C Y N 355 
TYR CE1  C Y N 356 
TYR CE2  C Y N 357 
TYR CZ   C Y N 358 
TYR OH   O N N 359 
TYR OXT  O N N 360 
TYR H    H N N 361 
TYR H2   H N N 362 
TYR HA   H N N 363 
TYR HB2  H N N 364 
TYR HB3  H N N 365 
TYR HD1  H N N 366 
TYR HD2  H N N 367 
TYR HE1  H N N 368 
TYR HE2  H N N 369 
TYR HH   H N N 370 
TYR HXT  H N N 371 
VAL N    N N N 372 
VAL CA   C N S 373 
VAL C    C N N 374 
VAL O    O N N 375 
VAL CB   C N N 376 
VAL CG1  C N N 377 
VAL CG2  C N N 378 
VAL OXT  O N N 379 
VAL H    H N N 380 
VAL H2   H N N 381 
VAL HA   H N N 382 
VAL HB   H N N 383 
VAL HG11 H N N 384 
VAL HG12 H N N 385 
VAL HG13 H N N 386 
VAL HG21 H N N 387 
VAL HG22 H N N 388 
VAL HG23 H N N 389 
VAL HXT  H N N 390 
# 
loop_
_chem_comp_bond.comp_id 
_chem_comp_bond.atom_id_1 
_chem_comp_bond.atom_id_2 
_chem_comp_bond.value_order 
_chem_comp_bond.pdbx_aromatic_flag 
_chem_comp_bond.pdbx_stereo_config 
_chem_comp_bond.pdbx_ordinal 
ALA N   CA   sing N N 1   
ALA N   H    sing N N 2   
ALA N   H2   sing N N 3   
ALA CA  C    sing N N 4   
ALA CA  CB   sing N N 5   
ALA CA  HA   sing N N 6   
ALA C   O    doub N N 7   
ALA C   OXT  sing N N 8   
ALA CB  HB1  sing N N 9   
ALA CB  HB2  sing N N 10  
ALA CB  HB3  sing N N 11  
ALA OXT HXT  sing N N 12  
ARG N   CA   sing N N 13  
ARG N   H    sing N N 14  
ARG N   H2   sing N N 15  
ARG CA  C    sing N N 16  
ARG CA  CB   sing N N 17  
ARG CA  HA   sing N N 18  
ARG C   O    doub N N 19  
ARG C   OXT  sing N N 20  
ARG CB  CG   sing N N 21  
ARG CB  HB2  sing N N 22  
ARG CB  HB3  sing N N 23  
ARG CG  CD   sing N N 24  
ARG CG  HG2  sing N N 25  
ARG CG  HG3  sing N N 26  
ARG CD  NE   sing N N 27  
ARG CD  HD2  sing N N 28  
ARG CD  HD3  sing N N 29  
ARG NE  CZ   sing N N 30  
ARG NE  HE   sing N N 31  
ARG CZ  NH1  sing N N 32  
ARG CZ  NH2  doub N N 33  
ARG NH1 HH11 sing N N 34  
ARG NH1 HH12 sing N N 35  
ARG NH2 HH21 sing N N 36  
ARG NH2 HH22 sing N N 37  
ARG OXT HXT  sing N N 38  
ASN N   CA   sing N N 39  
ASN N   H    sing N N 40  
ASN N   H2   sing N N 41  
ASN CA  C    sing N N 42  
ASN CA  CB   sing N N 43  
ASN CA  HA   sing N N 44  
ASN C   O    doub N N 45  
ASN C   OXT  sing N N 46  
ASN CB  CG   sing N N 47  
ASN CB  HB2  sing N N 48  
ASN CB  HB3  sing N N 49  
ASN CG  OD1  doub N N 50  
ASN CG  ND2  sing N N 51  
ASN ND2 HD21 sing N N 52  
ASN ND2 HD22 sing N N 53  
ASN OXT HXT  sing N N 54  
ASP N   CA   sing N N 55  
ASP N   H    sing N N 56  
ASP N   H2   sing N N 57  
ASP CA  C    sing N N 58  
ASP CA  CB   sing N N 59  
ASP CA  HA   sing N N 60  
ASP C   O    doub N N 61  
ASP C   OXT  sing N N 62  
ASP CB  CG   sing N N 63  
ASP CB  HB2  sing N N 64  
ASP CB  HB3  sing N N 65  
ASP CG  OD1  doub N N 66  
ASP CG  OD2  sing N N 67  
ASP OD2 HD2  sing N N 68  
ASP OXT HXT  sing N N 69  
CYS N   CA   sing N N 70  
CYS N   H    sing N N 71  
CYS N   H2   sing N N 72  
CYS CA  C    sing N N 73  
CYS CA  CB   sing N N 74  
CYS CA  HA   sing N N 75  
CYS C   O    doub N N 76  
CYS C   OXT  sing N N 77  
CYS CB  SG   sing N N 78  
CYS CB  HB2  sing N N 79  
CYS CB  HB3  sing N N 80  
CYS SG  HG   sing N N 81  
CYS OXT HXT  sing N N 82  
GLN N   CA   sing N N 83  
GLN N   H    sing N N 84  
GLN N   H2   sing N N 85  
GLN CA  C    sing N N 86  
GLN CA  CB   sing N N 87  
GLN CA  HA   sing N N 88  
GLN C   O    doub N N 89  
GLN C   OXT  sing N N 90  
GLN CB  CG   sing N N 91  
GLN CB  HB2  sing N N 92  
GLN CB  HB3  sing N N 93  
GLN CG  CD   sing N N 94  
GLN CG  HG2  sing N N 95  
GLN CG  HG3  sing N N 96  
GLN CD  OE1  doub N N 97  
GLN CD  NE2  sing N N 98  
GLN NE2 HE21 sing N N 99  
GLN NE2 HE22 sing N N 100 
GLN OXT HXT  sing N N 101 
GLU N   CA   sing N N 102 
GLU N   H    sing N N 103 
GLU N   H2   sing N N 104 
GLU CA  C    sing N N 105 
GLU CA  CB   sing N N 106 
GLU CA  HA   sing N N 107 
GLU C   O    doub N N 108 
GLU C   OXT  sing N N 109 
GLU CB  CG   sing N N 110 
GLU CB  HB2  sing N N 111 
GLU CB  HB3  sing N N 112 
GLU CG  CD   sing N N 113 
GLU CG  HG2  sing N N 114 
GLU CG  HG3  sing N N 115 
GLU CD  OE1  doub N N 116 
GLU CD  OE2  sing N N 117 
GLU OE2 HE2  sing N N 118 
GLU OXT HXT  sing N N 119 
GLY N   CA   sing N N 120 
GLY N   H    sing N N 121 
GLY N   H2   sing N N 122 
GLY CA  C    sing N N 123 
GLY CA  HA2  sing N N 124 
GLY CA  HA3  sing N N 125 
GLY C   O    doub N N 126 
GLY C   OXT  sing N N 127 
GLY OXT HXT  sing N N 128 
HIS N   CA   sing N N 129 
HIS N   H    sing N N 130 
HIS N   H2   sing N N 131 
HIS CA  C    sing N N 132 
HIS CA  CB   sing N N 133 
HIS CA  HA   sing N N 134 
HIS C   O    doub N N 135 
HIS C   OXT  sing N N 136 
HIS CB  CG   sing N N 137 
HIS CB  HB2  sing N N 138 
HIS CB  HB3  sing N N 139 
HIS CG  ND1  sing Y N 140 
HIS CG  CD2  doub Y N 141 
HIS ND1 CE1  doub Y N 142 
HIS ND1 HD1  sing N N 143 
HIS CD2 NE2  sing Y N 144 
HIS CD2 HD2  sing N N 145 
HIS CE1 NE2  sing Y N 146 
HIS CE1 HE1  sing N N 147 
HIS NE2 HE2  sing N N 148 
HIS OXT HXT  sing N N 149 
HOH O   H1   sing N N 150 
HOH O   H2   sing N N 151 
ILE N   CA   sing N N 152 
ILE N   H    sing N N 153 
ILE N   H2   sing N N 154 
ILE CA  C    sing N N 155 
ILE CA  CB   sing N N 156 
ILE CA  HA   sing N N 157 
ILE C   O    doub N N 158 
ILE C   OXT  sing N N 159 
ILE CB  CG1  sing N N 160 
ILE CB  CG2  sing N N 161 
ILE CB  HB   sing N N 162 
ILE CG1 CD1  sing N N 163 
ILE CG1 HG12 sing N N 164 
ILE CG1 HG13 sing N N 165 
ILE CG2 HG21 sing N N 166 
ILE CG2 HG22 sing N N 167 
ILE CG2 HG23 sing N N 168 
ILE CD1 HD11 sing N N 169 
ILE CD1 HD12 sing N N 170 
ILE CD1 HD13 sing N N 171 
ILE OXT HXT  sing N N 172 
LEU N   CA   sing N N 173 
LEU N   H    sing N N 174 
LEU N   H2   sing N N 175 
LEU CA  C    sing N N 176 
LEU CA  CB   sing N N 177 
LEU CA  HA   sing N N 178 
LEU C   O    doub N N 179 
LEU C   OXT  sing N N 180 
LEU CB  CG   sing N N 181 
LEU CB  HB2  sing N N 182 
LEU CB  HB3  sing N N 183 
LEU CG  CD1  sing N N 184 
LEU CG  CD2  sing N N 185 
LEU CG  HG   sing N N 186 
LEU CD1 HD11 sing N N 187 
LEU CD1 HD12 sing N N 188 
LEU CD1 HD13 sing N N 189 
LEU CD2 HD21 sing N N 190 
LEU CD2 HD22 sing N N 191 
LEU CD2 HD23 sing N N 192 
LEU OXT HXT  sing N N 193 
LYS N   CA   sing N N 194 
LYS N   H    sing N N 195 
LYS N   H2   sing N N 196 
LYS CA  C    sing N N 197 
LYS CA  CB   sing N N 198 
LYS CA  HA   sing N N 199 
LYS C   O    doub N N 200 
LYS C   OXT  sing N N 201 
LYS CB  CG   sing N N 202 
LYS CB  HB2  sing N N 203 
LYS CB  HB3  sing N N 204 
LYS CG  CD   sing N N 205 
LYS CG  HG2  sing N N 206 
LYS CG  HG3  sing N N 207 
LYS CD  CE   sing N N 208 
LYS CD  HD2  sing N N 209 
LYS CD  HD3  sing N N 210 
LYS CE  NZ   sing N N 211 
LYS CE  HE2  sing N N 212 
LYS CE  HE3  sing N N 213 
LYS NZ  HZ1  sing N N 214 
LYS NZ  HZ2  sing N N 215 
LYS NZ  HZ3  sing N N 216 
LYS OXT HXT  sing N N 217 
MET N   CA   sing N N 218 
MET N   H    sing N N 219 
MET N   H2   sing N N 220 
MET CA  C    sing N N 221 
MET CA  CB   sing N N 222 
MET CA  HA   sing N N 223 
MET C   O    doub N N 224 
MET C   OXT  sing N N 225 
MET CB  CG   sing N N 226 
MET CB  HB2  sing N N 227 
MET CB  HB3  sing N N 228 
MET CG  SD   sing N N 229 
MET CG  HG2  sing N N 230 
MET CG  HG3  sing N N 231 
MET SD  CE   sing N N 232 
MET CE  HE1  sing N N 233 
MET CE  HE2  sing N N 234 
MET CE  HE3  sing N N 235 
MET OXT HXT  sing N N 236 
PHE N   CA   sing N N 237 
PHE N   H    sing N N 238 
PHE N   H2   sing N N 239 
PHE CA  C    sing N N 240 
PHE CA  CB   sing N N 241 
PHE CA  HA   sing N N 242 
PHE C   O    doub N N 243 
PHE C   OXT  sing N N 244 
PHE CB  CG   sing N N 245 
PHE CB  HB2  sing N N 246 
PHE CB  HB3  sing N N 247 
PHE CG  CD1  doub Y N 248 
PHE CG  CD2  sing Y N 249 
PHE CD1 CE1  sing Y N 250 
PHE CD1 HD1  sing N N 251 
PHE CD2 CE2  doub Y N 252 
PHE CD2 HD2  sing N N 253 
PHE CE1 CZ   doub Y N 254 
PHE CE1 HE1  sing N N 255 
PHE CE2 CZ   sing Y N 256 
PHE CE2 HE2  sing N N 257 
PHE CZ  HZ   sing N N 258 
PHE OXT HXT  sing N N 259 
PRO N   CA   sing N N 260 
PRO N   CD   sing N N 261 
PRO N   H    sing N N 262 
PRO CA  C    sing N N 263 
PRO CA  CB   sing N N 264 
PRO CA  HA   sing N N 265 
PRO C   O    doub N N 266 
PRO C   OXT  sing N N 267 
PRO CB  CG   sing N N 268 
PRO CB  HB2  sing N N 269 
PRO CB  HB3  sing N N 270 
PRO CG  CD   sing N N 271 
PRO CG  HG2  sing N N 272 
PRO CG  HG3  sing N N 273 
PRO CD  HD2  sing N N 274 
PRO CD  HD3  sing N N 275 
PRO OXT HXT  sing N N 276 
SER N   CA   sing N N 277 
SER N   H    sing N N 278 
SER N   H2   sing N N 279 
SER CA  C    sing N N 280 
SER CA  CB   sing N N 281 
SER CA  HA   sing N N 282 
SER C   O    doub N N 283 
SER C   OXT  sing N N 284 
SER CB  OG   sing N N 285 
SER CB  HB2  sing N N 286 
SER CB  HB3  sing N N 287 
SER OG  HG   sing N N 288 
SER OXT HXT  sing N N 289 
THR N   CA   sing N N 290 
THR N   H    sing N N 291 
THR N   H2   sing N N 292 
THR CA  C    sing N N 293 
THR CA  CB   sing N N 294 
THR CA  HA   sing N N 295 
THR C   O    doub N N 296 
THR C   OXT  sing N N 297 
THR CB  OG1  sing N N 298 
THR CB  CG2  sing N N 299 
THR CB  HB   sing N N 300 
THR OG1 HG1  sing N N 301 
THR CG2 HG21 sing N N 302 
THR CG2 HG22 sing N N 303 
THR CG2 HG23 sing N N 304 
THR OXT HXT  sing N N 305 
TRP N   CA   sing N N 306 
TRP N   H    sing N N 307 
TRP N   H2   sing N N 308 
TRP CA  C    sing N N 309 
TRP CA  CB   sing N N 310 
TRP CA  HA   sing N N 311 
TRP C   O    doub N N 312 
TRP C   OXT  sing N N 313 
TRP CB  CG   sing N N 314 
TRP CB  HB2  sing N N 315 
TRP CB  HB3  sing N N 316 
TRP CG  CD1  doub Y N 317 
TRP CG  CD2  sing Y N 318 
TRP CD1 NE1  sing Y N 319 
TRP CD1 HD1  sing N N 320 
TRP CD2 CE2  doub Y N 321 
TRP CD2 CE3  sing Y N 322 
TRP NE1 CE2  sing Y N 323 
TRP NE1 HE1  sing N N 324 
TRP CE2 CZ2  sing Y N 325 
TRP CE3 CZ3  doub Y N 326 
TRP CE3 HE3  sing N N 327 
TRP CZ2 CH2  doub Y N 328 
TRP CZ2 HZ2  sing N N 329 
TRP CZ3 CH2  sing Y N 330 
TRP CZ3 HZ3  sing N N 331 
TRP CH2 HH2  sing N N 332 
TRP OXT HXT  sing N N 333 
TYR N   CA   sing N N 334 
TYR N   H    sing N N 335 
TYR N   H2   sing N N 336 
TYR CA  C    sing N N 337 
TYR CA  CB   sing N N 338 
TYR CA  HA   sing N N 339 
TYR C   O    doub N N 340 
TYR C   OXT  sing N N 341 
TYR CB  CG   sing N N 342 
TYR CB  HB2  sing N N 343 
TYR CB  HB3  sing N N 344 
TYR CG  CD1  doub Y N 345 
TYR CG  CD2  sing Y N 346 
TYR CD1 CE1  sing Y N 347 
TYR CD1 HD1  sing N N 348 
TYR CD2 CE2  doub Y N 349 
TYR CD2 HD2  sing N N 350 
TYR CE1 CZ   doub Y N 351 
TYR CE1 HE1  sing N N 352 
TYR CE2 CZ   sing Y N 353 
TYR CE2 HE2  sing N N 354 
TYR CZ  OH   sing N N 355 
TYR OH  HH   sing N N 356 
TYR OXT HXT  sing N N 357 
VAL N   CA   sing N N 358 
VAL N   H    sing N N 359 
VAL N   H2   sing N N 360 
VAL CA  C    sing N N 361 
VAL CA  CB   sing N N 362 
VAL CA  HA   sing N N 363 
VAL C   O    doub N N 364 
VAL C   OXT  sing N N 365 
VAL CB  CG1  sing N N 366 
VAL CB  CG2  sing N N 367 
VAL CB  HB   sing N N 368 
VAL CG1 HG11 sing N N 369 
VAL CG1 HG12 sing N N 370 
VAL CG1 HG13 sing N N 371 
VAL CG2 HG21 sing N N 372 
VAL CG2 HG22 sing N N 373 
VAL CG2 HG23 sing N N 374 
VAL OXT HXT  sing N N 375 
# 
_pdbx_initial_refinement_model.id               1 
_pdbx_initial_refinement_model.entity_id_list   ? 
_pdbx_initial_refinement_model.type             'experimental model' 
_pdbx_initial_refinement_model.source_name      PDB 
_pdbx_initial_refinement_model.accession_code   1FQI 
_pdbx_initial_refinement_model.details          'PDB ENTRY 1FQI' 
# 
_atom_sites.entry_id                    2OJ4 
_atom_sites.fract_transf_matrix[1][1]   -0.00009573 
_atom_sites.fract_transf_matrix[1][2]   0.01838519 
_atom_sites.fract_transf_matrix[1][3]   0.00157169 
_atom_sites.fract_transf_matrix[2][1]   -0.00392175 
_atom_sites.fract_transf_matrix[2][2]   0.00133907 
_atom_sites.fract_transf_matrix[2][3]   -0.01590293 
_atom_sites.fract_transf_matrix[3][1]   -0.01700786 
_atom_sites.fract_transf_matrix[3][2]   0.01718399 
_atom_sites.fract_transf_matrix[3][3]   0.00564118 
_atom_sites.fract_transf_vector[1]      0.202261 
_atom_sites.fract_transf_vector[2]      -0.010010 
_atom_sites.fract_transf_vector[3]      0.276884 
# 
loop_
_atom_type.symbol 
C 
N 
O 
S 
# 
loop_
_atom_site.group_PDB 
_atom_site.id 
_atom_site.type_symbol 
_atom_site.label_atom_id 
_atom_site.label_alt_id 
_atom_site.label_comp_id 
_atom_site.label_asym_id 
_atom_site.label_entity_id 
_atom_site.label_seq_id 
_atom_site.pdbx_PDB_ins_code 
_atom_site.Cartn_x 
_atom_site.Cartn_y 
_atom_site.Cartn_z 
_atom_site.occupancy 
_atom_site.B_iso_or_equiv 
_atom_site.pdbx_formal_charge 
_atom_site.auth_seq_id 
_atom_site.auth_comp_id 
_atom_site.auth_asym_id 
_atom_site.auth_atom_id 
_atom_site.pdbx_PDB_model_num 
ATOM   1    N N   . SER A 1 1   ? 6.459   -10.924 23.552  1.00 49.04 ? 2   SER A N   1 
ATOM   2    C CA  . SER A 1 1   ? 5.597   -10.696 22.365  1.00 48.41 ? 2   SER A CA  1 
ATOM   3    C C   . SER A 1 1   ? 5.674   -9.242  21.861  1.00 48.47 ? 2   SER A C   1 
ATOM   4    O O   . SER A 1 1   ? 6.351   -8.996  20.800  1.00 48.55 ? 2   SER A O   1 
ATOM   5    C CB  . SER A 1 1   ? 4.170   -11.171 22.644  1.00 49.26 ? 2   SER A CB  1 
ATOM   6    O OG  . SER A 1 1   ? 3.661   -10.783 23.918  1.00 49.14 ? 2   SER A OG  1 
ATOM   7    N N   . GLU A 1 2   ? 4.957   -8.328  22.567  1.00 46.59 ? 3   GLU A N   1 
ATOM   8    C CA  . GLU A 1 2   ? 5.345   -6.887  22.828  1.00 45.23 ? 3   GLU A CA  1 
ATOM   9    C C   . GLU A 1 2   ? 5.448   -5.866  21.678  1.00 43.11 ? 3   GLU A C   1 
ATOM   10   O O   . GLU A 1 2   ? 4.737   -4.846  21.622  1.00 42.22 ? 3   GLU A O   1 
ATOM   11   C CB  . GLU A 1 2   ? 6.684   -6.815  23.574  1.00 46.75 ? 3   GLU A CB  1 
ATOM   12   C CG  . GLU A 1 2   ? 6.778   -7.470  24.973  1.00 52.03 ? 3   GLU A CG  1 
ATOM   13   C CD  . GLU A 1 2   ? 5.752   -6.919  25.983  1.00 57.94 ? 3   GLU A CD  1 
ATOM   14   O OE1 . GLU A 1 2   ? 5.311   -5.740  25.846  1.00 59.43 ? 3   GLU A OE1 1 
ATOM   15   O OE2 . GLU A 1 2   ? 5.389   -7.691  26.909  1.00 59.04 ? 3   GLU A OE2 1 
ATOM   16   N N   . GLU A 1 3   ? 6.404   -6.115  20.793  1.00 40.86 ? 4   GLU A N   1 
ATOM   17   C CA  . GLU A 1 3   ? 6.466   -5.423  19.507  1.00 38.45 ? 4   GLU A CA  1 
ATOM   18   C C   . GLU A 1 3   ? 5.176   -5.693  18.749  1.00 35.60 ? 4   GLU A C   1 
ATOM   19   O O   . GLU A 1 3   ? 4.602   -4.775  18.199  1.00 36.06 ? 4   GLU A O   1 
ATOM   20   C CB  . GLU A 1 3   ? 7.698   -5.884  18.705  1.00 38.02 ? 4   GLU A CB  1 
ATOM   21   C CG  . GLU A 1 3   ? 9.005   -5.334  19.287  1.00 41.04 ? 4   GLU A CG  1 
ATOM   22   C CD  . GLU A 1 3   ? 8.915   -3.842  19.463  1.00 41.64 ? 4   GLU A CD  1 
ATOM   23   O OE1 . GLU A 1 3   ? 9.002   -3.343  20.616  1.00 44.78 ? 4   GLU A OE1 1 
ATOM   24   O OE2 . GLU A 1 3   ? 8.692   -3.165  18.448  1.00 42.25 ? 4   GLU A OE2 1 
ATOM   25   N N   . ALA A 1 4   ? 4.701   -6.937  18.767  1.00 33.04 ? 5   ALA A N   1 
ATOM   26   C CA  . ALA A 1 4   ? 3.491   -7.305  18.027  1.00 31.68 ? 5   ALA A CA  1 
ATOM   27   C C   . ALA A 1 4   ? 2.307   -6.467  18.485  1.00 30.99 ? 5   ALA A C   1 
ATOM   28   O O   . ALA A 1 4   ? 1.576   -5.902  17.665  1.00 29.94 ? 5   ALA A O   1 
ATOM   29   C CB  . ALA A 1 4   ? 3.196   -8.773  18.173  1.00 31.09 ? 5   ALA A CB  1 
ATOM   30   N N   . LEU A 1 5   ? 2.130   -6.379  19.808  1.00 30.74 ? 6   LEU A N   1 
ATOM   31   C CA  . LEU A 1 5   ? 1.053   -5.570  20.394  1.00 29.95 ? 6   LEU A CA  1 
ATOM   32   C C   . LEU A 1 5   ? 1.008   -4.160  19.820  1.00 28.73 ? 6   LEU A C   1 
ATOM   33   O O   . LEU A 1 5   ? -0.045  -3.643  19.671  1.00 29.41 ? 6   LEU A O   1 
ATOM   34   C CB  . LEU A 1 5   ? 1.108   -5.610  21.940  1.00 30.41 ? 6   LEU A CB  1 
ATOM   35   C CG  . LEU A 1 5   ? 0.788   -6.982  22.604  1.00 31.55 ? 6   LEU A CG  1 
ATOM   36   C CD1 . LEU A 1 5   ? 1.308   -7.067  24.049  1.00 29.44 ? 6   LEU A CD1 1 
ATOM   37   C CD2 . LEU A 1 5   ? -0.743  -7.415  22.529  1.00 29.33 ? 6   LEU A CD2 1 
ATOM   38   N N   . LYS A 1 6   ? 2.147   -3.573  19.455  1.00 28.43 ? 7   LYS A N   1 
ATOM   39   C CA  . LYS A 1 6   ? 2.233   -2.250  18.817  1.00 27.74 ? 7   LYS A CA  1 
ATOM   40   C C   . LYS A 1 6   ? 1.588   -2.120  17.418  1.00 26.47 ? 7   LYS A C   1 
ATOM   41   O O   . LYS A 1 6   ? 1.059   -1.059  17.083  1.00 26.12 ? 7   LYS A O   1 
ATOM   42   C CB  . LYS A 1 6   ? 3.687   -1.818  18.706  1.00 30.07 ? 7   LYS A CB  1 
ATOM   43   C CG  . LYS A 1 6   ? 4.519   -1.969  20.001  1.00 32.44 ? 7   LYS A CG  1 
ATOM   44   C CD  . LYS A 1 6   ? 5.788   -1.125  19.850  1.00 39.03 ? 7   LYS A CD  1 
ATOM   45   C CE  . LYS A 1 6   ? 6.585   -0.973  21.162  1.00 41.38 ? 7   LYS A CE  1 
ATOM   46   N NZ  . LYS A 1 6   ? 8.060   -1.107  20.851  1.00 42.60 ? 7   LYS A NZ  1 
ATOM   47   N N   . TRP A 1 7   ? 1.617   -3.191  16.622  1.00 23.68 ? 8   TRP A N   1 
ATOM   48   C CA  . TRP A 1 7   ? 0.864   -3.255  15.372  1.00 22.43 ? 8   TRP A CA  1 
ATOM   49   C C   . TRP A 1 7   ? -0.645  -3.163  15.540  1.00 23.26 ? 8   TRP A C   1 
ATOM   50   O O   . TRP A 1 7   ? -1.347  -2.867  14.553  1.00 21.20 ? 8   TRP A O   1 
ATOM   51   C CB  . TRP A 1 7   ? 1.206   -4.526  14.603  1.00 21.93 ? 8   TRP A CB  1 
ATOM   52   C CG  . TRP A 1 7   ? 2.699   -4.884  14.648  1.00 21.72 ? 8   TRP A CG  1 
ATOM   53   C CD1 . TRP A 1 7   ? 3.770   -4.022  14.861  1.00 19.81 ? 8   TRP A CD1 1 
ATOM   54   C CD2 . TRP A 1 7   ? 3.263   -6.172  14.443  1.00 21.94 ? 8   TRP A CD2 1 
ATOM   55   N NE1 . TRP A 1 7   ? 4.933   -4.713  14.817  1.00 20.59 ? 8   TRP A NE1 1 
ATOM   56   C CE2 . TRP A 1 7   ? 4.666   -6.036  14.562  1.00 21.77 ? 8   TRP A CE2 1 
ATOM   57   C CE3 . TRP A 1 7   ? 2.722   -7.438  14.166  1.00 20.16 ? 8   TRP A CE3 1 
ATOM   58   C CZ2 . TRP A 1 7   ? 5.548   -7.134  14.430  1.00 16.71 ? 8   TRP A CZ2 1 
ATOM   59   C CZ3 . TRP A 1 7   ? 3.585   -8.506  14.010  1.00 20.58 ? 8   TRP A CZ3 1 
ATOM   60   C CH2 . TRP A 1 7   ? 4.999   -8.344  14.152  1.00 19.44 ? 8   TRP A CH2 1 
ATOM   61   N N   . GLY A 1 8   ? -1.130  -3.412  16.785  1.00 23.54 ? 9   GLY A N   1 
ATOM   62   C CA  . GLY A 1 8   ? -2.566  -3.376  17.121  1.00 25.43 ? 9   GLY A CA  1 
ATOM   63   C C   . GLY A 1 8   ? -3.039  -1.974  17.502  1.00 28.39 ? 9   GLY A C   1 
ATOM   64   O O   . GLY A 1 8   ? -4.239  -1.752  17.724  1.00 29.34 ? 9   GLY A O   1 
ATOM   65   N N   . GLU A 1 9   ? -2.110  -1.029  17.587  1.00 29.41 ? 10  GLU A N   1 
ATOM   66   C CA  . GLU A 1 9   ? -2.463  0.323   17.924  1.00 32.14 ? 10  GLU A CA  1 
ATOM   67   C C   . GLU A 1 9   ? -3.308  0.898   16.793  1.00 30.80 ? 10  GLU A C   1 
ATOM   68   O O   . GLU A 1 9   ? -4.424  1.338   17.011  1.00 32.35 ? 10  GLU A O   1 
ATOM   69   C CB  . GLU A 1 9   ? -1.214  1.183   18.201  1.00 31.56 ? 10  GLU A CB  1 
ATOM   70   C CG  . GLU A 1 9   ? -1.552  2.719   18.245  1.00 35.39 ? 10  GLU A CG  1 
ATOM   71   C CD  . GLU A 1 9   ? -0.388  3.668   18.705  1.00 36.70 ? 10  GLU A CD  1 
ATOM   72   O OE1 . GLU A 1 9   ? 0.672   3.230   19.278  1.00 40.64 ? 10  GLU A OE1 1 
ATOM   73   O OE2 . GLU A 1 9   ? -0.552  4.884   18.452  1.00 40.91 ? 10  GLU A OE2 1 
ATOM   74   N N   . SER A 1 10  ? -2.770  0.854   15.583  1.00 29.58 ? 11  SER A N   1 
ATOM   75   C CA  . SER A 1 10  ? -3.414  1.348   14.386  1.00 28.25 ? 11  SER A CA  1 
ATOM   76   C C   . SER A 1 10  ? -2.682  0.773   13.165  1.00 26.86 ? 11  SER A C   1 
ATOM   77   O O   . SER A 1 10  ? -1.611  0.180   13.294  1.00 27.88 ? 11  SER A O   1 
ATOM   78   C CB  . SER A 1 10  ? -3.371  2.875   14.334  1.00 28.53 ? 11  SER A CB  1 
ATOM   79   O OG  . SER A 1 10  ? -2.044  3.347   14.306  1.00 27.66 ? 11  SER A OG  1 
ATOM   80   N N   . LEU A 1 11  ? -3.263  0.935   12.000  1.00 24.92 ? 12  LEU A N   1 
ATOM   81   C CA  . LEU A 1 11  ? -2.638  0.448   10.794  1.00 23.79 ? 12  LEU A CA  1 
ATOM   82   C C   . LEU A 1 11  ? -1.437  1.361   10.468  1.00 25.10 ? 12  LEU A C   1 
ATOM   83   O O   . LEU A 1 11  ? -0.405  0.871   10.004  1.00 25.07 ? 12  LEU A O   1 
ATOM   84   C CB  . LEU A 1 11  ? -3.640  0.431   9.633   1.00 21.77 ? 12  LEU A CB  1 
ATOM   85   C CG  . LEU A 1 11  ? -3.027  0.037   8.282   1.00 21.30 ? 12  LEU A CG  1 
ATOM   86   C CD1 . LEU A 1 11  ? -2.428  -1.428  8.336   1.00 19.27 ? 12  LEU A CD1 1 
ATOM   87   C CD2 . LEU A 1 11  ? -4.006  0.191   7.107   1.00 19.75 ? 12  LEU A CD2 1 
ATOM   88   N N   . GLU A 1 12  ? -1.577  2.676   10.726  1.00 26.03 ? 13  GLU A N   1 
ATOM   89   C CA  . GLU A 1 12  ? -0.442  3.621   10.639  1.00 27.97 ? 13  GLU A CA  1 
ATOM   90   C C   . GLU A 1 12  ? 0.774   3.072   11.352  1.00 27.90 ? 13  GLU A C   1 
ATOM   91   O O   . GLU A 1 12  ? 1.860   3.139   10.798  1.00 27.80 ? 13  GLU A O   1 
ATOM   92   C CB  . GLU A 1 12  ? -0.739  5.026   11.195  1.00 27.57 ? 13  GLU A CB  1 
ATOM   93   C CG  . GLU A 1 12  ? -1.855  5.830   10.513  1.00 30.75 ? 13  GLU A CG  1 
ATOM   94   C CD  . GLU A 1 12  ? -3.296  5.297   10.721  1.00 37.05 ? 13  GLU A CD  1 
ATOM   95   O OE1 . GLU A 1 12  ? -3.535  4.161   11.217  1.00 33.89 ? 13  GLU A OE1 1 
ATOM   96   O OE2 . GLU A 1 12  ? -4.225  6.055   10.329  1.00 43.20 ? 13  GLU A OE2 1 
ATOM   97   N N   . LYS A 1 13  ? 0.589   2.525   12.566  1.00 28.35 ? 14  LYS A N   1 
ATOM   98   C CA  . LYS A 1 13  ? 1.714   2.020   13.386  1.00 28.41 ? 14  LYS A CA  1 
ATOM   99   C C   . LYS A 1 13  ? 2.255   0.657   12.964  1.00 27.26 ? 14  LYS A C   1 
ATOM   100  O O   . LYS A 1 13  ? 3.454   0.422   13.028  1.00 26.54 ? 14  LYS A O   1 
ATOM   101  C CB  . LYS A 1 13  ? 1.330   1.973   14.879  1.00 30.54 ? 14  LYS A CB  1 
ATOM   102  C CG  . LYS A 1 13  ? 1.336   3.356   15.581  1.00 35.49 ? 14  LYS A CG  1 
ATOM   103  C CD  . LYS A 1 13  ? 2.773   3.900   15.835  1.00 37.55 ? 14  LYS A CD  1 
ATOM   104  C CE  . LYS A 1 13  ? 2.787   5.096   16.854  1.00 39.30 ? 14  LYS A CE  1 
ATOM   105  N NZ  . LYS A 1 13  ? 3.843   6.194   16.541  1.00 40.66 ? 14  LYS A NZ  1 
ATOM   106  N N   . LEU A 1 14  ? 1.374   -0.260  12.584  1.00 25.54 ? 15  LEU A N   1 
ATOM   107  C CA  . LEU A 1 14  ? 1.823   -1.463  11.889  1.00 25.74 ? 15  LEU A CA  1 
ATOM   108  C C   . LEU A 1 14  ? 2.787   -1.124  10.694  1.00 26.55 ? 15  LEU A C   1 
ATOM   109  O O   . LEU A 1 14  ? 3.848   -1.750  10.534  1.00 25.82 ? 15  LEU A O   1 
ATOM   110  C CB  . LEU A 1 14  ? 0.638   -2.263  11.367  1.00 24.24 ? 15  LEU A CB  1 
ATOM   111  C CG  . LEU A 1 14  ? 0.982   -3.667  10.807  1.00 24.22 ? 15  LEU A CG  1 
ATOM   112  C CD1 . LEU A 1 14  ? -0.252  -4.604  10.772  1.00 21.24 ? 15  LEU A CD1 1 
ATOM   113  C CD2 . LEU A 1 14  ? 1.578   -3.512  9.436   1.00 22.76 ? 15  LEU A CD2 1 
ATOM   114  N N   . LEU A 1 15  ? 2.393   -0.125  9.900   1.00 26.12 ? 16  LEU A N   1 
ATOM   115  C CA  . LEU A 1 15  ? 3.012   0.148   8.627   1.00 26.97 ? 16  LEU A CA  1 
ATOM   116  C C   . LEU A 1 15  ? 4.432   0.723   8.738   1.00 28.57 ? 16  LEU A C   1 
ATOM   117  O O   . LEU A 1 15  ? 5.186   0.614   7.786   1.00 29.51 ? 16  LEU A O   1 
ATOM   118  C CB  . LEU A 1 15  ? 2.094   0.990   7.692   1.00 24.31 ? 16  LEU A CB  1 
ATOM   119  C CG  . LEU A 1 15  ? 0.802   0.397   7.094   1.00 23.49 ? 16  LEU A CG  1 
ATOM   120  C CD1 . LEU A 1 15  ? 0.039   1.491   6.339   1.00 28.24 ? 16  LEU A CD1 1 
ATOM   121  C CD2 . LEU A 1 15  ? 0.920   -0.843  6.171   1.00 19.22 ? 16  LEU A CD2 1 
ATOM   122  N N   . VAL A 1 16  ? 4.805   1.296   9.888   1.00 29.94 ? 17  VAL A N   1 
ATOM   123  C CA  . VAL A 1 16  ? 6.199   1.739   10.077  1.00 29.78 ? 17  VAL A CA  1 
ATOM   124  C C   . VAL A 1 16  ? 7.109   0.693   10.748  1.00 30.55 ? 17  VAL A C   1 
ATOM   125  O O   . VAL A 1 16  ? 8.270   0.969   10.944  1.00 30.54 ? 17  VAL A O   1 
ATOM   126  C CB  . VAL A 1 16  ? 6.298   3.111   10.798  1.00 30.27 ? 17  VAL A CB  1 
ATOM   127  C CG1 . VAL A 1 16  ? 5.544   4.208   10.005  1.00 29.64 ? 17  VAL A CG1 1 
ATOM   128  C CG2 . VAL A 1 16  ? 5.797   3.049   12.250  1.00 30.80 ? 17  VAL A CG2 1 
ATOM   129  N N   . HIS A 1 17  ? 6.579   -0.502  11.094  1.00 30.74 ? 18  HIS A N   1 
ATOM   130  C CA  . HIS A 1 17  ? 7.380   -1.630  11.672  1.00 29.51 ? 18  HIS A CA  1 
ATOM   131  C C   . HIS A 1 17  ? 7.835   -2.625  10.582  1.00 27.97 ? 18  HIS A C   1 
ATOM   132  O O   . HIS A 1 17  ? 7.014   -3.187  9.877   1.00 26.42 ? 18  HIS A O   1 
ATOM   133  C CB  . HIS A 1 17  ? 6.583   -2.351  12.762  1.00 29.50 ? 18  HIS A CB  1 
ATOM   134  C CG  . HIS A 1 17  ? 7.430   -3.145  13.730  1.00 35.27 ? 18  HIS A CG  1 
ATOM   135  N ND1 . HIS A 1 17  ? 8.008   -4.364  13.409  1.00 35.66 ? 18  HIS A ND1 1 
ATOM   136  C CD2 . HIS A 1 17  ? 7.776   -2.903  15.024  1.00 35.77 ? 18  HIS A CD2 1 
ATOM   137  C CE1 . HIS A 1 17  ? 8.656   -4.838  14.457  1.00 32.54 ? 18  HIS A CE1 1 
ATOM   138  N NE2 . HIS A 1 17  ? 8.537   -3.972  15.446  1.00 33.16 ? 18  HIS A NE2 1 
ATOM   139  N N   . LYS A 1 18  ? 9.152   -2.784  10.437  1.00 26.71 ? 19  LYS A N   1 
ATOM   140  C CA  . LYS A 1 18  ? 9.808   -3.813  9.585   1.00 27.16 ? 19  LYS A CA  1 
ATOM   141  C C   . LYS A 1 18  ? 9.120   -5.189  9.608   1.00 24.42 ? 19  LYS A C   1 
ATOM   142  O O   . LYS A 1 18  ? 8.713   -5.728  8.561   1.00 24.61 ? 19  LYS A O   1 
ATOM   143  C CB  . LYS A 1 18  ? 11.268  -4.008  10.061  1.00 27.62 ? 19  LYS A CB  1 
ATOM   144  C CG  . LYS A 1 18  ? 12.289  -4.429  9.022   1.00 31.91 ? 19  LYS A CG  1 
ATOM   145  C CD  . LYS A 1 18  ? 13.814  -4.150  9.498   1.00 30.48 ? 19  LYS A CD  1 
ATOM   146  C CE  . LYS A 1 18  ? 14.301  -4.966  10.728  1.00 35.12 ? 19  LYS A CE  1 
ATOM   147  N NZ  . LYS A 1 18  ? 15.794  -5.069  11.011  1.00 30.28 ? 19  LYS A NZ  1 
ATOM   148  N N   . TYR A 1 19  ? 9.063   -5.770  10.794  1.00 21.70 ? 20  TYR A N   1 
ATOM   149  C CA  . TYR A 1 19  ? 8.460   -7.084  11.015  1.00 20.97 ? 20  TYR A CA  1 
ATOM   150  C C   . TYR A 1 19  ? 6.920   -7.086  10.975  1.00 18.67 ? 20  TYR A C   1 
ATOM   151  O O   . TYR A 1 19  ? 6.341   -8.010  10.487  1.00 17.51 ? 20  TYR A O   1 
ATOM   152  C CB  . TYR A 1 19  ? 9.040   -7.790  12.293  1.00 21.55 ? 20  TYR A CB  1 
ATOM   153  C CG  . TYR A 1 19  ? 10.544  -7.887  12.201  1.00 21.83 ? 20  TYR A CG  1 
ATOM   154  C CD1 . TYR A 1 19  ? 11.144  -8.813  11.331  1.00 18.28 ? 20  TYR A CD1 1 
ATOM   155  C CD2 . TYR A 1 19  ? 11.370  -7.055  12.954  1.00 22.19 ? 20  TYR A CD2 1 
ATOM   156  C CE1 . TYR A 1 19  ? 12.502  -8.868  11.185  1.00 21.85 ? 20  TYR A CE1 1 
ATOM   157  C CE2 . TYR A 1 19  ? 12.771  -7.100  12.804  1.00 21.78 ? 20  TYR A CE2 1 
ATOM   158  C CZ  . TYR A 1 19  ? 13.332  -8.016  11.900  1.00 23.76 ? 20  TYR A CZ  1 
ATOM   159  O OH  . TYR A 1 19  ? 14.719  -8.151  11.745  1.00 22.97 ? 20  TYR A OH  1 
ATOM   160  N N   . GLY A 1 20  ? 6.255   -6.037  11.393  1.00 17.81 ? 21  GLY A N   1 
ATOM   161  C CA  . GLY A 1 20  ? 4.793   -6.035  11.205  1.00 17.61 ? 21  GLY A CA  1 
ATOM   162  C C   . GLY A 1 20  ? 4.367   -6.070  9.749   1.00 18.42 ? 21  GLY A C   1 
ATOM   163  O O   . GLY A 1 20  ? 3.384   -6.698  9.346   1.00 19.41 ? 21  GLY A O   1 
ATOM   164  N N   . LEU A 1 21  ? 5.142   -5.384  8.934   1.00 19.15 ? 22  LEU A N   1 
ATOM   165  C CA  . LEU A 1 21  ? 4.943   -5.292  7.527   1.00 19.68 ? 22  LEU A CA  1 
ATOM   166  C C   . LEU A 1 21  ? 5.086   -6.684  6.893   1.00 19.77 ? 22  LEU A C   1 
ATOM   167  O O   . LEU A 1 21  ? 4.254   -7.104  6.045   1.00 19.52 ? 22  LEU A O   1 
ATOM   168  C CB  . LEU A 1 21  ? 6.034   -4.351  7.046   1.00 19.90 ? 22  LEU A CB  1 
ATOM   169  C CG  . LEU A 1 21  ? 5.826   -3.145  6.164   1.00 21.08 ? 22  LEU A CG  1 
ATOM   170  C CD1 . LEU A 1 21  ? 4.435   -2.552  6.135   1.00 17.05 ? 22  LEU A CD1 1 
ATOM   171  C CD2 . LEU A 1 21  ? 6.939   -2.078  6.360   1.00 21.35 ? 22  LEU A CD2 1 
ATOM   172  N N   . ALA A 1 22  ? 6.148   -7.398  7.279   1.00 18.01 ? 23  ALA A N   1 
ATOM   173  C CA  . ALA A 1 22  ? 6.434   -8.743  6.778   1.00 17.16 ? 23  ALA A CA  1 
ATOM   174  C C   . ALA A 1 22  ? 5.317   -9.765  7.109   1.00 16.98 ? 23  ALA A C   1 
ATOM   175  O O   . ALA A 1 22  ? 4.934   -10.574 6.280   1.00 15.41 ? 23  ALA A O   1 
ATOM   176  C CB  . ALA A 1 22  ? 7.809   -9.227  7.396   1.00 17.95 ? 23  ALA A CB  1 
ATOM   177  N N   . VAL A 1 23  ? 4.799   -9.707  8.346   1.00 17.74 ? 24  VAL A N   1 
ATOM   178  C CA  . VAL A 1 23  ? 3.702   -10.552 8.812   1.00 16.49 ? 24  VAL A CA  1 
ATOM   179  C C   . VAL A 1 23  ? 2.369   -10.157 8.185   1.00 16.92 ? 24  VAL A C   1 
ATOM   180  O O   . VAL A 1 23  ? 1.607   -11.008 7.747   1.00 17.29 ? 24  VAL A O   1 
ATOM   181  C CB  . VAL A 1 23  ? 3.654   -10.593 10.394  1.00 17.58 ? 24  VAL A CB  1 
ATOM   182  C CG1 . VAL A 1 23  ? 2.488   -11.495 10.906  1.00 16.27 ? 24  VAL A CG1 1 
ATOM   183  C CG2 . VAL A 1 23  ? 4.985   -11.105 10.985  1.00 13.11 ? 24  VAL A CG2 1 
ATOM   184  N N   . PHE A 1 24  ? 2.093   -8.858  8.112   1.00 17.97 ? 25  PHE A N   1 
ATOM   185  C CA  . PHE A 1 24  ? 0.831   -8.346  7.510   1.00 17.66 ? 25  PHE A CA  1 
ATOM   186  C C   . PHE A 1 24  ? 0.784   -8.755  6.051   1.00 17.77 ? 25  PHE A C   1 
ATOM   187  O O   . PHE A 1 24  ? -0.233  -9.234  5.576   1.00 16.40 ? 25  PHE A O   1 
ATOM   188  C CB  . PHE A 1 24  ? 0.732   -6.787  7.646   1.00 17.21 ? 25  PHE A CB  1 
ATOM   189  C CG  . PHE A 1 24  ? -0.602  -6.203  7.162   1.00 18.52 ? 25  PHE A CG  1 
ATOM   190  C CD1 . PHE A 1 24  ? -1.833  -6.841  7.453   1.00 18.17 ? 25  PHE A CD1 1 
ATOM   191  C CD2 . PHE A 1 24  ? -0.641  -4.989  6.520   1.00 13.51 ? 25  PHE A CD2 1 
ATOM   192  C CE1 . PHE A 1 24  ? -3.023  -6.283  7.031   1.00 13.84 ? 25  PHE A CE1 1 
ATOM   193  C CE2 . PHE A 1 24  ? -1.829  -4.428  6.106   1.00 13.74 ? 25  PHE A CE2 1 
ATOM   194  C CZ  . PHE A 1 24  ? -3.007  -5.055  6.339   1.00 15.43 ? 25  PHE A CZ  1 
ATOM   195  N N   . GLN A 1 25  ? 1.901   -8.545  5.344   1.00 17.70 ? 26  GLN A N   1 
ATOM   196  C CA  . GLN A 1 25  ? 2.066   -9.052  4.014   1.00 19.04 ? 26  GLN A CA  1 
ATOM   197  C C   . GLN A 1 25  ? 1.706   -10.519 3.810   1.00 19.40 ? 26  GLN A C   1 
ATOM   198  O O   . GLN A 1 25  ? 0.957   -10.790 2.889   1.00 19.76 ? 26  GLN A O   1 
ATOM   199  C CB  . GLN A 1 25  ? 3.458   -8.733  3.465   1.00 20.57 ? 26  GLN A CB  1 
ATOM   200  C CG  . GLN A 1 25  ? 3.569   -8.857  1.939   1.00 25.68 ? 26  GLN A CG  1 
ATOM   201  C CD  . GLN A 1 25  ? 3.491   -7.521  1.188   1.00 35.91 ? 26  GLN A CD  1 
ATOM   202  O OE1 . GLN A 1 25  ? 4.504   -6.760  1.041   1.00 40.52 ? 26  GLN A OE1 1 
ATOM   203  N NE2 . GLN A 1 25  ? 2.284   -7.220  0.685   1.00 40.43 ? 26  GLN A NE2 1 
ATOM   204  N N   . ALA A 1 26  ? 2.250   -11.439 4.648   1.00 18.64 ? 27  ALA A N   1 
ATOM   205  C CA  . ALA A 1 26  ? 1.897   -12.861 4.663   1.00 19.45 ? 27  ALA A CA  1 
ATOM   206  C C   . ALA A 1 26  ? 0.400   -13.088 4.877   1.00 19.12 ? 27  ALA A C   1 
ATOM   207  O O   . ALA A 1 26  ? -0.176  -13.946 4.268   1.00 19.87 ? 27  ALA A O   1 
ATOM   208  C CB  . ALA A 1 26  ? 2.627   -13.582 5.722   1.00 18.05 ? 27  ALA A CB  1 
ATOM   209  N N   . PHE A 1 27  ? -0.194  -12.324 5.772   1.00 19.24 ? 28  PHE A N   1 
ATOM   210  C CA  . PHE A 1 27  ? -1.592  -12.384 5.948   1.00 20.54 ? 28  PHE A CA  1 
ATOM   211  C C   . PHE A 1 27  ? -2.346  -11.985 4.670   1.00 20.90 ? 28  PHE A C   1 
ATOM   212  O O   . PHE A 1 27  ? -3.228  -12.713 4.222   1.00 21.51 ? 28  PHE A O   1 
ATOM   213  C CB  . PHE A 1 27  ? -2.100  -11.542 7.139   1.00 19.28 ? 28  PHE A CB  1 
ATOM   214  C CG  . PHE A 1 27  ? -3.582  -11.592 7.233   1.00 20.32 ? 28  PHE A CG  1 
ATOM   215  C CD1 . PHE A 1 27  ? -4.217  -12.717 7.766   1.00 17.65 ? 28  PHE A CD1 1 
ATOM   216  C CD2 . PHE A 1 27  ? -4.364  -10.582 6.670   1.00 21.00 ? 28  PHE A CD2 1 
ATOM   217  C CE1 . PHE A 1 27  ? -5.642  -12.795 7.810   1.00 18.00 ? 28  PHE A CE1 1 
ATOM   218  C CE2 . PHE A 1 27  ? -5.770  -10.633 6.726   1.00 21.39 ? 28  PHE A CE2 1 
ATOM   219  C CZ  . PHE A 1 27  ? -6.406  -11.723 7.300   1.00 19.00 ? 28  PHE A CZ  1 
ATOM   220  N N   . LEU A 1 28  ? -1.982  -10.861 4.071   1.00 21.30 ? 29  LEU A N   1 
ATOM   221  C CA  . LEU A 1 28  ? -2.743  -10.318 2.940   1.00 21.46 ? 29  LEU A CA  1 
ATOM   222  C C   . LEU A 1 28  ? -2.677  -11.294 1.804   1.00 23.85 ? 29  LEU A C   1 
ATOM   223  O O   . LEU A 1 28  ? -3.604  -11.352 0.985   1.00 24.74 ? 29  LEU A O   1 
ATOM   224  C CB  . LEU A 1 28  ? -2.206  -8.948  2.507   1.00 20.30 ? 29  LEU A CB  1 
ATOM   225  C CG  . LEU A 1 28  ? -2.385  -7.712  3.391   1.00 18.26 ? 29  LEU A CG  1 
ATOM   226  C CD1 . LEU A 1 28  ? -1.975  -6.450  2.706   1.00 12.33 ? 29  LEU A CD1 1 
ATOM   227  C CD2 . LEU A 1 28  ? -3.848  -7.646  3.857   1.00 15.04 ? 29  LEU A CD2 1 
ATOM   228  N N   . ARG A 1 29  ? -1.576  -12.052 1.754   1.00 24.94 ? 30  ARG A N   1 
ATOM   229  C CA  . ARG A 1 29  ? -1.328  -13.094 0.738   1.00 27.18 ? 30  ARG A CA  1 
ATOM   230  C C   . ARG A 1 29  ? -2.278  -14.294 0.867   1.00 28.54 ? 30  ARG A C   1 
ATOM   231  O O   . ARG A 1 29  ? -2.673  -14.876 -0.142  1.00 29.88 ? 30  ARG A O   1 
ATOM   232  C CB  . ARG A 1 29  ? 0.159   -13.516 0.769   1.00 27.59 ? 30  ARG A CB  1 
ATOM   233  C CG  . ARG A 1 29  ? 0.517   -14.710 -0.055  1.00 29.56 ? 30  ARG A CG  1 
ATOM   234  C CD  . ARG A 1 29  ? 0.950   -14.261 -1.452  1.00 33.63 ? 30  ARG A CD  1 
ATOM   235  N NE  . ARG A 1 29  ? 1.326   -15.322 -2.376  1.00 32.77 ? 30  ARG A NE  1 
ATOM   236  C CZ  . ARG A 1 29  ? 0.738   -15.584 -3.542  1.00 37.92 ? 30  ARG A CZ  1 
ATOM   237  N NH1 . ARG A 1 29  ? -0.304  -14.860 -3.966  1.00 40.88 ? 30  ARG A NH1 1 
ATOM   238  N NH2 . ARG A 1 29  ? 1.210   -16.569 -4.316  1.00 35.69 ? 30  ARG A NH2 1 
ATOM   239  N N   . THR A 1 30  ? -2.669  -14.647 2.095   1.00 29.52 ? 31  THR A N   1 
ATOM   240  C CA  . THR A 1 30  ? -3.662  -15.676 2.284   1.00 30.59 ? 31  THR A CA  1 
ATOM   241  C C   . THR A 1 30  ? -5.070  -15.281 1.787   1.00 31.20 ? 31  THR A C   1 
ATOM   242  O O   . THR A 1 30  ? -5.922  -16.153 1.632   1.00 30.84 ? 31  THR A O   1 
ATOM   243  C CB  . THR A 1 30  ? -3.752  -16.248 3.742   1.00 30.70 ? 31  THR A CB  1 
ATOM   244  O OG1 . THR A 1 30  ? -4.396  -15.298 4.631   1.00 30.89 ? 31  THR A OG1 1 
ATOM   245  C CG2 . THR A 1 30  ? -2.346  -16.652 4.247   1.00 30.21 ? 31  THR A CG2 1 
ATOM   246  N N   . GLU A 1 31  ? -5.315  -13.996 1.561   1.00 31.38 ? 32  GLU A N   1 
ATOM   247  C CA  . GLU A 1 31  ? -6.601  -13.559 1.029   1.00 31.16 ? 32  GLU A CA  1 
ATOM   248  C C   . GLU A 1 31  ? -6.384  -12.876 -0.313  1.00 32.05 ? 32  GLU A C   1 
ATOM   249  O O   . GLU A 1 31  ? -7.253  -12.147 -0.803  1.00 33.65 ? 32  GLU A O   1 
ATOM   250  C CB  . GLU A 1 31  ? -7.388  -12.689 2.028   1.00 30.92 ? 32  GLU A CB  1 
ATOM   251  C CG  . GLU A 1 31  ? -6.688  -11.508 2.691   1.00 30.32 ? 32  GLU A CG  1 
ATOM   252  C CD  . GLU A 1 31  ? -7.680  -10.574 3.431   1.00 33.02 ? 32  GLU A CD  1 
ATOM   253  O OE1 . GLU A 1 31  ? -8.359  -11.011 4.393   1.00 36.14 ? 32  GLU A OE1 1 
ATOM   254  O OE2 . GLU A 1 31  ? -7.764  -9.380  3.053   1.00 34.71 ? 32  GLU A OE2 1 
ATOM   255  N N   . PHE A 1 32  ? -5.239  -13.136 -0.933  1.00 31.48 ? 33  PHE A N   1 
ATOM   256  C CA  . PHE A 1 32  ? -4.975  -12.633 -2.281  1.00 32.75 ? 33  PHE A CA  1 
ATOM   257  C C   . PHE A 1 32  ? -5.222  -11.121 -2.414  1.00 31.41 ? 33  PHE A C   1 
ATOM   258  O O   . PHE A 1 32  ? -5.776  -10.670 -3.425  1.00 30.37 ? 33  PHE A O   1 
ATOM   259  C CB  . PHE A 1 32  ? -5.770  -13.450 -3.371  1.00 34.71 ? 33  PHE A CB  1 
ATOM   260  C CG  . PHE A 1 32  ? -5.868  -14.936 -3.048  1.00 37.39 ? 33  PHE A CG  1 
ATOM   261  C CD1 . PHE A 1 32  ? -4.766  -15.766 -3.217  1.00 37.06 ? 33  PHE A CD1 1 
ATOM   262  C CD2 . PHE A 1 32  ? -7.044  -15.469 -2.508  1.00 40.55 ? 33  PHE A CD2 1 
ATOM   263  C CE1 . PHE A 1 32  ? -4.816  -17.086 -2.875  1.00 38.11 ? 33  PHE A CE1 1 
ATOM   264  C CE2 . PHE A 1 32  ? -7.101  -16.799 -2.155  1.00 41.65 ? 33  PHE A CE2 1 
ATOM   265  C CZ  . PHE A 1 32  ? -5.968  -17.607 -2.326  1.00 39.03 ? 33  PHE A CZ  1 
ATOM   266  N N   . SER A 1 33  ? -4.802  -10.324 -1.413  1.00 30.36 ? 34  SER A N   1 
ATOM   267  C CA  . SER A 1 33  ? -4.829  -8.848  -1.598  1.00 28.54 ? 34  SER A CA  1 
ATOM   268  C C   . SER A 1 33  ? -3.492  -8.168  -1.326  1.00 26.26 ? 34  SER A C   1 
ATOM   269  O O   . SER A 1 33  ? -3.460  -6.978  -1.045  1.00 27.42 ? 34  SER A O   1 
ATOM   270  C CB  . SER A 1 33  ? -5.943  -8.192  -0.769  1.00 28.43 ? 34  SER A CB  1 
ATOM   271  O OG  . SER A 1 33  ? -5.741  -8.420  0.634   1.00 32.06 ? 34  SER A OG  1 
ATOM   272  N N   . GLU A 1 34  ? -2.391  -8.903  -1.408  1.00 23.51 ? 35  GLU A N   1 
ATOM   273  C CA  . GLU A 1 34  ? -1.089  -8.406  -0.946  1.00 20.98 ? 35  GLU A CA  1 
ATOM   274  C C   . GLU A 1 34  ? -0.589  -7.231  -1.775  1.00 18.91 ? 35  GLU A C   1 
ATOM   275  O O   . GLU A 1 34  ? 0.212   -6.452  -1.305  1.00 18.79 ? 35  GLU A O   1 
ATOM   276  C CB  . GLU A 1 34  ? -0.051  -9.558  -0.796  1.00 20.46 ? 35  GLU A CB  1 
ATOM   277  C CG  . GLU A 1 34  ? 0.534   -10.115 -2.102  1.00 22.04 ? 35  GLU A CG  1 
ATOM   278  C CD  . GLU A 1 34  ? -0.370  -11.066 -2.853  1.00 23.23 ? 35  GLU A CD  1 
ATOM   279  O OE1 . GLU A 1 34  ? -1.453  -11.417 -2.351  1.00 25.06 ? 35  GLU A OE1 1 
ATOM   280  O OE2 . GLU A 1 34  ? 0.017   -11.475 -3.968  1.00 29.46 ? 35  GLU A OE2 1 
ATOM   281  N N   . GLU A 1 35  ? -1.114  -7.085  -2.984  1.00 18.98 ? 36  GLU A N   1 
ATOM   282  C CA  . GLU A 1 35  ? -0.806  -5.952  -3.929  1.00 19.86 ? 36  GLU A CA  1 
ATOM   283  C C   . GLU A 1 35  ? -1.248  -4.577  -3.416  1.00 19.28 ? 36  GLU A C   1 
ATOM   284  O O   . GLU A 1 35  ? -0.620  -3.598  -3.718  1.00 19.95 ? 36  GLU A O   1 
ATOM   285  C CB  . GLU A 1 35  ? -1.403  -6.198  -5.323  1.00 19.78 ? 36  GLU A CB  1 
ATOM   286  C CG  . GLU A 1 35  ? -2.918  -6.108  -5.415  1.00 25.40 ? 36  GLU A CG  1 
ATOM   287  C CD  . GLU A 1 35  ? -3.680  -7.391  -5.037  1.00 33.03 ? 36  GLU A CD  1 
ATOM   288  O OE1 . GLU A 1 35  ? -3.106  -8.336  -4.458  1.00 34.08 ? 36  GLU A OE1 1 
ATOM   289  O OE2 . GLU A 1 35  ? -4.915  -7.431  -5.290  1.00 40.06 ? 36  GLU A OE2 1 
ATOM   290  N N   . ASN A 1 36  ? -2.308  -4.525  -2.604  1.00 18.48 ? 37  ASN A N   1 
ATOM   291  C CA  . ASN A 1 36  ? -2.644  -3.313  -1.874  1.00 18.36 ? 37  ASN A CA  1 
ATOM   292  C C   . ASN A 1 36  ? -1.457  -2.789  -1.037  1.00 17.31 ? 37  ASN A C   1 
ATOM   293  O O   . ASN A 1 36  ? -1.132  -1.619  -1.068  1.00 18.61 ? 37  ASN A O   1 
ATOM   294  C CB  . ASN A 1 36  ? -3.842  -3.577  -0.949  1.00 17.35 ? 37  ASN A CB  1 
ATOM   295  C CG  . ASN A 1 36  ? -5.129  -3.776  -1.711  1.00 19.66 ? 37  ASN A CG  1 
ATOM   296  O OD1 . ASN A 1 36  ? -5.287  -3.292  -2.820  1.00 15.30 ? 37  ASN A OD1 1 
ATOM   297  N ND2 . ASN A 1 36  ? -6.095  -4.474  -1.075  1.00 22.01 ? 37  ASN A ND2 1 
ATOM   298  N N   . LEU A 1 37  ? -0.820  -3.660  -0.288  1.00 17.94 ? 38  LEU A N   1 
ATOM   299  C CA  . LEU A 1 37  ? 0.244   -3.260  0.597   1.00 18.67 ? 38  LEU A CA  1 
ATOM   300  C C   . LEU A 1 37  ? 1.495   -2.922  -0.203  1.00 19.53 ? 38  LEU A C   1 
ATOM   301  O O   . LEU A 1 37  ? 2.148   -1.926  0.083   1.00 21.72 ? 38  LEU A O   1 
ATOM   302  C CB  . LEU A 1 37  ? 0.525   -4.344  1.646   1.00 17.76 ? 38  LEU A CB  1 
ATOM   303  C CG  . LEU A 1 37  ? 1.695   -4.069  2.634   1.00 19.51 ? 38  LEU A CG  1 
ATOM   304  C CD1 . LEU A 1 37  ? 1.642   -2.644  3.251   1.00 15.69 ? 38  LEU A CD1 1 
ATOM   305  C CD2 . LEU A 1 37  ? 1.780   -5.154  3.734   1.00 20.78 ? 38  LEU A CD2 1 
ATOM   306  N N   . GLU A 1 38  ? 1.823   -3.740  -1.207  1.00 20.81 ? 39  GLU A N   1 
ATOM   307  C CA  . GLU A 1 38  ? 2.967   -3.508  -2.087  1.00 21.89 ? 39  GLU A CA  1 
ATOM   308  C C   . GLU A 1 38  ? 2.871   -2.177  -2.825  1.00 21.94 ? 39  GLU A C   1 
ATOM   309  O O   . GLU A 1 38  ? 3.871   -1.447  -2.959  1.00 22.71 ? 39  GLU A O   1 
ATOM   310  C CB  . GLU A 1 38  ? 3.072   -4.669  -3.109  1.00 20.78 ? 39  GLU A CB  1 
ATOM   311  C CG  . GLU A 1 38  ? 3.497   -5.978  -2.458  1.00 22.37 ? 39  GLU A CG  1 
ATOM   312  C CD  . GLU A 1 38  ? 3.347   -7.224  -3.357  1.00 26.34 ? 39  GLU A CD  1 
ATOM   313  O OE1 . GLU A 1 38  ? 3.027   -7.138  -4.560  1.00 30.44 ? 39  GLU A OE1 1 
ATOM   314  O OE2 . GLU A 1 38  ? 3.548   -8.344  -2.811  1.00 35.31 ? 39  GLU A OE2 1 
ATOM   315  N N   . PHE A 1 39  ? 1.681   -1.878  -3.344  1.00 21.24 ? 40  PHE A N   1 
ATOM   316  C CA  . PHE A 1 39  ? 1.422   -0.572  -3.956  1.00 20.86 ? 40  PHE A CA  1 
ATOM   317  C C   . PHE A 1 39  ? 1.586   0.544   -2.977  1.00 20.56 ? 40  PHE A C   1 
ATOM   318  O O   . PHE A 1 39  ? 2.138   1.612   -3.286  1.00 21.67 ? 40  PHE A O   1 
ATOM   319  C CB  . PHE A 1 39  ? -0.037  -0.514  -4.478  1.00 20.16 ? 40  PHE A CB  1 
ATOM   320  C CG  . PHE A 1 39  ? -0.479  0.834   -4.892  1.00 17.49 ? 40  PHE A CG  1 
ATOM   321  C CD1 . PHE A 1 39  ? 0.122   1.478   -5.942  1.00 20.91 ? 40  PHE A CD1 1 
ATOM   322  C CD2 . PHE A 1 39  ? -1.561  1.473   -4.232  1.00 21.56 ? 40  PHE A CD2 1 
ATOM   323  C CE1 . PHE A 1 39  ? -0.332  2.763   -6.366  1.00 23.01 ? 40  PHE A CE1 1 
ATOM   324  C CE2 . PHE A 1 39  ? -2.006  2.728   -4.618  1.00 18.24 ? 40  PHE A CE2 1 
ATOM   325  C CZ  . PHE A 1 39  ? -1.389  3.387   -5.687  1.00 20.69 ? 40  PHE A CZ  1 
ATOM   326  N N   . TRP A 1 40  ? 1.061   0.331   -1.786  1.00 21.01 ? 41  TRP A N   1 
ATOM   327  C CA  . TRP A 1 40  ? 1.122   1.367   -0.768  1.00 20.93 ? 41  TRP A CA  1 
ATOM   328  C C   . TRP A 1 40  ? 2.591   1.648   -0.451  1.00 20.86 ? 41  TRP A C   1 
ATOM   329  O O   . TRP A 1 40  ? 2.986   2.796   -0.211  1.00 21.60 ? 41  TRP A O   1 
ATOM   330  C CB  . TRP A 1 40  ? 0.343   0.933   0.503   1.00 19.44 ? 41  TRP A CB  1 
ATOM   331  C CG  . TRP A 1 40  ? 0.290   2.060   1.534   1.00 21.33 ? 41  TRP A CG  1 
ATOM   332  C CD1 . TRP A 1 40  ? -0.703  3.028   1.675   1.00 17.72 ? 41  TRP A CD1 1 
ATOM   333  C CD2 . TRP A 1 40  ? 1.284   2.355   2.554   1.00 18.23 ? 41  TRP A CD2 1 
ATOM   334  N NE1 . TRP A 1 40  ? -0.370  3.866   2.685   1.00 16.80 ? 41  TRP A NE1 1 
ATOM   335  C CE2 . TRP A 1 40  ? 0.851   3.495   3.225   1.00 17.82 ? 41  TRP A CE2 1 
ATOM   336  C CE3 . TRP A 1 40  ? 2.483   1.736   2.961   1.00 19.92 ? 41  TRP A CE3 1 
ATOM   337  C CZ2 . TRP A 1 40  ? 1.558   4.031   4.302   1.00 19.71 ? 41  TRP A CZ2 1 
ATOM   338  C CZ3 . TRP A 1 40  ? 3.211   2.278   4.027   1.00 17.45 ? 41  TRP A CZ3 1 
ATOM   339  C CH2 . TRP A 1 40  ? 2.745   3.409   4.686   1.00 19.98 ? 41  TRP A CH2 1 
ATOM   340  N N   . LEU A 1 41  ? 3.382   0.582   -0.386  1.00 20.96 ? 42  LEU A N   1 
ATOM   341  C CA  . LEU A 1 41  ? 4.801   0.737   -0.057  1.00 22.12 ? 42  LEU A CA  1 
ATOM   342  C C   . LEU A 1 41  ? 5.599   1.417   -1.194  1.00 22.18 ? 42  LEU A C   1 
ATOM   343  O O   . LEU A 1 41  ? 6.494   2.236   -0.936  1.00 23.32 ? 42  LEU A O   1 
ATOM   344  C CB  . LEU A 1 41  ? 5.445   -0.594  0.323   1.00 19.88 ? 42  LEU A CB  1 
ATOM   345  C CG  . LEU A 1 41  ? 5.099   -1.193  1.671   1.00 20.07 ? 42  LEU A CG  1 
ATOM   346  C CD1 . LEU A 1 41  ? 5.466   -2.666  1.671   1.00 12.50 ? 42  LEU A CD1 1 
ATOM   347  C CD2 . LEU A 1 41  ? 5.819   -0.363  2.836   1.00 17.98 ? 42  LEU A CD2 1 
ATOM   348  N N   . ALA A 1 42  ? 5.277   1.049   -2.422  1.00 21.98 ? 43  ALA A N   1 
ATOM   349  C CA  . ALA A 1 42  ? 5.806   1.749   -3.618  1.00 23.18 ? 43  ALA A CA  1 
ATOM   350  C C   . ALA A 1 42  ? 5.459   3.257   -3.601  1.00 23.35 ? 43  ALA A C   1 
ATOM   351  O O   . ALA A 1 42  ? 6.288   4.065   -3.892  1.00 24.69 ? 43  ALA A O   1 
ATOM   352  C CB  . ALA A 1 42  ? 5.296   1.055   -4.897  1.00 20.55 ? 43  ALA A CB  1 
ATOM   353  N N   . CYS A 1 43  ? 4.237   3.637   -3.239  1.00 24.91 ? 44  CYS A N   1 
ATOM   354  C CA  . CYS A 1 43  ? 3.932   5.048   -3.055  1.00 25.81 ? 44  CYS A CA  1 
ATOM   355  C C   . CYS A 1 43  ? 4.836   5.741   -2.026  1.00 27.17 ? 44  CYS A C   1 
ATOM   356  O O   . CYS A 1 43  ? 5.255   6.860   -2.274  1.00 26.37 ? 44  CYS A O   1 
ATOM   357  C CB  . CYS A 1 43  ? 2.455   5.267   -2.722  1.00 25.25 ? 44  CYS A CB  1 
ATOM   358  S SG  . CYS A 1 43  ? 1.382   4.865   -4.133  1.00 23.02 ? 44  CYS A SG  1 
ATOM   359  N N   . GLU A 1 44  ? 5.121   5.092   -0.886  1.00 28.98 ? 45  GLU A N   1 
ATOM   360  C CA  . GLU A 1 44  ? 6.100   5.613   0.081   1.00 30.82 ? 45  GLU A CA  1 
ATOM   361  C C   . GLU A 1 44  ? 7.586   5.744   -0.391  1.00 32.13 ? 45  GLU A C   1 
ATOM   362  O O   . GLU A 1 44  ? 8.210   6.730   -0.055  1.00 32.56 ? 45  GLU A O   1 
ATOM   363  C CB  . GLU A 1 44  ? 6.015   4.865   1.448   1.00 31.93 ? 45  GLU A CB  1 
ATOM   364  C CG  . GLU A 1 44  ? 4.638   4.920   2.136   1.00 28.68 ? 45  GLU A CG  1 
ATOM   365  C CD  . GLU A 1 44  ? 4.331   6.284   2.667   1.00 29.84 ? 45  GLU A CD  1 
ATOM   366  O OE1 . GLU A 1 44  ? 5.043   6.726   3.599   1.00 28.26 ? 45  GLU A OE1 1 
ATOM   367  O OE2 . GLU A 1 44  ? 3.373   6.919   2.166   1.00 28.71 ? 45  GLU A OE2 1 
ATOM   368  N N   . ASP A 1 45  ? 8.146   4.765   -1.112  1.00 33.42 ? 46  ASP A N   1 
ATOM   369  C CA  . ASP A 1 45  ? 9.451   4.927   -1.778  1.00 35.44 ? 46  ASP A CA  1 
ATOM   370  C C   . ASP A 1 45  ? 9.367   6.135   -2.718  1.00 35.51 ? 46  ASP A C   1 
ATOM   371  O O   . ASP A 1 45  ? 10.222  7.026   -2.666  1.00 36.65 ? 46  ASP A O   1 
ATOM   372  C CB  . ASP A 1 45  ? 9.872   3.726   -2.669  1.00 36.38 ? 46  ASP A CB  1 
ATOM   373  C CG  . ASP A 1 45  ? 10.026  2.390   -1.910  1.00 38.81 ? 46  ASP A CG  1 
ATOM   374  O OD1 . ASP A 1 45  ? 10.608  2.374   -0.802  1.00 45.05 ? 46  ASP A OD1 1 
ATOM   375  O OD2 . ASP A 1 45  ? 9.612   1.330   -2.464  1.00 41.16 ? 46  ASP A OD2 1 
ATOM   376  N N   . PHE A 1 46  ? 8.331   6.165   -3.560  1.00 34.36 ? 47  PHE A N   1 
ATOM   377  C CA  . PHE A 1 46  ? 8.184   7.206   -4.584  1.00 33.67 ? 47  PHE A CA  1 
ATOM   378  C C   . PHE A 1 46  ? 8.323   8.595   -3.986  1.00 35.00 ? 47  PHE A C   1 
ATOM   379  O O   . PHE A 1 46  ? 9.054   9.415   -4.517  1.00 33.22 ? 47  PHE A O   1 
ATOM   380  C CB  . PHE A 1 46  ? 6.834   7.126   -5.298  1.00 32.34 ? 47  PHE A CB  1 
ATOM   381  C CG  . PHE A 1 46  ? 6.508   8.366   -6.095  1.00 30.05 ? 47  PHE A CG  1 
ATOM   382  C CD1 . PHE A 1 46  ? 7.109   8.586   -7.364  1.00 28.98 ? 47  PHE A CD1 1 
ATOM   383  C CD2 . PHE A 1 46  ? 5.651   9.328   -5.580  1.00 27.27 ? 47  PHE A CD2 1 
ATOM   384  C CE1 . PHE A 1 46  ? 6.837   9.724   -8.090  1.00 29.65 ? 47  PHE A CE1 1 
ATOM   385  C CE2 . PHE A 1 46  ? 5.358   10.497  -6.298  1.00 27.51 ? 47  PHE A CE2 1 
ATOM   386  C CZ  . PHE A 1 46  ? 5.945   10.697  -7.564  1.00 31.31 ? 47  PHE A CZ  1 
ATOM   387  N N   . LYS A 1 47  ? 7.609   8.828   -2.884  1.00 37.28 ? 48  LYS A N   1 
ATOM   388  C CA  . LYS A 1 47  ? 7.618   10.098  -2.166  1.00 40.49 ? 48  LYS A CA  1 
ATOM   389  C C   . LYS A 1 47  ? 8.971   10.390  -1.451  1.00 42.17 ? 48  LYS A C   1 
ATOM   390  O O   . LYS A 1 47  ? 9.182   11.513  -0.955  1.00 42.26 ? 48  LYS A O   1 
ATOM   391  C CB  . LYS A 1 47  ? 6.384   10.248  -1.244  1.00 40.01 ? 48  LYS A CB  1 
ATOM   392  C CG  . LYS A 1 47  ? 6.504   9.480   0.085   1.00 42.73 ? 48  LYS A CG  1 
ATOM   393  C CD  . LYS A 1 47  ? 5.237   9.629   0.936   1.00 41.22 ? 48  LYS A CD  1 
ATOM   394  C CE  . LYS A 1 47  ? 3.950   9.328   0.158   1.00 36.67 ? 48  LYS A CE  1 
ATOM   395  N NZ  . LYS A 1 47  ? 2.865   9.341   1.177   1.00 32.85 ? 48  LYS A NZ  1 
ATOM   396  N N   . LYS A 1 48  ? 9.910   9.433   -1.496  1.00 43.54 ? 49  LYS A N   1 
ATOM   397  C CA  . LYS A 1 48  ? 11.281  9.709   -1.045  1.00 45.93 ? 49  LYS A CA  1 
ATOM   398  C C   . LYS A 1 48  ? 12.270  10.090  -2.187  1.00 46.75 ? 49  LYS A C   1 
ATOM   399  O O   . LYS A 1 48  ? 13.348  10.631  -1.929  1.00 45.99 ? 49  LYS A O   1 
ATOM   400  C CB  . LYS A 1 48  ? 11.849  8.527   -0.217  1.00 45.82 ? 49  LYS A CB  1 
ATOM   401  C CG  . LYS A 1 48  ? 11.331  8.435   1.224   1.00 46.19 ? 49  LYS A CG  1 
ATOM   402  C CD  . LYS A 1 48  ? 11.741  7.076   1.817   1.00 47.45 ? 49  LYS A CD  1 
ATOM   403  C CE  . LYS A 1 48  ? 10.766  6.567   2.888   1.00 50.96 ? 49  LYS A CE  1 
ATOM   404  N NZ  . LYS A 1 48  ? 11.060  5.113   3.213   1.00 51.53 ? 49  LYS A NZ  1 
ATOM   405  N N   . VAL A 1 49  ? 11.898  9.799   -3.436  1.00 48.38 ? 50  VAL A N   1 
ATOM   406  C CA  . VAL A 1 49  ? 12.752  10.084  -4.592  1.00 49.51 ? 50  VAL A CA  1 
ATOM   407  C C   . VAL A 1 49  ? 13.002  11.566  -4.740  1.00 50.44 ? 50  VAL A C   1 
ATOM   408  O O   . VAL A 1 49  ? 12.047  12.352  -4.719  1.00 49.63 ? 50  VAL A O   1 
ATOM   409  C CB  . VAL A 1 49  ? 12.185  9.518   -5.893  1.00 49.64 ? 50  VAL A CB  1 
ATOM   410  C CG1 . VAL A 1 49  ? 13.099  9.869   -7.054  1.00 49.42 ? 50  VAL A CG1 1 
ATOM   411  C CG2 . VAL A 1 49  ? 12.030  7.992   -5.773  1.00 50.27 ? 50  VAL A CG2 1 
ATOM   412  N N   . LYS A 1 50  ? 14.307  11.905  -4.853  1.00 51.76 ? 51  LYS A N   1 
ATOM   413  C CA  . LYS A 1 50  ? 14.853  13.284  -4.959  1.00 52.72 ? 51  LYS A CA  1 
ATOM   414  C C   . LYS A 1 50  ? 14.758  13.860  -6.391  1.00 52.07 ? 51  LYS A C   1 
ATOM   415  O O   . LYS A 1 50  ? 14.268  15.005  -6.629  1.00 52.09 ? 51  LYS A O   1 
ATOM   416  C CB  . LYS A 1 50  ? 16.334  13.278  -4.535  1.00 53.71 ? 51  LYS A CB  1 
ATOM   417  C CG  . LYS A 1 50  ? 17.146  14.560  -4.908  1.00 54.55 ? 51  LYS A CG  1 
ATOM   418  C CD  . LYS A 1 50  ? 18.654  14.265  -5.141  1.00 54.61 ? 51  LYS A CD  1 
ATOM   419  C CE  . LYS A 1 50  ? 19.539  15.510  -4.833  1.00 57.19 ? 51  LYS A CE  1 
ATOM   420  N NZ  . LYS A 1 50  ? 19.891  15.706  -3.354  1.00 56.93 ? 51  LYS A NZ  1 
ATOM   421  N N   . SER A 1 51  ? 15.226  13.041  -7.336  1.00 50.65 ? 52  SER A N   1 
ATOM   422  C CA  . SER A 1 51  ? 15.378  13.457  -8.717  1.00 49.46 ? 52  SER A CA  1 
ATOM   423  C C   . SER A 1 51  ? 14.024  13.518  -9.456  1.00 48.48 ? 52  SER A C   1 
ATOM   424  O O   . SER A 1 51  ? 13.232  12.569  -9.417  1.00 47.27 ? 52  SER A O   1 
ATOM   425  C CB  . SER A 1 51  ? 16.371  12.520  -9.417  1.00 49.35 ? 52  SER A CB  1 
ATOM   426  O OG  . SER A 1 51  ? 16.254  12.555  -10.833 1.00 48.06 ? 52  SER A OG  1 
ATOM   427  N N   . GLN A 1 52  ? 13.802  14.645  -10.131 1.00 47.58 ? 53  GLN A N   1 
ATOM   428  C CA  . GLN A 1 52  ? 12.677  14.844  -11.041 1.00 47.32 ? 53  GLN A CA  1 
ATOM   429  C C   . GLN A 1 52  ? 12.591  13.830  -12.196 1.00 46.17 ? 53  GLN A C   1 
ATOM   430  O O   . GLN A 1 52  ? 11.490  13.350  -12.540 1.00 45.84 ? 53  GLN A O   1 
ATOM   431  C CB  . GLN A 1 52  ? 12.691  16.268  -11.593 1.00 47.84 ? 53  GLN A CB  1 
ATOM   432  C CG  . GLN A 1 52  ? 11.452  16.611  -12.424 1.00 48.92 ? 53  GLN A CG  1 
ATOM   433  C CD  . GLN A 1 52  ? 10.161  16.449  -11.636 1.00 51.88 ? 53  GLN A CD  1 
ATOM   434  O OE1 . GLN A 1 52  ? 10.070  16.904  -10.486 1.00 52.30 ? 53  GLN A OE1 1 
ATOM   435  N NE2 . GLN A 1 52  ? 9.143   15.809  -12.255 1.00 51.09 ? 53  GLN A NE2 1 
ATOM   436  N N   . SER A 1 53  ? 13.725  13.513  -12.821 1.00 44.85 ? 54  SER A N   1 
ATOM   437  C CA  . SER A 1 53  ? 13.710  12.471  -13.876 1.00 44.03 ? 54  SER A CA  1 
ATOM   438  C C   . SER A 1 53  ? 13.421  11.083  -13.267 1.00 43.06 ? 54  SER A C   1 
ATOM   439  O O   . SER A 1 53  ? 12.742  10.231  -13.856 1.00 42.50 ? 54  SER A O   1 
ATOM   440  C CB  . SER A 1 53  ? 15.012  12.450  -14.712 1.00 43.34 ? 54  SER A CB  1 
ATOM   441  O OG  . SER A 1 53  ? 16.189  12.558  -13.899 1.00 44.26 ? 54  SER A OG  1 
ATOM   442  N N   . LYS A 1 54  ? 13.980  10.868  -12.090 1.00 42.49 ? 55  LYS A N   1 
ATOM   443  C CA  . LYS A 1 54  ? 13.711  9.666   -11.320 1.00 43.16 ? 55  LYS A CA  1 
ATOM   444  C C   . LYS A 1 54  ? 12.258  9.641   -10.836 1.00 42.20 ? 55  LYS A C   1 
ATOM   445  O O   . LYS A 1 54  ? 11.599  8.601   -10.954 1.00 43.19 ? 55  LYS A O   1 
ATOM   446  C CB  . LYS A 1 54  ? 14.735  9.478   -10.171 1.00 42.79 ? 55  LYS A CB  1 
ATOM   447  C CG  . LYS A 1 54  ? 16.189  9.289   -10.712 1.00 43.62 ? 55  LYS A CG  1 
ATOM   448  C CD  . LYS A 1 54  ? 17.141  8.885   -9.593  1.00 45.10 ? 55  LYS A CD  1 
ATOM   449  C CE  . LYS A 1 54  ? 18.342  8.058   -10.123 1.00 49.61 ? 55  LYS A CE  1 
ATOM   450  N NZ  . LYS A 1 54  ? 19.652  8.775   -10.013 1.00 48.06 ? 55  LYS A NZ  1 
ATOM   451  N N   . MET A 1 55  ? 11.747  10.789  -10.382 1.00 40.73 ? 56  MET A N   1 
ATOM   452  C CA  . MET A 1 55  ? 10.381  10.860  -9.893  1.00 40.52 ? 56  MET A CA  1 
ATOM   453  C C   . MET A 1 55  ? 9.451   10.461  -11.001 1.00 39.38 ? 56  MET A C   1 
ATOM   454  O O   . MET A 1 55  ? 8.610   9.581   -10.799 1.00 39.60 ? 56  MET A O   1 
ATOM   455  C CB  . MET A 1 55  ? 10.006  12.257  -9.396  1.00 40.59 ? 56  MET A CB  1 
ATOM   456  C CG  . MET A 1 55  ? 10.301  12.527  -7.961  1.00 39.75 ? 56  MET A CG  1 
ATOM   457  S SD  . MET A 1 55  ? 9.428   14.050  -7.487  1.00 43.80 ? 56  MET A SD  1 
ATOM   458  C CE  . MET A 1 55  ? 8.107   13.973  -8.669  1.00 42.89 ? 56  MET A CE  1 
ATOM   459  N N   . ALA A 1 56  ? 9.632   11.070  -12.180 1.00 38.51 ? 57  ALA A N   1 
ATOM   460  C CA  . ALA A 1 56  ? 8.743   10.839  -13.324 1.00 37.59 ? 57  ALA A CA  1 
ATOM   461  C C   . ALA A 1 56  ? 8.778   9.406   -13.854 1.00 37.75 ? 57  ALA A C   1 
ATOM   462  O O   . ALA A 1 56  ? 7.721   8.842   -14.164 1.00 37.19 ? 57  ALA A O   1 
ATOM   463  C CB  . ALA A 1 56  ? 8.966   11.875  -14.464 1.00 36.76 ? 57  ALA A CB  1 
ATOM   464  N N   . SER A 1 57  ? 9.958   8.802   -13.959 1.00 37.65 ? 58  SER A N   1 
ATOM   465  C CA  . SER A 1 57  ? 10.003  7.407   -14.454 1.00 38.66 ? 58  SER A CA  1 
ATOM   466  C C   . SER A 1 57  ? 9.512   6.367   -13.408 1.00 38.12 ? 58  SER A C   1 
ATOM   467  O O   . SER A 1 57  ? 8.901   5.325   -13.779 1.00 38.75 ? 58  SER A O   1 
ATOM   468  C CB  . SER A 1 57  ? 11.403  7.036   -15.005 1.00 39.10 ? 58  SER A CB  1 
ATOM   469  O OG  . SER A 1 57  ? 12.445  7.415   -14.098 1.00 42.26 ? 58  SER A OG  1 
ATOM   470  N N   . LYS A 1 58  ? 9.777   6.650   -12.125 1.00 37.23 ? 59  LYS A N   1 
ATOM   471  C CA  . LYS A 1 58  ? 9.284   5.803   -11.021 1.00 36.03 ? 59  LYS A CA  1 
ATOM   472  C C   . LYS A 1 58  ? 7.761   5.860   -10.967 1.00 34.59 ? 59  LYS A C   1 
ATOM   473  O O   . LYS A 1 58  ? 7.080   4.825   -10.839 1.00 34.22 ? 59  LYS A O   1 
ATOM   474  C CB  . LYS A 1 58  ? 9.895   6.217   -9.669  1.00 36.28 ? 59  LYS A CB  1 
ATOM   475  C CG  . LYS A 1 58  ? 9.429   5.349   -8.452  1.00 38.21 ? 59  LYS A CG  1 
ATOM   476  C CD  . LYS A 1 58  ? 9.827   3.870   -8.544  1.00 39.60 ? 59  LYS A CD  1 
ATOM   477  C CE  . LYS A 1 58  ? 10.062  3.249   -7.120  1.00 42.21 ? 59  LYS A CE  1 
ATOM   478  N NZ  . LYS A 1 58  ? 8.902   2.489   -6.523  1.00 41.10 ? 59  LYS A NZ  1 
ATOM   479  N N   . ALA A 1 59  ? 7.214   7.063   -11.111 1.00 33.75 ? 60  ALA A N   1 
ATOM   480  C CA  . ALA A 1 59  ? 5.754   7.207   -11.167 1.00 33.48 ? 60  ALA A CA  1 
ATOM   481  C C   . ALA A 1 59  ? 5.172   6.435   -12.353 1.00 33.34 ? 60  ALA A C   1 
ATOM   482  O O   . ALA A 1 59  ? 4.125   5.815   -12.261 1.00 33.98 ? 60  ALA A O   1 
ATOM   483  C CB  . ALA A 1 59  ? 5.406   8.631   -11.253 1.00 32.79 ? 60  ALA A CB  1 
ATOM   484  N N   . LYS A 1 60  ? 5.874   6.468   -13.473 1.00 34.20 ? 61  LYS A N   1 
ATOM   485  C CA  . LYS A 1 60  ? 5.458   5.764   -14.680 1.00 34.55 ? 61  LYS A CA  1 
ATOM   486  C C   . LYS A 1 60  ? 5.533   4.290   -14.481 1.00 33.22 ? 61  LYS A C   1 
ATOM   487  O O   . LYS A 1 60  ? 4.615   3.583   -14.864 1.00 34.41 ? 61  LYS A O   1 
ATOM   488  C CB  . LYS A 1 60  ? 6.285   6.220   -15.881 1.00 35.10 ? 61  LYS A CB  1 
ATOM   489  C CG  . LYS A 1 60  ? 5.731   7.526   -16.523 1.00 38.92 ? 61  LYS A CG  1 
ATOM   490  C CD  . LYS A 1 60  ? 6.790   8.274   -17.330 1.00 44.31 ? 61  LYS A CD  1 
ATOM   491  C CE  . LYS A 1 60  ? 6.158   9.422   -18.087 1.00 48.52 ? 61  LYS A CE  1 
ATOM   492  N NZ  . LYS A 1 60  ? 7.104   10.581  -18.114 1.00 48.54 ? 61  LYS A NZ  1 
ATOM   493  N N   . LYS A 1 61  ? 6.597   3.828   -13.835 1.00 32.83 ? 62  LYS A N   1 
ATOM   494  C CA  . LYS A 1 61  ? 6.689   2.415   -13.364 1.00 33.30 ? 62  LYS A CA  1 
ATOM   495  C C   . LYS A 1 61  ? 5.557   1.968   -12.436 1.00 29.71 ? 62  LYS A C   1 
ATOM   496  O O   . LYS A 1 61  ? 4.917   0.961   -12.667 1.00 29.66 ? 62  LYS A O   1 
ATOM   497  C CB  . LYS A 1 61  ? 8.061   2.107   -12.738 1.00 33.23 ? 62  LYS A CB  1 
ATOM   498  C CG  . LYS A 1 61  ? 9.215   2.057   -13.760 1.00 35.82 ? 62  LYS A CG  1 
ATOM   499  C CD  . LYS A 1 61  ? 10.560  1.828   -13.040 1.00 37.87 ? 62  LYS A CD  1 
ATOM   500  C CE  . LYS A 1 61  ? 11.735  2.550   -13.749 1.00 44.08 ? 62  LYS A CE  1 
ATOM   501  N NZ  . LYS A 1 61  ? 12.600  3.276   -12.734 1.00 43.20 ? 62  LYS A NZ  1 
ATOM   502  N N   . ILE A 1 62  ? 5.278   2.759   -11.420 1.00 28.39 ? 63  ILE A N   1 
ATOM   503  C CA  . ILE A 1 62  ? 4.207   2.419   -10.469 1.00 26.20 ? 63  ILE A CA  1 
ATOM   504  C C   . ILE A 1 62  ? 2.859   2.266   -11.176 1.00 25.72 ? 63  ILE A C   1 
ATOM   505  O O   . ILE A 1 62  ? 2.151   1.327   -10.916 1.00 24.86 ? 63  ILE A O   1 
ATOM   506  C CB  . ILE A 1 62  ? 4.103   3.442   -9.283  1.00 25.38 ? 63  ILE A CB  1 
ATOM   507  C CG1 . ILE A 1 62  ? 5.365   3.365   -8.400  1.00 26.31 ? 63  ILE A CG1 1 
ATOM   508  C CG2 . ILE A 1 62  ? 2.807   3.175   -8.446  1.00 23.33 ? 63  ILE A CG2 1 
ATOM   509  C CD1 . ILE A 1 62  ? 5.603   4.589   -7.516  1.00 25.20 ? 63  ILE A CD1 1 
ATOM   510  N N   . PHE A 1 63  ? 2.547   3.197   -12.086 1.00 26.11 ? 64  PHE A N   1 
ATOM   511  C CA  . PHE A 1 63  ? 1.295   3.201   -12.823 1.00 26.43 ? 64  PHE A CA  1 
ATOM   512  C C   . PHE A 1 63  ? 1.104   1.916   -13.658 1.00 27.08 ? 64  PHE A C   1 
ATOM   513  O O   . PHE A 1 63  ? 0.080   1.231   -13.530 1.00 27.36 ? 64  PHE A O   1 
ATOM   514  C CB  . PHE A 1 63  ? 1.165   4.499   -13.667 1.00 26.40 ? 64  PHE A CB  1 
ATOM   515  C CG  . PHE A 1 63  ? -0.232  4.718   -14.246 1.00 28.02 ? 64  PHE A CG  1 
ATOM   516  C CD1 . PHE A 1 63  ? -1.166  5.496   -13.582 1.00 29.57 ? 64  PHE A CD1 1 
ATOM   517  C CD2 . PHE A 1 63  ? -0.620  4.092   -15.428 1.00 28.56 ? 64  PHE A CD2 1 
ATOM   518  C CE1 . PHE A 1 63  ? -2.451  5.669   -14.112 1.00 29.16 ? 64  PHE A CE1 1 
ATOM   519  C CE2 . PHE A 1 63  ? -1.903  4.274   -15.955 1.00 31.13 ? 64  PHE A CE2 1 
ATOM   520  C CZ  . PHE A 1 63  ? -2.815  5.042   -15.291 1.00 27.92 ? 64  PHE A CZ  1 
ATOM   521  N N   . ALA A 1 64  ? 2.098   1.583   -14.492 1.00 28.60 ? 65  ALA A N   1 
ATOM   522  C CA  . ALA A 1 64  ? 2.133   0.308   -15.278 1.00 28.45 ? 65  ALA A CA  1 
ATOM   523  C C   . ALA A 1 64  ? 2.003   -0.971  -14.487 1.00 28.81 ? 65  ALA A C   1 
ATOM   524  O O   . ALA A 1 64  ? 1.518   -1.941  -15.005 1.00 29.65 ? 65  ALA A O   1 
ATOM   525  C CB  . ALA A 1 64  ? 3.432   0.229   -16.152 1.00 29.05 ? 65  ALA A CB  1 
ATOM   526  N N   . GLU A 1 65  ? 2.436   -1.002  -13.227 1.00 29.60 ? 66  GLU A N   1 
ATOM   527  C CA  . GLU A 1 65  ? 2.380   -2.256  -12.447 1.00 28.96 ? 66  GLU A CA  1 
ATOM   528  C C   . GLU A 1 65  ? 1.135   -2.438  -11.584 1.00 27.42 ? 66  GLU A C   1 
ATOM   529  O O   . GLU A 1 65  ? 0.603   -3.531  -11.458 1.00 26.17 ? 66  GLU A O   1 
ATOM   530  C CB  . GLU A 1 65  ? 3.646   -2.355  -11.578 1.00 28.85 ? 66  GLU A CB  1 
ATOM   531  C CG  . GLU A 1 65  ? 3.654   -3.578  -10.658 1.00 30.14 ? 66  GLU A CG  1 
ATOM   532  C CD  . GLU A 1 65  ? 5.039   -3.875  -10.069 1.00 32.44 ? 66  GLU A CD  1 
ATOM   533  O OE1 . GLU A 1 65  ? 5.880   -2.947  -9.882  1.00 35.18 ? 66  GLU A OE1 1 
ATOM   534  O OE2 . GLU A 1 65  ? 5.262   -5.044  -9.774  1.00 36.84 ? 66  GLU A OE2 1 
ATOM   535  N N   . TYR A 1 66  ? 0.688   -1.340  -10.984 1.00 26.92 ? 67  TYR A N   1 
ATOM   536  C CA  . TYR A 1 66  ? -0.408  -1.334  -10.005 1.00 26.02 ? 67  TYR A CA  1 
ATOM   537  C C   . TYR A 1 66  ? -1.702  -0.727  -10.474 1.00 25.87 ? 67  TYR A C   1 
ATOM   538  O O   . TYR A 1 66  ? -2.773  -1.061  -9.945  1.00 26.18 ? 67  TYR A O   1 
ATOM   539  C CB  . TYR A 1 66  ? 0.027   -0.559  -8.753  1.00 24.51 ? 67  TYR A CB  1 
ATOM   540  C CG  . TYR A 1 66  ? 1.221   -1.204  -8.097  1.00 23.06 ? 67  TYR A CG  1 
ATOM   541  C CD1 . TYR A 1 66  ? 1.052   -2.339  -7.344  1.00 21.50 ? 67  TYR A CD1 1 
ATOM   542  C CD2 . TYR A 1 66  ? 2.519   -0.713  -8.296  1.00 21.97 ? 67  TYR A CD2 1 
ATOM   543  C CE1 . TYR A 1 66  ? 2.092   -2.944  -6.735  1.00 23.85 ? 67  TYR A CE1 1 
ATOM   544  C CE2 . TYR A 1 66  ? 3.568   -1.301  -7.699  1.00 20.08 ? 67  TYR A CE2 1 
ATOM   545  C CZ  . TYR A 1 66  ? 3.348   -2.453  -6.927  1.00 23.38 ? 67  TYR A CZ  1 
ATOM   546  O OH  . TYR A 1 66  ? 4.340   -3.131  -6.274  1.00 23.38 ? 67  TYR A OH  1 
ATOM   547  N N   . ILE A 1 67  ? -1.632  0.192   -11.428 1.00 26.70 ? 68  ILE A N   1 
ATOM   548  C CA  . ILE A 1 67  ? -2.840  1.007   -11.696 1.00 26.29 ? 68  ILE A CA  1 
ATOM   549  C C   . ILE A 1 67  ? -3.507  0.674   -12.995 1.00 28.46 ? 68  ILE A C   1 
ATOM   550  O O   . ILE A 1 67  ? -4.740  0.530   -13.017 1.00 29.93 ? 68  ILE A O   1 
ATOM   551  C CB  . ILE A 1 67  ? -2.572  2.514   -11.576 1.00 26.31 ? 68  ILE A CB  1 
ATOM   552  C CG1 . ILE A 1 67  ? -2.106  2.840   -10.140 1.00 22.40 ? 68  ILE A CG1 1 
ATOM   553  C CG2 . ILE A 1 67  ? -3.841  3.374   -11.953 1.00 25.01 ? 68  ILE A CG2 1 
ATOM   554  C CD1 . ILE A 1 67  ? -1.196  3.939   -10.097 1.00 24.61 ? 68  ILE A CD1 1 
ATOM   555  N N   . ALA A 1 68  ? -2.720  0.546   -14.066 1.00 29.80 ? 69  ALA A N   1 
ATOM   556  C CA  . ALA A 1 68  ? -3.245  0.332   -15.424 1.00 31.73 ? 69  ALA A CA  1 
ATOM   557  C C   . ALA A 1 68  ? -4.209  -0.850  -15.427 1.00 33.45 ? 69  ALA A C   1 
ATOM   558  O O   . ALA A 1 68  ? -3.945  -1.816  -14.751 1.00 32.31 ? 69  ALA A O   1 
ATOM   559  C CB  . ALA A 1 68  ? -2.096  0.082   -16.369 1.00 31.74 ? 69  ALA A CB  1 
ATOM   560  N N   . ILE A 1 69  ? -5.378  -0.734  -16.084 1.00 36.33 ? 70  ILE A N   1 
ATOM   561  C CA  . ILE A 1 69  ? -6.307  -1.879  -16.230 1.00 37.46 ? 70  ILE A CA  1 
ATOM   562  C C   . ILE A 1 69  ? -5.483  -3.058  -16.742 1.00 37.66 ? 70  ILE A C   1 
ATOM   563  O O   . ILE A 1 69  ? -4.608  -2.873  -17.594 1.00 38.14 ? 70  ILE A O   1 
ATOM   564  C CB  . ILE A 1 69  ? -7.482  -1.649  -17.247 1.00 37.75 ? 70  ILE A CB  1 
ATOM   565  C CG1 . ILE A 1 69  ? -8.406  -0.469  -16.859 1.00 39.96 ? 70  ILE A CG1 1 
ATOM   566  C CG2 . ILE A 1 69  ? -8.293  -2.967  -17.452 1.00 37.05 ? 70  ILE A CG2 1 
ATOM   567  C CD1 . ILE A 1 69  ? -9.285  -0.658  -15.539 1.00 40.75 ? 70  ILE A CD1 1 
ATOM   568  N N   . GLN A 1 70  ? -5.739  -4.243  -16.184 1.00 38.49 ? 71  GLN A N   1 
ATOM   569  C CA  . GLN A 1 70  ? -5.032  -5.505  -16.521 1.00 38.93 ? 71  GLN A CA  1 
ATOM   570  C C   . GLN A 1 70  ? -3.546  -5.579  -16.100 1.00 36.69 ? 71  GLN A C   1 
ATOM   571  O O   . GLN A 1 70  ? -2.809  -6.451  -16.578 1.00 37.23 ? 71  GLN A O   1 
ATOM   572  C CB  . GLN A 1 70  ? -5.167  -5.823  -18.026 1.00 39.35 ? 71  GLN A CB  1 
ATOM   573  C CG  . GLN A 1 70  ? -6.363  -6.690  -18.413 1.00 42.01 ? 71  GLN A CG  1 
ATOM   574  C CD  . GLN A 1 70  ? -6.325  -7.060  -19.907 1.00 43.57 ? 71  GLN A CD  1 
ATOM   575  O OE1 . GLN A 1 70  ? -5.443  -6.600  -20.657 1.00 49.18 ? 71  GLN A OE1 1 
ATOM   576  N NE2 . GLN A 1 70  ? -7.284  -7.874  -20.346 1.00 48.09 ? 71  GLN A NE2 1 
ATOM   577  N N   . ALA A 1 71  ? -3.104  -4.666  -15.236 1.00 33.43 ? 72  ALA A N   1 
ATOM   578  C CA  . ALA A 1 71  ? -1.738  -4.689  -14.716 1.00 30.54 ? 72  ALA A CA  1 
ATOM   579  C C   . ALA A 1 71  ? -1.497  -6.003  -13.947 1.00 29.70 ? 72  ALA A C   1 
ATOM   580  O O   . ALA A 1 71  ? -2.432  -6.574  -13.315 1.00 29.21 ? 72  ALA A O   1 
ATOM   581  C CB  . ALA A 1 71  ? -1.482  -3.455  -13.823 1.00 28.93 ? 72  ALA A CB  1 
ATOM   582  N N   . CYS A 1 72  ? -0.264  -6.495  -13.958 1.00 28.31 ? 73  CYS A N   1 
ATOM   583  C CA  . CYS A 1 72  ? -0.005  -7.707  -13.174 1.00 27.79 ? 73  CYS A CA  1 
ATOM   584  C C   . CYS A 1 72  ? -0.429  -7.542  -11.722 1.00 29.81 ? 73  CYS A C   1 
ATOM   585  O O   . CYS A 1 72  ? -0.963  -8.471  -11.126 1.00 30.34 ? 73  CYS A O   1 
ATOM   586  C CB  . CYS A 1 72  ? 1.476   -8.144  -13.271 1.00 28.85 ? 73  CYS A CB  1 
ATOM   587  S SG  . CYS A 1 72  ? 1.915   -8.872  -14.941 0.50 15.79 ? 73  CYS A SG  1 
ATOM   588  N N   . LYS A 1 73  ? -0.208  -6.352  -11.148 1.00 30.25 ? 74  LYS A N   1 
ATOM   589  C CA  . LYS A 1 73  ? -0.487  -6.159  -9.746  1.00 30.44 ? 74  LYS A CA  1 
ATOM   590  C C   . LYS A 1 73  ? -1.695  -5.195  -9.561  1.00 30.16 ? 74  LYS A C   1 
ATOM   591  O O   . LYS A 1 73  ? -1.701  -4.366  -8.630  1.00 29.01 ? 74  LYS A O   1 
ATOM   592  C CB  . LYS A 1 73  ? 0.781   -5.666  -9.028  1.00 30.48 ? 74  LYS A CB  1 
ATOM   593  C CG  . LYS A 1 73  ? 1.930   -6.720  -8.877  1.00 31.14 ? 74  LYS A CG  1 
ATOM   594  C CD  . LYS A 1 73  ? 2.948   -6.172  -7.790  1.00 32.81 ? 74  LYS A CD  1 
ATOM   595  C CE  . LYS A 1 73  ? 4.216   -7.116  -7.495  1.00 32.30 ? 74  LYS A CE  1 
ATOM   596  N NZ  . LYS A 1 73  ? 3.783   -8.389  -6.780  1.00 27.56 ? 74  LYS A NZ  1 
ATOM   597  N N   . GLU A 1 74  ? -2.711  -5.329  -10.422 1.00 29.72 ? 75  GLU A N   1 
ATOM   598  C CA  . GLU A 1 74  ? -3.818  -4.323  -10.451 1.00 31.18 ? 75  GLU A CA  1 
ATOM   599  C C   . GLU A 1 74  ? -4.562  -4.147  -9.122  1.00 28.31 ? 75  GLU A C   1 
ATOM   600  O O   . GLU A 1 74  ? -5.055  -5.094  -8.546  1.00 27.75 ? 75  GLU A O   1 
ATOM   601  C CB  . GLU A 1 74  ? -4.809  -4.584  -11.595 1.00 30.34 ? 75  GLU A CB  1 
ATOM   602  C CG  . GLU A 1 74  ? -5.860  -3.492  -11.794 1.00 32.93 ? 75  GLU A CG  1 
ATOM   603  C CD  . GLU A 1 74  ? -6.889  -3.869  -12.863 1.00 34.20 ? 75  GLU A CD  1 
ATOM   604  O OE1 . GLU A 1 74  ? -6.710  -4.895  -13.560 1.00 38.25 ? 75  GLU A OE1 1 
ATOM   605  O OE2 . GLU A 1 74  ? -7.880  -3.133  -13.013 1.00 38.16 ? 75  GLU A OE2 1 
ATOM   606  N N   . VAL A 1 75  ? -4.546  -2.934  -8.602  1.00 27.04 ? 76  VAL A N   1 
ATOM   607  C CA  . VAL A 1 75  ? -5.262  -2.659  -7.324  1.00 25.35 ? 76  VAL A CA  1 
ATOM   608  C C   . VAL A 1 75  ? -6.681  -2.132  -7.560  1.00 26.55 ? 76  VAL A C   1 
ATOM   609  O O   . VAL A 1 75  ? -6.963  -1.575  -8.616  1.00 25.56 ? 76  VAL A O   1 
ATOM   610  C CB  . VAL A 1 75  ? -4.453  -1.666  -6.408  1.00 26.13 ? 76  VAL A CB  1 
ATOM   611  C CG1 . VAL A 1 75  ? -3.081  -2.289  -5.999  1.00 19.03 ? 76  VAL A CG1 1 
ATOM   612  C CG2 . VAL A 1 75  ? -4.344  -0.227  -7.070  1.00 18.59 ? 76  VAL A CG2 1 
ATOM   613  N N   . ASN A 1 76  ? -7.572  -2.308  -6.584  1.00 28.30 ? 77  ASN A N   1 
ATOM   614  C CA  . ASN A 1 76  ? -8.977  -1.895  -6.768  1.00 29.64 ? 77  ASN A CA  1 
ATOM   615  C C   . ASN A 1 76  ? -9.173  -0.358  -6.704  1.00 28.56 ? 77  ASN A C   1 
ATOM   616  O O   . ASN A 1 76  ? -9.428  0.159   -5.628  1.00 27.71 ? 77  ASN A O   1 
ATOM   617  C CB  . ASN A 1 76  ? -9.899  -2.581  -5.727  1.00 32.21 ? 77  ASN A CB  1 
ATOM   618  C CG  . ASN A 1 76  ? -11.429 -2.388  -6.062  1.00 35.50 ? 77  ASN A CG  1 
ATOM   619  O OD1 . ASN A 1 76  ? -11.789 -2.090  -7.197  1.00 37.28 ? 77  ASN A OD1 1 
ATOM   620  N ND2 . ASN A 1 76  ? -12.293 -2.595  -5.078  1.00 39.33 ? 77  ASN A ND2 1 
ATOM   621  N N   . LEU A 1 77  ? -9.025  0.325   -7.837  1.00 27.33 ? 78  LEU A N   1 
ATOM   622  C CA  . LEU A 1 77  ? -9.222  1.762   -7.953  1.00 28.68 ? 78  LEU A CA  1 
ATOM   623  C C   . LEU A 1 77  ? -10.442 2.156   -8.828  1.00 28.57 ? 78  LEU A C   1 
ATOM   624  O O   . LEU A 1 77  ? -10.732 1.512   -9.819  1.00 29.41 ? 78  LEU A O   1 
ATOM   625  C CB  . LEU A 1 77  ? -7.939  2.460   -8.494  1.00 27.67 ? 78  LEU A CB  1 
ATOM   626  C CG  . LEU A 1 77  ? -6.573  2.613   -7.747  1.00 26.62 ? 78  LEU A CG  1 
ATOM   627  C CD1 . LEU A 1 77  ? -5.688  3.486   -8.610  1.00 29.58 ? 78  LEU A CD1 1 
ATOM   628  C CD2 . LEU A 1 77  ? -6.618  3.181   -6.359  1.00 25.41 ? 78  LEU A CD2 1 
ATOM   629  N N   . ASP A 1 78  ? -11.142 3.249   -8.495  1.00 28.95 ? 79  ASP A N   1 
ATOM   630  C CA  . ASP A 1 78  ? -12.267 3.660   -9.345  1.00 28.24 ? 79  ASP A CA  1 
ATOM   631  C C   . ASP A 1 78  ? -11.887 4.458   -10.593 1.00 27.55 ? 79  ASP A C   1 
ATOM   632  O O   . ASP A 1 78  ? -10.710 4.810   -10.806 1.00 27.11 ? 79  ASP A O   1 
ATOM   633  C CB  . ASP A 1 78  ? -13.353 4.332   -8.528  1.00 29.25 ? 79  ASP A CB  1 
ATOM   634  C CG  . ASP A 1 78  ? -12.858 5.428   -7.641  1.00 32.17 ? 79  ASP A CG  1 
ATOM   635  O OD1 . ASP A 1 78  ? -11.722 5.922   -7.657  1.00 31.46 ? 79  ASP A OD1 1 
ATOM   636  O OD2 . ASP A 1 78  ? -13.708 5.834   -6.863  1.00 43.53 ? 79  ASP A OD2 1 
ATOM   637  N N   . SER A 1 79  ? -12.860 4.743   -11.456 1.00 26.98 ? 80  SER A N   1 
ATOM   638  C CA  . SER A 1 79  ? -12.500 5.555   -12.646 1.00 25.93 ? 80  SER A CA  1 
ATOM   639  C C   . SER A 1 79  ? -12.002 6.919   -12.245 1.00 23.80 ? 80  SER A C   1 
ATOM   640  O O   . SER A 1 79  ? -11.005 7.369   -12.785 1.00 26.22 ? 80  SER A O   1 
ATOM   641  C CB  . SER A 1 79  ? -13.652 5.656   -13.645 1.00 26.77 ? 80  SER A CB  1 
ATOM   642  O OG  . SER A 1 79  ? -14.172 4.370   -13.919 1.00 28.32 ? 80  SER A OG  1 
ATOM   643  N N   . TYR A 1 80  ? -12.692 7.589   -11.327 1.00 22.45 ? 81  TYR A N   1 
ATOM   644  C CA  . TYR A 1 80  ? -12.251 8.893   -10.753 1.00 21.59 ? 81  TYR A CA  1 
ATOM   645  C C   . TYR A 1 80  ? -10.721 8.883   -10.331 1.00 20.93 ? 81  TYR A C   1 
ATOM   646  O O   . TYR A 1 80  ? -9.897  9.633   -10.875 1.00 19.88 ? 81  TYR A O   1 
ATOM   647  C CB  . TYR A 1 80  ? -13.227 9.372   -9.611  1.00 21.70 ? 81  TYR A CB  1 
ATOM   648  C CG  . TYR A 1 80  ? -12.705 10.564  -8.817  1.00 24.07 ? 81  TYR A CG  1 
ATOM   649  C CD1 . TYR A 1 80  ? -12.451 11.775  -9.447  1.00 28.44 ? 81  TYR A CD1 1 
ATOM   650  C CD2 . TYR A 1 80  ? -12.398 10.470  -7.458  1.00 27.47 ? 81  TYR A CD2 1 
ATOM   651  C CE1 . TYR A 1 80  ? -11.904 12.887  -8.755  1.00 30.64 ? 81  TYR A CE1 1 
ATOM   652  C CE2 . TYR A 1 80  ? -11.883 11.609  -6.723  1.00 28.19 ? 81  TYR A CE2 1 
ATOM   653  C CZ  . TYR A 1 80  ? -11.606 12.803  -7.394  1.00 30.70 ? 81  TYR A CZ  1 
ATOM   654  O OH  . TYR A 1 80  ? -11.016 13.943  -6.763  1.00 28.97 ? 81  TYR A OH  1 
ATOM   655  N N   . THR A 1 81  ? -10.354 8.019   -9.392  1.00 20.58 ? 82  THR A N   1 
ATOM   656  C CA  . THR A 1 81  ? -8.964  7.899   -8.939  1.00 22.71 ? 82  THR A CA  1 
ATOM   657  C C   . THR A 1 81  ? -8.017  7.424   -10.008 1.00 22.12 ? 82  THR A C   1 
ATOM   658  O O   . THR A 1 81  ? -6.924  7.938   -10.115 1.00 22.90 ? 82  THR A O   1 
ATOM   659  C CB  . THR A 1 81  ? -8.849  6.892   -7.710  1.00 23.05 ? 82  THR A CB  1 
ATOM   660  O OG1 . THR A 1 81  ? -9.796  7.287   -6.717  1.00 26.61 ? 82  THR A OG1 1 
ATOM   661  C CG2 . THR A 1 81  ? -7.423  6.916   -7.088  1.00 23.83 ? 82  THR A CG2 1 
ATOM   662  N N   . ARG A 1 82  ? -8.415  6.423   -10.783 1.00 22.76 ? 83  ARG A N   1 
ATOM   663  C CA  . ARG A 1 82  ? -7.557  5.939   -11.866 1.00 24.15 ? 83  ARG A CA  1 
ATOM   664  C C   . ARG A 1 82  ? -7.225  7.032   -12.863 1.00 22.78 ? 83  ARG A C   1 
ATOM   665  O O   . ARG A 1 82  ? -6.038  7.222   -13.170 1.00 23.16 ? 83  ARG A O   1 
ATOM   666  C CB  . ARG A 1 82  ? -8.142  4.696   -12.562 1.00 25.24 ? 83  ARG A CB  1 
ATOM   667  C CG  . ARG A 1 82  ? -7.276  4.137   -13.693 1.00 30.34 ? 83  ARG A CG  1 
ATOM   668  C CD  . ARG A 1 82  ? -7.574  2.656   -13.875 1.00 39.22 ? 83  ARG A CD  1 
ATOM   669  N NE  . ARG A 1 82  ? -8.988  2.572   -14.205 1.00 48.37 ? 83  ARG A NE  1 
ATOM   670  C CZ  . ARG A 1 82  ? -9.932  1.942   -13.509 1.00 49.74 ? 83  ARG A CZ  1 
ATOM   671  N NH1 . ARG A 1 82  ? -9.627  1.230   -12.417 1.00 51.33 ? 83  ARG A NH1 1 
ATOM   672  N NH2 . ARG A 1 82  ? -11.191 2.034   -13.939 1.00 48.20 ? 83  ARG A NH2 1 
ATOM   673  N N   . GLU A 1 83  ? -8.248  7.745   -13.356 1.00 21.77 ? 84  GLU A N   1 
ATOM   674  C CA  . GLU A 1 83  ? -8.033  8.891   -14.271 1.00 21.83 ? 84  GLU A CA  1 
ATOM   675  C C   . GLU A 1 83  ? -7.259  10.026  -13.675 1.00 21.40 ? 84  GLU A C   1 
ATOM   676  O O   . GLU A 1 83  ? -6.418  10.620  -14.343 1.00 22.70 ? 84  GLU A O   1 
ATOM   677  C CB  . GLU A 1 83  ? -9.342  9.514   -14.789 1.00 21.95 ? 84  GLU A CB  1 
ATOM   678  C CG  . GLU A 1 83  ? -10.116 8.673   -15.710 1.00 22.83 ? 84  GLU A CG  1 
ATOM   679  C CD  . GLU A 1 83  ? -9.449  8.503   -17.084 1.00 26.84 ? 84  GLU A CD  1 
ATOM   680  O OE1 . GLU A 1 83  ? -9.034  9.497   -17.795 1.00 24.61 ? 84  GLU A OE1 1 
ATOM   681  O OE2 . GLU A 1 83  ? -9.426  7.327   -17.463 1.00 30.52 ? 84  GLU A OE2 1 
ATOM   682  N N   . HIS A 1 84  ? -7.580  10.380  -12.452 1.00 22.18 ? 85  HIS A N   1 
ATOM   683  C CA  . HIS A 1 84  ? -6.832  11.435  -11.731 1.00 22.92 ? 85  HIS A CA  1 
ATOM   684  C C   . HIS A 1 84  ? -5.369  11.111  -11.761 1.00 22.84 ? 85  HIS A C   1 
ATOM   685  O O   . HIS A 1 84  ? -4.544  11.928  -12.152 1.00 23.62 ? 85  HIS A O   1 
ATOM   686  C CB  . HIS A 1 84  ? -7.318  11.562  -10.291 1.00 22.17 ? 85  HIS A CB  1 
ATOM   687  C CG  . HIS A 1 84  ? -6.411  12.365  -9.418  1.00 25.20 ? 85  HIS A CG  1 
ATOM   688  N ND1 . HIS A 1 84  ? -6.624  13.701  -9.161  1.00 25.40 ? 85  HIS A ND1 1 
ATOM   689  C CD2 . HIS A 1 84  ? -5.304  12.019  -8.715  1.00 28.21 ? 85  HIS A CD2 1 
ATOM   690  C CE1 . HIS A 1 84  ? -5.668  14.158  -8.373  1.00 29.10 ? 85  HIS A CE1 1 
ATOM   691  N NE2 . HIS A 1 84  ? -4.839  13.163  -8.099  1.00 29.38 ? 85  HIS A NE2 1 
ATOM   692  N N   . THR A 1 85  ? -5.048  9.891   -11.363 1.00 23.74 ? 86  THR A N   1 
ATOM   693  C CA  . THR A 1 85  ? -3.662  9.475   -11.273 1.00 23.74 ? 86  THR A CA  1 
ATOM   694  C C   . THR A 1 85  ? -2.933  9.522   -12.587 1.00 25.77 ? 86  THR A C   1 
ATOM   695  O O   . THR A 1 85  ? -1.777  9.955   -12.628 1.00 26.04 ? 86  THR A O   1 
ATOM   696  C CB  . THR A 1 85  ? -3.530  8.080   -10.721 1.00 23.23 ? 86  THR A CB  1 
ATOM   697  O OG1 . THR A 1 85  ? -4.306  7.989   -9.516  1.00 20.78 ? 86  THR A OG1 1 
ATOM   698  C CG2 . THR A 1 85  ? -2.054  7.807   -10.412 1.00 19.39 ? 86  THR A CG2 1 
ATOM   699  N N   . LYS A 1 86  ? -3.590  8.977   -13.619 1.00 27.20 ? 87  LYS A N   1 
ATOM   700  C CA  . LYS A 1 86  ? -3.155  9.011   -15.007 1.00 29.42 ? 87  LYS A CA  1 
ATOM   701  C C   . LYS A 1 86  ? -2.883  10.434  -15.527 1.00 29.13 ? 87  LYS A C   1 
ATOM   702  O O   . LYS A 1 86  ? -1.893  10.672  -16.210 1.00 29.71 ? 87  LYS A O   1 
ATOM   703  C CB  . LYS A 1 86  ? -4.213  8.345   -15.912 1.00 29.80 ? 87  LYS A CB  1 
ATOM   704  C CG  . LYS A 1 86  ? -3.749  8.264   -17.371 1.00 33.88 ? 87  LYS A CG  1 
ATOM   705  C CD  . LYS A 1 86  ? -4.650  7.320   -18.186 1.00 39.15 ? 87  LYS A CD  1 
ATOM   706  C CE  . LYS A 1 86  ? -4.460  7.558   -19.692 1.00 39.96 ? 87  LYS A CE  1 
ATOM   707  N NZ  . LYS A 1 86  ? -5.067  8.881   -20.124 1.00 41.46 ? 87  LYS A NZ  1 
ATOM   708  N N   . ASP A 1 87  ? -3.796  11.342  -15.251 1.00 29.69 ? 88  ASP A N   1 
ATOM   709  C CA  . ASP A 1 87  ? -3.605  12.770  -15.549 1.00 31.67 ? 88  ASP A CA  1 
ATOM   710  C C   . ASP A 1 87  ? -2.281  13.307  -14.999 1.00 32.47 ? 88  ASP A C   1 
ATOM   711  O O   . ASP A 1 87  ? -1.533  13.971  -15.723 1.00 34.78 ? 88  ASP A O   1 
ATOM   712  C CB  . ASP A 1 87  ? -4.770  13.580  -14.948 1.00 31.11 ? 88  ASP A CB  1 
ATOM   713  C CG  . ASP A 1 87  ? -6.107  13.354  -15.685 1.00 33.02 ? 88  ASP A CG  1 
ATOM   714  O OD1 . ASP A 1 87  ? -6.076  12.936  -16.880 1.00 28.19 ? 88  ASP A OD1 1 
ATOM   715  O OD2 . ASP A 1 87  ? -7.176  13.629  -15.046 1.00 36.82 ? 88  ASP A OD2 1 
ATOM   716  N N   . ASN A 1 88  ? -1.995  12.989  -13.725 1.00 32.43 ? 89  ASN A N   1 
ATOM   717  C CA  . ASN A 1 88  ? -0.819  13.427  -12.942 1.00 31.29 ? 89  ASN A CA  1 
ATOM   718  C C   . ASN A 1 88  ? 0.483   12.986  -13.498 1.00 32.31 ? 89  ASN A C   1 
ATOM   719  O O   . ASN A 1 88  ? 1.531   13.492  -13.133 1.00 32.86 ? 89  ASN A O   1 
ATOM   720  C CB  . ASN A 1 88  ? -0.879  12.808  -11.546 1.00 31.30 ? 89  ASN A CB  1 
ATOM   721  C CG  . ASN A 1 88  ? -1.976  13.384  -10.686 1.00 28.89 ? 89  ASN A CG  1 
ATOM   722  O OD1 . ASN A 1 88  ? -2.622  14.391  -11.054 1.00 26.68 ? 89  ASN A OD1 1 
ATOM   723  N ND2 . ASN A 1 88  ? -2.231  12.732  -9.559  1.00 20.13 ? 89  ASN A ND2 1 
ATOM   724  N N   . LEU A 1 89  ? 0.442   11.982  -14.348 1.00 33.10 ? 90  LEU A N   1 
ATOM   725  C CA  . LEU A 1 89  ? 1.656   11.505  -14.986 1.00 33.55 ? 90  LEU A CA  1 
ATOM   726  C C   . LEU A 1 89  ? 2.283   12.499  -16.015 1.00 33.94 ? 90  LEU A C   1 
ATOM   727  O O   . LEU A 1 89  ? 3.437   12.308  -16.452 1.00 33.79 ? 90  LEU A O   1 
ATOM   728  C CB  . LEU A 1 89  ? 1.365   10.161  -15.639 1.00 32.59 ? 90  LEU A CB  1 
ATOM   729  C CG  . LEU A 1 89  ? 1.119   8.927   -14.751 1.00 32.75 ? 90  LEU A CG  1 
ATOM   730  C CD1 . LEU A 1 89  ? 0.888   7.766   -15.736 1.00 32.29 ? 90  LEU A CD1 1 
ATOM   731  C CD2 . LEU A 1 89  ? 2.223   8.587   -13.679 1.00 29.63 ? 90  LEU A CD2 1 
ATOM   732  N N   . GLN A 1 90  ? 1.526   13.522  -16.412 1.00 33.94 ? 91  GLN A N   1 
ATOM   733  C CA  . GLN A 1 90  ? 1.999   14.465  -17.436 1.00 35.52 ? 91  GLN A CA  1 
ATOM   734  C C   . GLN A 1 90  ? 2.976   15.435  -16.827 1.00 35.07 ? 91  GLN A C   1 
ATOM   735  O O   . GLN A 1 90  ? 3.938   15.840  -17.459 1.00 36.82 ? 91  GLN A O   1 
ATOM   736  C CB  . GLN A 1 90  ? 0.833   15.227  -18.126 1.00 35.98 ? 91  GLN A CB  1 
ATOM   737  C CG  . GLN A 1 90  ? -0.215  14.361  -18.891 1.00 39.28 ? 91  GLN A CG  1 
ATOM   738  C CD  . GLN A 1 90  ? 0.362   13.180  -19.763 1.00 44.11 ? 91  GLN A CD  1 
ATOM   739  O OE1 . GLN A 1 90  ? 1.568   13.088  -20.049 1.00 46.31 ? 91  GLN A OE1 1 
ATOM   740  N NE2 . GLN A 1 90  ? -0.529  12.281  -20.176 1.00 44.40 ? 91  GLN A NE2 1 
ATOM   741  N N   . SER A 1 91  ? 2.721   15.809  -15.578 1.00 34.72 ? 92  SER A N   1 
ATOM   742  C CA  . SER A 1 91  ? 3.643   16.619  -14.793 1.00 32.72 ? 92  SER A CA  1 
ATOM   743  C C   . SER A 1 91  ? 3.742   16.087  -13.378 1.00 31.10 ? 92  SER A C   1 
ATOM   744  O O   . SER A 1 91  ? 3.075   16.559  -12.496 1.00 31.36 ? 92  SER A O   1 
ATOM   745  C CB  . SER A 1 91  ? 3.175   18.058  -14.781 1.00 32.51 ? 92  SER A CB  1 
ATOM   746  O OG  . SER A 1 91  ? 4.153   18.898  -14.234 1.00 32.38 ? 92  SER A OG  1 
ATOM   747  N N   . VAL A 1 92  ? 4.573   15.078  -13.190 1.00 31.06 ? 93  VAL A N   1 
ATOM   748  C CA  . VAL A 1 92  ? 4.829   14.453  -11.875 1.00 29.86 ? 93  VAL A CA  1 
ATOM   749  C C   . VAL A 1 92  ? 5.367   15.395  -10.742 1.00 30.37 ? 93  VAL A C   1 
ATOM   750  O O   . VAL A 1 92  ? 6.245   16.228  -10.916 1.00 29.66 ? 93  VAL A O   1 
ATOM   751  C CB  . VAL A 1 92  ? 5.640   13.141  -12.052 1.00 29.37 ? 93  VAL A CB  1 
ATOM   752  C CG1 . VAL A 1 92  ? 5.926   12.440  -10.743 1.00 27.76 ? 93  VAL A CG1 1 
ATOM   753  C CG2 . VAL A 1 92  ? 4.887   12.194  -12.975 1.00 29.71 ? 93  VAL A CG2 1 
ATOM   754  N N   . THR A 1 93  ? 4.758   15.263  -9.578  1.00 30.22 ? 94  THR A N   1 
ATOM   755  C CA  . THR A 1 93  ? 5.157   15.939  -8.371  1.00 29.65 ? 94  THR A CA  1 
ATOM   756  C C   . THR A 1 93  ? 4.885   14.856  -7.334  1.00 31.08 ? 94  THR A C   1 
ATOM   757  O O   . THR A 1 93  ? 4.382   13.757  -7.674  1.00 33.24 ? 94  THR A O   1 
ATOM   758  C CB  . THR A 1 93  ? 4.322   17.194  -8.084  1.00 30.54 ? 94  THR A CB  1 
ATOM   759  O OG1 . THR A 1 93  ? 3.056   16.817  -7.503  1.00 26.58 ? 94  THR A OG1 1 
ATOM   760  C CG2 . THR A 1 93  ? 4.129   18.126  -9.382  1.00 27.06 ? 94  THR A CG2 1 
ATOM   761  N N   . ARG A 1 94  ? 5.214   15.115  -6.080  1.00 31.64 ? 95  ARG A N   1 
ATOM   762  C CA  . ARG A 1 94  ? 5.128   14.085  -5.037  1.00 31.26 ? 95  ARG A CA  1 
ATOM   763  C C   . ARG A 1 94  ? 3.694   13.788  -4.529  1.00 28.09 ? 95  ARG A C   1 
ATOM   764  O O   . ARG A 1 94  ? 3.481   12.799  -3.810  1.00 26.75 ? 95  ARG A O   1 
ATOM   765  C CB  . ARG A 1 94  ? 6.104   14.418  -3.902  1.00 31.82 ? 95  ARG A CB  1 
ATOM   766  C CG  . ARG A 1 94  ? 7.524   13.781  -4.129  1.00 36.42 ? 95  ARG A CG  1 
ATOM   767  C CD  . ARG A 1 94  ? 8.548   14.249  -3.011  1.00 37.61 ? 95  ARG A CD  1 
ATOM   768  N NE  . ARG A 1 94  ? 9.873   14.568  -3.560  1.00 46.52 ? 95  ARG A NE  1 
ATOM   769  C CZ  . ARG A 1 94  ? 10.178  15.722  -4.180  1.00 51.64 ? 95  ARG A CZ  1 
ATOM   770  N NH1 . ARG A 1 94  ? 9.259   16.675  -4.334  1.00 52.97 ? 95  ARG A NH1 1 
ATOM   771  N NH2 . ARG A 1 94  ? 11.412  15.943  -4.638  1.00 53.68 ? 95  ARG A NH2 1 
ATOM   772  N N   . GLY A 1 95  ? 2.725   14.630  -4.912  1.00 25.71 ? 96  GLY A N   1 
ATOM   773  C CA  . GLY A 1 95  ? 1.293   14.331  -4.672  1.00 23.24 ? 96  GLY A CA  1 
ATOM   774  C C   . GLY A 1 95  ? 0.627   13.389  -5.678  1.00 22.10 ? 96  GLY A C   1 
ATOM   775  O O   . GLY A 1 95  ? -0.597  13.121  -5.548  1.00 21.76 ? 96  GLY A O   1 
ATOM   776  N N   . CYS A 1 96  ? 1.411   12.881  -6.657  1.00 21.30 ? 97  CYS A N   1 
ATOM   777  C CA  . CYS A 1 96  ? 0.879   12.083  -7.814  1.00 21.62 ? 97  CYS A CA  1 
ATOM   778  C C   . CYS A 1 96  ? -0.075  10.923  -7.423  1.00 21.78 ? 97  CYS A C   1 
ATOM   779  O O   . CYS A 1 96  ? -1.115  10.739  -8.053  1.00 23.60 ? 97  CYS A O   1 
ATOM   780  C CB  . CYS A 1 96  ? 2.035   11.629  -8.723  1.00 20.63 ? 97  CYS A CB  1 
ATOM   781  S SG  . CYS A 1 96  ? 1.725   10.540  -10.171 1.00 22.56 ? 97  CYS A SG  1 
ATOM   782  N N   . PHE A 1 97  ? 0.271   10.186  -6.352  1.00 21.77 ? 98  PHE A N   1 
ATOM   783  C CA  . PHE A 1 97  ? -0.464  9.008   -5.896  1.00 21.72 ? 98  PHE A CA  1 
ATOM   784  C C   . PHE A 1 97  ? -1.258  9.239   -4.588  1.00 21.25 ? 98  PHE A C   1 
ATOM   785  O O   . PHE A 1 97  ? -1.782  8.311   -4.065  1.00 21.13 ? 98  PHE A O   1 
ATOM   786  C CB  . PHE A 1 97  ? 0.485   7.803   -5.715  1.00 20.81 ? 98  PHE A CB  1 
ATOM   787  C CG  . PHE A 1 97  ? 1.198   7.438   -6.957  1.00 21.19 ? 98  PHE A CG  1 
ATOM   788  C CD1 . PHE A 1 97  ? 0.519   6.777   -8.002  1.00 13.98 ? 98  PHE A CD1 1 
ATOM   789  C CD2 . PHE A 1 97  ? 2.547   7.800   -7.130  1.00 21.12 ? 98  PHE A CD2 1 
ATOM   790  C CE1 . PHE A 1 97  ? 1.167   6.457   -9.178  1.00 18.65 ? 98  PHE A CE1 1 
ATOM   791  C CE2 . PHE A 1 97  ? 3.209   7.478   -8.317  1.00 17.36 ? 98  PHE A CE2 1 
ATOM   792  C CZ  . PHE A 1 97  ? 2.531   6.791   -9.341  1.00 18.60 ? 98  PHE A CZ  1 
ATOM   793  N N   . ASP A 1 98  ? -1.331  10.458  -4.075  1.00 21.38 ? 99  ASP A N   1 
ATOM   794  C CA  . ASP A 1 98  ? -1.980  10.689  -2.800  1.00 21.92 ? 99  ASP A CA  1 
ATOM   795  C C   . ASP A 1 98  ? -3.376  10.173  -2.852  1.00 21.18 ? 99  ASP A C   1 
ATOM   796  O O   . ASP A 1 98  ? -3.805  9.476   -1.972  1.00 22.62 ? 99  ASP A O   1 
ATOM   797  C CB  . ASP A 1 98  ? -2.074  12.177  -2.466  1.00 23.18 ? 99  ASP A CB  1 
ATOM   798  C CG  . ASP A 1 98  ? -0.814  12.748  -1.943  1.00 23.99 ? 99  ASP A CG  1 
ATOM   799  O OD1 . ASP A 1 98  ? 0.094   12.007  -1.580  1.00 25.41 ? 99  ASP A OD1 1 
ATOM   800  O OD2 . ASP A 1 98  ? -0.753  13.984  -1.914  1.00 26.38 ? 99  ASP A OD2 1 
ATOM   801  N N   . LEU A 1 99  ? -4.109  10.525  -3.887  1.00 20.82 ? 100 LEU A N   1 
ATOM   802  C CA  . LEU A 1 99  ? -5.483  10.007  -3.964  1.00 21.35 ? 100 LEU A CA  1 
ATOM   803  C C   . LEU A 1 99  ? -5.589  8.478   -4.025  1.00 19.78 ? 100 LEU A C   1 
ATOM   804  O O   . LEU A 1 99  ? -6.350  7.874   -3.273  1.00 16.99 ? 100 LEU A O   1 
ATOM   805  C CB  . LEU A 1 99  ? -6.249  10.712  -5.066  1.00 20.54 ? 100 LEU A CB  1 
ATOM   806  C CG  . LEU A 1 99  ? -7.749  10.484  -5.121  1.00 25.97 ? 100 LEU A CG  1 
ATOM   807  C CD1 . LEU A 1 99  ? -8.511  11.191  -3.950  1.00 25.40 ? 100 LEU A CD1 1 
ATOM   808  C CD2 . LEU A 1 99  ? -8.274  10.956  -6.470  1.00 21.94 ? 100 LEU A CD2 1 
ATOM   809  N N   . ALA A 1 100 ? -4.785  7.864   -4.911  1.00 19.93 ? 101 ALA A N   1 
ATOM   810  C CA  . ALA A 1 100 ? -4.748  6.442   -5.028  1.00 18.81 ? 101 ALA A CA  1 
ATOM   811  C C   . ALA A 1 100 ? -4.315  5.770   -3.736  1.00 19.29 ? 101 ALA A C   1 
ATOM   812  O O   . ALA A 1 100 ? -4.958  4.816   -3.264  1.00 19.47 ? 101 ALA A O   1 
ATOM   813  C CB  . ALA A 1 100 ? -3.899  6.026   -6.212  1.00 18.26 ? 101 ALA A CB  1 
ATOM   814  N N   . GLN A 1 101 ? -3.234  6.278   -3.159  1.00 19.56 ? 102 GLN A N   1 
ATOM   815  C CA  . GLN A 1 101 ? -2.711  5.808   -1.910  1.00 20.47 ? 102 GLN A CA  1 
ATOM   816  C C   . GLN A 1 101 ? -3.717  5.908   -0.771  1.00 20.51 ? 102 GLN A C   1 
ATOM   817  O O   . GLN A 1 101 ? -3.831  4.989   0.074   1.00 20.45 ? 102 GLN A O   1 
ATOM   818  C CB  . GLN A 1 101 ? -1.384  6.549   -1.529  1.00 20.94 ? 102 GLN A CB  1 
ATOM   819  C CG  . GLN A 1 101 ? -0.650  5.747   -0.471  1.00 20.55 ? 102 GLN A CG  1 
ATOM   820  C CD  . GLN A 1 101 ? 0.602   6.412   0.082   1.00 21.32 ? 102 GLN A CD  1 
ATOM   821  O OE1 . GLN A 1 101 ? 0.847   7.567   -0.146  1.00 22.73 ? 102 GLN A OE1 1 
ATOM   822  N NE2 . GLN A 1 101 ? 1.413   5.648   0.770   1.00 17.72 ? 102 GLN A NE2 1 
ATOM   823  N N   . LYS A 1 102 ? -4.460  6.998   -0.706  1.00 20.48 ? 103 LYS A N   1 
ATOM   824  C CA  . LYS A 1 102 ? -5.403  7.030   0.377   1.00 20.99 ? 103 LYS A CA  1 
ATOM   825  C C   . LYS A 1 102 ? -6.584  6.080   0.200   1.00 20.51 ? 103 LYS A C   1 
ATOM   826  O O   . LYS A 1 102 ? -7.003  5.472   1.176   1.00 19.37 ? 103 LYS A O   1 
ATOM   827  C CB  . LYS A 1 102 ? -5.747  8.442   0.824   1.00 21.87 ? 103 LYS A CB  1 
ATOM   828  C CG  . LYS A 1 102 ? -6.642  9.206   -0.085  1.00 30.04 ? 103 LYS A CG  1 
ATOM   829  C CD  . LYS A 1 102 ? -7.454  10.227  0.742   1.00 39.28 ? 103 LYS A CD  1 
ATOM   830  C CE  . LYS A 1 102 ? -8.416  9.515   1.744   1.00 42.64 ? 103 LYS A CE  1 
ATOM   831  N NZ  . LYS A 1 102 ? -9.033  10.471  2.737   1.00 39.65 ? 103 LYS A NZ  1 
ATOM   832  N N   . ARG A 1 103 ? -7.072  5.908   -1.049  1.00 21.40 ? 104 ARG A N   1 
ATOM   833  C CA  . ARG A 1 103 ? -8.108  4.946   -1.344  1.00 21.95 ? 104 ARG A CA  1 
ATOM   834  C C   . ARG A 1 103 ? -7.670  3.536   -0.856  1.00 21.60 ? 104 ARG A C   1 
ATOM   835  O O   . ARG A 1 103 ? -8.428  2.857   -0.150  1.00 22.48 ? 104 ARG A O   1 
ATOM   836  C CB  . ARG A 1 103 ? -8.473  4.958   -2.849  1.00 22.32 ? 104 ARG A CB  1 
ATOM   837  C CG  . ARG A 1 103 ? -9.863  4.218   -3.185  1.00 25.59 ? 104 ARG A CG  1 
ATOM   838  C CD  . ARG A 1 103 ? -9.906  3.603   -4.622  1.00 26.88 ? 104 ARG A CD  1 
ATOM   839  N NE  . ARG A 1 103 ? -10.826 2.431   -4.771  1.00 36.70 ? 104 ARG A NE  1 
ATOM   840  C CZ  . ARG A 1 103 ? -12.176 2.465   -4.885  1.00 41.92 ? 104 ARG A CZ  1 
ATOM   841  N NH1 . ARG A 1 103 ? -12.861 3.619   -4.823  1.00 39.92 ? 104 ARG A NH1 1 
ATOM   842  N NH2 . ARG A 1 103 ? -12.850 1.322   -5.066  1.00 43.80 ? 104 ARG A NH2 1 
ATOM   843  N N   . ILE A 1 104 ? -6.450  3.107   -1.218  1.00 20.18 ? 105 ILE A N   1 
ATOM   844  C CA  . ILE A 1 104 ? -5.947  1.769   -0.871  1.00 19.94 ? 105 ILE A CA  1 
ATOM   845  C C   . ILE A 1 104 ? -5.598  1.616   0.596   1.00 18.84 ? 105 ILE A C   1 
ATOM   846  O O   . ILE A 1 104 ? -5.923  0.609   1.181   1.00 18.89 ? 105 ILE A O   1 
ATOM   847  C CB  . ILE A 1 104 ? -4.719  1.339   -1.769  1.00 20.59 ? 105 ILE A CB  1 
ATOM   848  C CG1 . ILE A 1 104 ? -5.137  1.263   -3.239  1.00 21.44 ? 105 ILE A CG1 1 
ATOM   849  C CG2 . ILE A 1 104 ? -4.046  -0.002  -1.272  1.00 17.42 ? 105 ILE A CG2 1 
ATOM   850  C CD1 . ILE A 1 104 ? -6.332  0.443   -3.577  1.00 21.91 ? 105 ILE A CD1 1 
ATOM   851  N N   . PHE A 1 105 ? -4.991  2.640   1.201   1.00 20.19 ? 106 PHE A N   1 
ATOM   852  C CA  . PHE A 1 105 ? -4.912  2.730   2.664   1.00 19.69 ? 106 PHE A CA  1 
ATOM   853  C C   . PHE A 1 105 ? -6.276  2.502   3.307   1.00 20.14 ? 106 PHE A C   1 
ATOM   854  O O   . PHE A 1 105 ? -6.412  1.740   4.285   1.00 19.79 ? 106 PHE A O   1 
ATOM   855  C CB  . PHE A 1 105 ? -4.349  4.080   3.154   1.00 19.98 ? 106 PHE A CB  1 
ATOM   856  C CG  . PHE A 1 105 ? -4.181  4.128   4.670   1.00 21.10 ? 106 PHE A CG  1 
ATOM   857  C CD1 . PHE A 1 105 ? -3.022  3.664   5.265   1.00 23.19 ? 106 PHE A CD1 1 
ATOM   858  C CD2 . PHE A 1 105 ? -5.255  4.506   5.501   1.00 23.59 ? 106 PHE A CD2 1 
ATOM   859  C CE1 . PHE A 1 105 ? -2.882  3.661   6.667   1.00 25.99 ? 106 PHE A CE1 1 
ATOM   860  C CE2 . PHE A 1 105 ? -5.143  4.537   6.871   1.00 23.84 ? 106 PHE A CE2 1 
ATOM   861  C CZ  . PHE A 1 105 ? -3.959  4.087   7.477   1.00 25.28 ? 106 PHE A CZ  1 
ATOM   862  N N   . GLY A 1 106 ? -7.288  3.193   2.790   1.00 21.26 ? 107 GLY A N   1 
ATOM   863  C CA  . GLY A 1 106 ? -8.631  3.030   3.310   1.00 22.16 ? 107 GLY A CA  1 
ATOM   864  C C   . GLY A 1 106 ? -9.171  1.613   3.274   1.00 22.90 ? 107 GLY A C   1 
ATOM   865  O O   . GLY A 1 106 ? -9.765  1.181   4.232   1.00 24.61 ? 107 GLY A O   1 
ATOM   866  N N   . LEU A 1 107 ? -9.010  0.907   2.158   1.00 23.63 ? 108 LEU A N   1 
ATOM   867  C CA  . LEU A 1 107 ? -9.367  -0.499  2.080   1.00 24.93 ? 108 LEU A CA  1 
ATOM   868  C C   . LEU A 1 107 ? -8.622  -1.367  3.102   1.00 24.99 ? 108 LEU A C   1 
ATOM   869  O O   . LEU A 1 107 ? -9.219  -2.252  3.722   1.00 27.05 ? 108 LEU A O   1 
ATOM   870  C CB  . LEU A 1 107 ? -9.108  -1.093  0.658   1.00 25.07 ? 108 LEU A CB  1 
ATOM   871  C CG  . LEU A 1 107 ? -9.905  -0.554  -0.542  1.00 29.83 ? 108 LEU A CG  1 
ATOM   872  C CD1 . LEU A 1 107 ? -9.476  -1.215  -1.905  1.00 32.02 ? 108 LEU A CD1 1 
ATOM   873  C CD2 . LEU A 1 107 ? -11.464 -0.607  -0.329  1.00 30.28 ? 108 LEU A CD2 1 
ATOM   874  N N   . MET A 1 108 ? -7.330  -1.176  3.294   1.00 23.46 ? 109 MET A N   1 
ATOM   875  C CA  . MET A 1 108 ? -6.690  -2.032  4.281   1.00 23.21 ? 109 MET A CA  1 
ATOM   876  C C   . MET A 1 108 ? -7.173  -1.698  5.665   1.00 23.90 ? 109 MET A C   1 
ATOM   877  O O   . MET A 1 108 ? -7.407  -2.575  6.481   1.00 24.12 ? 109 MET A O   1 
ATOM   878  C CB  . MET A 1 108 ? -5.157  -1.928  4.247   1.00 22.90 ? 109 MET A CB  1 
ATOM   879  C CG  . MET A 1 108 ? -4.533  -2.258  2.860   1.00 23.09 ? 109 MET A CG  1 
ATOM   880  S SD  . MET A 1 108 ? -2.739  -2.194  2.919   1.00 21.07 ? 109 MET A SD  1 
ATOM   881  C CE  . MET A 1 108 ? -2.267  -0.462  2.576   1.00 15.34 ? 109 MET A CE  1 
ATOM   882  N N   . GLU A 1 109 ? -7.261  -0.415  5.961   1.00 24.96 ? 110 GLU A N   1 
ATOM   883  C CA  . GLU A 1 109 ? -7.586  0.022   7.320   1.00 26.77 ? 110 GLU A CA  1 
ATOM   884  C C   . GLU A 1 109 ? -8.935  -0.525  7.797   1.00 26.02 ? 110 GLU A C   1 
ATOM   885  O O   . GLU A 1 109 ? -9.065  -0.933  8.906   1.00 26.10 ? 110 GLU A O   1 
ATOM   886  C CB  . GLU A 1 109 ? -7.526  1.573   7.431   1.00 25.00 ? 110 GLU A CB  1 
ATOM   887  C CG  . GLU A 1 109 ? -7.799  2.094   8.822   1.00 29.18 ? 110 GLU A CG  1 
ATOM   888  C CD  . GLU A 1 109 ? -8.114  3.618   8.874   1.00 29.98 ? 110 GLU A CD  1 
ATOM   889  O OE1 . GLU A 1 109 ? -8.795  4.163   7.956   1.00 33.78 ? 110 GLU A OE1 1 
ATOM   890  O OE2 . GLU A 1 109 ? -7.663  4.249   9.841   1.00 35.07 ? 110 GLU A OE2 1 
ATOM   891  N N   . LYS A 1 110 ? -9.909  -0.553  6.911   1.00 28.19 ? 111 LYS A N   1 
ATOM   892  C CA  . LYS A 1 110 ? -11.286 -0.856  7.232   1.00 30.10 ? 111 LYS A CA  1 
ATOM   893  C C   . LYS A 1 110 ? -11.572 -2.350  7.057   1.00 28.96 ? 111 LYS A C   1 
ATOM   894  O O   . LYS A 1 110 ? -12.327 -2.929  7.829   1.00 28.32 ? 111 LYS A O   1 
ATOM   895  C CB  . LYS A 1 110 ? -12.159 0.012   6.294   1.00 30.86 ? 111 LYS A CB  1 
ATOM   896  C CG  . LYS A 1 110 ? -13.644 -0.265  6.252   1.00 33.76 ? 111 LYS A CG  1 
ATOM   897  C CD  . LYS A 1 110 ? -14.354 0.530   5.100   1.00 34.14 ? 111 LYS A CD  1 
ATOM   898  C CE  . LYS A 1 110 ? -15.869 0.121   5.034   1.00 39.57 ? 111 LYS A CE  1 
ATOM   899  N NZ  . LYS A 1 110 ? -16.007 -1.210  4.296   1.00 44.62 ? 111 LYS A NZ  1 
ATOM   900  N N   . ASP A 1 111 ? -10.949 -2.972  6.056   1.00 27.86 ? 112 ASP A N   1 
ATOM   901  C CA  . ASP A 1 111 ? -11.230 -4.386  5.708   1.00 26.54 ? 112 ASP A CA  1 
ATOM   902  C C   . ASP A 1 111 ? -10.240 -5.421  6.209   1.00 24.51 ? 112 ASP A C   1 
ATOM   903  O O   . ASP A 1 111 ? -10.551 -6.158  7.110   1.00 24.58 ? 112 ASP A O   1 
ATOM   904  C CB  . ASP A 1 111 ? -11.443 -4.529  4.221   1.00 26.68 ? 112 ASP A CB  1 
ATOM   905  C CG  . ASP A 1 111 ? -12.597 -3.673  3.723   1.00 32.97 ? 112 ASP A CG  1 
ATOM   906  O OD1 . ASP A 1 111 ? -13.600 -3.535  4.477   1.00 35.17 ? 112 ASP A OD1 1 
ATOM   907  O OD2 . ASP A 1 111 ? -12.485 -3.102  2.601   1.00 35.71 ? 112 ASP A OD2 1 
ATOM   908  N N   . SER A 1 112 ? -9.037  -5.460  5.646   1.00 23.72 ? 113 SER A N   1 
ATOM   909  C CA  . SER A 1 112 ? -8.093  -6.566  5.880   1.00 22.37 ? 113 SER A CA  1 
ATOM   910  C C   . SER A 1 112 ? -7.277  -6.424  7.137   1.00 21.87 ? 113 SER A C   1 
ATOM   911  O O   . SER A 1 112 ? -6.799  -7.413  7.718   1.00 22.73 ? 113 SER A O   1 
ATOM   912  C CB  . SER A 1 112 ? -7.193  -6.720  4.668   1.00 23.34 ? 113 SER A CB  1 
ATOM   913  O OG  . SER A 1 112 ? -6.411  -5.565  4.508   1.00 24.91 ? 113 SER A OG  1 
ATOM   914  N N   . TYR A 1 113 ? -7.162  -5.199  7.613   1.00 21.48 ? 114 TYR A N   1 
ATOM   915  C CA  . TYR A 1 113 ? -6.415  -4.958  8.853   1.00 22.45 ? 114 TYR A CA  1 
ATOM   916  C C   . TYR A 1 113 ? -7.101  -5.507  10.148  1.00 20.81 ? 114 TYR A C   1 
ATOM   917  O O   . TYR A 1 113 ? -6.497  -6.186  10.955  1.00 21.01 ? 114 TYR A O   1 
ATOM   918  C CB  . TYR A 1 113 ? -5.967  -3.456  8.942   1.00 21.46 ? 114 TYR A CB  1 
ATOM   919  C CG  . TYR A 1 113 ? -5.351  -3.097  10.266  1.00 19.01 ? 114 TYR A CG  1 
ATOM   920  C CD1 . TYR A 1 113 ? -4.077  -3.568  10.620  1.00 19.67 ? 114 TYR A CD1 1 
ATOM   921  C CD2 . TYR A 1 113 ? -6.057  -2.316  11.184  1.00 18.29 ? 114 TYR A CD2 1 
ATOM   922  C CE1 . TYR A 1 113 ? -3.502  -3.227  11.847  1.00 19.67 ? 114 TYR A CE1 1 
ATOM   923  C CE2 . TYR A 1 113 ? -5.520  -1.973  12.420  1.00 15.75 ? 114 TYR A CE2 1 
ATOM   924  C CZ  . TYR A 1 113 ? -4.241  -2.408  12.750  1.00 19.95 ? 114 TYR A CZ  1 
ATOM   925  O OH  . TYR A 1 113 ? -3.709  -2.061  13.969  1.00 15.77 ? 114 TYR A OH  1 
ATOM   926  N N   . PRO A 1 114 ? -8.386  -5.226  10.331  1.00 22.27 ? 115 PRO A N   1 
ATOM   927  C CA  . PRO A 1 114 ? -9.116  -5.887  11.430  1.00 21.21 ? 115 PRO A CA  1 
ATOM   928  C C   . PRO A 1 114 ? -9.108  -7.418  11.331  1.00 21.54 ? 115 PRO A C   1 
ATOM   929  O O   . PRO A 1 114 ? -9.009  -8.081  12.330  1.00 21.45 ? 115 PRO A O   1 
ATOM   930  C CB  . PRO A 1 114 ? -10.544 -5.311  11.288  1.00 21.98 ? 115 PRO A CB  1 
ATOM   931  C CG  . PRO A 1 114 ? -10.338 -3.958  10.567  1.00 21.37 ? 115 PRO A CG  1 
ATOM   932  C CD  . PRO A 1 114 ? -9.209  -4.212  9.616   1.00 21.65 ? 115 PRO A CD  1 
ATOM   933  N N   . ARG A 1 115 ? -9.212  -7.963  10.109  1.00 22.22 ? 116 ARG A N   1 
ATOM   934  C CA  . ARG A 1 115 ? -9.141  -9.368  9.852   1.00 21.36 ? 116 ARG A CA  1 
ATOM   935  C C   . ARG A 1 115 ? -7.755  -9.903  10.251  1.00 21.13 ? 116 ARG A C   1 
ATOM   936  O O   . ARG A 1 115 ? -7.635  -10.908 10.976  1.00 21.59 ? 116 ARG A O   1 
ATOM   937  C CB  . ARG A 1 115 ? -9.485  -9.630  8.387   1.00 22.04 ? 116 ARG A CB  1 
ATOM   938  C CG  . ARG A 1 115 ? -10.977 -9.582  8.163   1.00 22.93 ? 116 ARG A CG  1 
ATOM   939  C CD  . ARG A 1 115 ? -11.393 -10.208 6.815   1.00 29.58 ? 116 ARG A CD  1 
ATOM   940  N NE  . ARG A 1 115 ? -10.607 -9.694  5.712   1.00 32.31 ? 116 ARG A NE  1 
ATOM   941  C CZ  . ARG A 1 115 ? -11.055 -8.875  4.767   1.00 37.79 ? 116 ARG A CZ  1 
ATOM   942  N NH1 . ARG A 1 115 ? -12.331 -8.445  4.759   1.00 39.24 ? 116 ARG A NH1 1 
ATOM   943  N NH2 . ARG A 1 115 ? -10.215 -8.464  3.812   1.00 36.17 ? 116 ARG A NH2 1 
ATOM   944  N N   . PHE A 1 116 ? -6.706  -9.200  9.843   1.00 20.16 ? 117 PHE A N   1 
ATOM   945  C CA  . PHE A 1 116 ? -5.350  -9.513  10.349  1.00 18.62 ? 117 PHE A CA  1 
ATOM   946  C C   . PHE A 1 116 ? -5.327  -9.618  11.875  1.00 18.57 ? 117 PHE A C   1 
ATOM   947  O O   . PHE A 1 116 ? -4.783  -10.542 12.417  1.00 18.97 ? 117 PHE A O   1 
ATOM   948  C CB  . PHE A 1 116 ? -4.282  -8.506  9.804   1.00 15.59 ? 117 PHE A CB  1 
ATOM   949  C CG  . PHE A 1 116 ? -2.886  -8.725  10.366  1.00 14.90 ? 117 PHE A CG  1 
ATOM   950  C CD1 . PHE A 1 116 ? -2.179  -9.906  10.106  1.00 15.87 ? 117 PHE A CD1 1 
ATOM   951  C CD2 . PHE A 1 116 ? -2.291  -7.760  11.155  1.00 16.45 ? 117 PHE A CD2 1 
ATOM   952  C CE1 . PHE A 1 116 ? -0.886  -10.115 10.616  1.00 14.45 ? 117 PHE A CE1 1 
ATOM   953  C CE2 . PHE A 1 116 ? -1.002  -7.948  11.688  1.00 18.12 ? 117 PHE A CE2 1 
ATOM   954  C CZ  . PHE A 1 116 ? -0.311  -9.153  11.435  1.00 16.86 ? 117 PHE A CZ  1 
ATOM   955  N N   . LEU A 1 117 ? -5.917  -8.664  12.579  1.00 19.34 ? 118 LEU A N   1 
ATOM   956  C CA  . LEU A 1 117 ? -5.822  -8.657  14.040  1.00 19.52 ? 118 LEU A CA  1 
ATOM   957  C C   . LEU A 1 117 ? -6.569  -9.824  14.731  1.00 20.26 ? 118 LEU A C   1 
ATOM   958  O O   . LEU A 1 117 ? -6.301  -10.143 15.916  1.00 20.40 ? 118 LEU A O   1 
ATOM   959  C CB  . LEU A 1 117 ? -6.364  -7.308  14.594  1.00 19.34 ? 118 LEU A CB  1 
ATOM   960  C CG  . LEU A 1 117 ? -5.566  -6.095  14.122  1.00 19.14 ? 118 LEU A CG  1 
ATOM   961  C CD1 . LEU A 1 117 ? -6.266  -4.793  14.538  1.00 21.09 ? 118 LEU A CD1 1 
ATOM   962  C CD2 . LEU A 1 117 ? -4.150  -6.159  14.632  1.00 18.13 ? 118 LEU A CD2 1 
ATOM   963  N N   . ARG A 1 118 ? -7.506  -10.407 13.993  1.00 20.90 ? 119 ARG A N   1 
ATOM   964  C CA  . ARG A 1 118 ? -8.226  -11.636 14.352  1.00 22.86 ? 119 ARG A CA  1 
ATOM   965  C C   . ARG A 1 118 ? -7.548  -12.959 13.844  1.00 23.81 ? 119 ARG A C   1 
ATOM   966  O O   . ARG A 1 118 ? -8.041  -14.059 14.165  1.00 24.54 ? 119 ARG A O   1 
ATOM   967  C CB  . ARG A 1 118 ? -9.654  -11.578 13.742  1.00 22.91 ? 119 ARG A CB  1 
ATOM   968  C CG  . ARG A 1 118 ? -10.604 -10.664 14.413  1.00 21.37 ? 119 ARG A CG  1 
ATOM   969  C CD  . ARG A 1 118 ? -11.936 -10.480 13.609  1.00 21.80 ? 119 ARG A CD  1 
ATOM   970  N NE  . ARG A 1 118 ? -12.640 -11.727 13.353  1.00 25.39 ? 119 ARG A NE  1 
ATOM   971  C CZ  . ARG A 1 118 ? -13.485 -12.382 14.197  1.00 29.29 ? 119 ARG A CZ  1 
ATOM   972  N NH1 . ARG A 1 118 ? -13.765 -11.958 15.413  1.00 22.39 ? 119 ARG A NH1 1 
ATOM   973  N NH2 . ARG A 1 118 ? -14.075 -13.512 13.808  1.00 32.21 ? 119 ARG A NH2 1 
ATOM   974  N N   . SER A 1 119 ? -6.462  -12.849 13.066  1.00 23.13 ? 120 SER A N   1 
ATOM   975  C CA  . SER A 1 119 ? -5.803  -13.983 12.424  1.00 22.15 ? 120 SER A CA  1 
ATOM   976  C C   . SER A 1 119 ? -4.894  -14.639 13.472  1.00 22.45 ? 120 SER A C   1 
ATOM   977  O O   . SER A 1 119 ? -4.438  -13.980 14.432  1.00 20.42 ? 120 SER A O   1 
ATOM   978  C CB  . SER A 1 119 ? -4.950  -13.512 11.206  1.00 21.95 ? 120 SER A CB  1 
ATOM   979  O OG  . SER A 1 119 ? -3.690  -12.948 11.635  1.00 20.87 ? 120 SER A OG  1 
ATOM   980  N N   . ASP A 1 120 ? -4.645  -15.942 13.276  1.00 23.52 ? 121 ASP A N   1 
ATOM   981  C CA  . ASP A 1 120 ? -3.568  -16.700 13.981  1.00 25.12 ? 121 ASP A CA  1 
ATOM   982  C C   . ASP A 1 120 ? -2.157  -16.143 13.774  1.00 24.47 ? 121 ASP A C   1 
ATOM   983  O O   . ASP A 1 120 ? -1.395  -16.060 14.688  1.00 25.58 ? 121 ASP A O   1 
ATOM   984  C CB  . ASP A 1 120 ? -3.669  -18.219 13.600  1.00 25.84 ? 121 ASP A CB  1 
ATOM   985  C CG  . ASP A 1 120 ? -4.774  -19.001 14.479  1.00 30.69 ? 121 ASP A CG  1 
ATOM   986  O OD1 . ASP A 1 120 ? -5.718  -18.354 15.067  1.00 28.20 ? 121 ASP A OD1 1 
ATOM   987  O OD2 . ASP A 1 120 ? -4.624  -20.249 14.673  1.00 36.77 ? 121 ASP A OD2 1 
ATOM   988  N N   . LEU A 1 121 ? -1.822  -15.724 12.563  1.00 25.39 ? 122 LEU A N   1 
ATOM   989  C CA  . LEU A 1 121 ? -0.529  -15.086 12.259  1.00 25.23 ? 122 LEU A CA  1 
ATOM   990  C C   . LEU A 1 121 ? -0.248  -13.930 13.185  1.00 24.30 ? 122 LEU A C   1 
ATOM   991  O O   . LEU A 1 121 ? 0.870   -13.777 13.665  1.00 24.35 ? 122 LEU A O   1 
ATOM   992  C CB  . LEU A 1 121 ? -0.548  -14.554 10.807  1.00 26.36 ? 122 LEU A CB  1 
ATOM   993  C CG  . LEU A 1 121 ? 0.551   -14.757 9.737   1.00 27.46 ? 122 LEU A CG  1 
ATOM   994  C CD1 . LEU A 1 121 ? 1.302   -16.047 9.931   1.00 23.71 ? 122 LEU A CD1 1 
ATOM   995  C CD2 . LEU A 1 121 ? -0.205  -14.779 8.424   1.00 27.92 ? 122 LEU A CD2 1 
ATOM   996  N N   . TYR A 1 122 ? -1.284  -13.113 13.428  1.00 24.25 ? 123 TYR A N   1 
ATOM   997  C CA  . TYR A 1 122 ? -1.216  -12.031 14.401  1.00 23.91 ? 123 TYR A CA  1 
ATOM   998  C C   . TYR A 1 122 ? -1.270  -12.541 15.830  1.00 25.03 ? 123 TYR A C   1 
ATOM   999  O O   . TYR A 1 122 ? -0.296  -12.356 16.595  1.00 25.38 ? 123 TYR A O   1 
ATOM   1000 C CB  . TYR A 1 122 ? -2.254  -10.894 14.138  1.00 22.88 ? 123 TYR A CB  1 
ATOM   1001 C CG  . TYR A 1 122 ? -2.002  -9.742  15.110  1.00 23.81 ? 123 TYR A CG  1 
ATOM   1002 C CD1 . TYR A 1 122 ? -0.747  -9.121  15.166  1.00 22.46 ? 123 TYR A CD1 1 
ATOM   1003 C CD2 . TYR A 1 122 ? -2.969  -9.368  16.068  1.00 23.43 ? 123 TYR A CD2 1 
ATOM   1004 C CE1 . TYR A 1 122 ? -0.472  -8.144  16.103  1.00 20.99 ? 123 TYR A CE1 1 
ATOM   1005 C CE2 . TYR A 1 122 ? -2.707  -8.369  17.016  1.00 22.95 ? 123 TYR A CE2 1 
ATOM   1006 C CZ  . TYR A 1 122 ? -1.464  -7.751  16.999  1.00 22.40 ? 123 TYR A CZ  1 
ATOM   1007 O OH  . TYR A 1 122 ? -1.189  -6.774  17.907  1.00 25.36 ? 123 TYR A OH  1 
ATOM   1008 N N   . LEU A 1 123 ? -2.374  -13.196 16.212  1.00 24.65 ? 124 LEU A N   1 
ATOM   1009 C CA  . LEU A 1 123 ? -2.539  -13.569 17.642  1.00 24.94 ? 124 LEU A CA  1 
ATOM   1010 C C   . LEU A 1 123 ? -1.424  -14.480 18.177  1.00 26.08 ? 124 LEU A C   1 
ATOM   1011 O O   . LEU A 1 123 ? -1.070  -14.375 19.352  1.00 25.59 ? 124 LEU A O   1 
ATOM   1012 C CB  . LEU A 1 123 ? -3.947  -14.183 17.941  1.00 24.02 ? 124 LEU A CB  1 
ATOM   1013 C CG  . LEU A 1 123 ? -5.117  -13.283 17.490  1.00 23.68 ? 124 LEU A CG  1 
ATOM   1014 C CD1 . LEU A 1 123 ? -6.446  -13.992 17.451  1.00 25.67 ? 124 LEU A CD1 1 
ATOM   1015 C CD2 . LEU A 1 123 ? -5.198  -11.992 18.252  1.00 17.93 ? 124 LEU A CD2 1 
ATOM   1016 N N   . ASP A 1 124 ? -0.842  -15.363 17.352  1.00 27.02 ? 125 ASP A N   1 
ATOM   1017 C CA  . ASP A 1 124 ? 0.107   -16.305 17.939  1.00 28.63 ? 125 ASP A CA  1 
ATOM   1018 C C   . ASP A 1 124 ? 1.362   -15.632 18.505  1.00 29.41 ? 125 ASP A C   1 
ATOM   1019 O O   . ASP A 1 124 ? 2.132   -16.264 19.277  1.00 30.69 ? 125 ASP A O   1 
ATOM   1020 C CB  . ASP A 1 124 ? 0.475   -17.397 16.971  1.00 29.91 ? 125 ASP A CB  1 
ATOM   1021 C CG  . ASP A 1 124 ? -0.615  -18.449 16.841  1.00 33.28 ? 125 ASP A CG  1 
ATOM   1022 O OD1 . ASP A 1 124 ? -1.575  -18.449 17.660  1.00 33.62 ? 125 ASP A OD1 1 
ATOM   1023 O OD2 . ASP A 1 124 ? -0.484  -19.283 15.911  1.00 37.40 ? 125 ASP A OD2 1 
ATOM   1024 N N   . LEU A 1 125 ? 1.516   -14.352 18.144  1.00 29.58 ? 126 LEU A N   1 
ATOM   1025 C CA  . LEU A 1 125 ? 2.677   -13.528 18.396  1.00 30.64 ? 126 LEU A CA  1 
ATOM   1026 C C   . LEU A 1 125 ? 2.513   -12.704 19.630  1.00 32.01 ? 126 LEU A C   1 
ATOM   1027 O O   . LEU A 1 125 ? 3.484   -12.178 20.148  1.00 31.78 ? 126 LEU A O   1 
ATOM   1028 C CB  . LEU A 1 125 ? 2.924   -12.587 17.198  1.00 29.33 ? 126 LEU A CB  1 
ATOM   1029 C CG  . LEU A 1 125 ? 3.632   -13.049 15.918  1.00 30.68 ? 126 LEU A CG  1 
ATOM   1030 C CD1 . LEU A 1 125 ? 3.857   -11.831 14.897  1.00 26.44 ? 126 LEU A CD1 1 
ATOM   1031 C CD2 . LEU A 1 125 ? 4.957   -13.789 16.204  1.00 27.76 ? 126 LEU A CD2 1 
ATOM   1032 N N   . ILE A 1 126 ? 1.284   -12.555 20.109  1.00 35.42 ? 127 ILE A N   1 
ATOM   1033 C CA  . ILE A 1 126 ? 1.062   -11.644 21.241  1.00 38.73 ? 127 ILE A CA  1 
ATOM   1034 C C   . ILE A 1 126 ? 0.930   -12.374 22.592  1.00 42.61 ? 127 ILE A C   1 
ATOM   1035 O O   . ILE A 1 126 ? 1.213   -11.811 23.668  1.00 44.61 ? 127 ILE A O   1 
ATOM   1036 C CB  . ILE A 1 126 ? -0.100  -10.630 21.012  1.00 38.12 ? 127 ILE A CB  1 
ATOM   1037 C CG1 . ILE A 1 126 ? -1.419  -11.332 20.674  1.00 37.96 ? 127 ILE A CG1 1 
ATOM   1038 C CG2 . ILE A 1 126 ? 0.250   -9.593  19.939  1.00 37.63 ? 127 ILE A CG2 1 
ATOM   1039 C CD1 . ILE A 1 126 ? -2.620  -10.419 20.770  1.00 37.35 ? 127 ILE A CD1 1 
ATOM   1040 N N   . ASN A 1 127 ? 0.564   -13.634 22.533  1.00 45.82 ? 128 ASN A N   1 
ATOM   1041 C CA  . ASN A 1 127 ? 0.264   -14.386 23.723  1.00 49.92 ? 128 ASN A CA  1 
ATOM   1042 C C   . ASN A 1 127 ? 1.480   -14.758 24.624  1.00 51.20 ? 128 ASN A C   1 
ATOM   1043 O O   . ASN A 1 127 ? 1.326   -15.128 25.817  1.00 52.36 ? 128 ASN A O   1 
ATOM   1044 C CB  . ASN A 1 127 ? -0.525  -15.622 23.300  1.00 51.09 ? 128 ASN A CB  1 
ATOM   1045 C CG  . ASN A 1 127 ? 0.339   -16.656 22.630  1.00 54.85 ? 128 ASN A CG  1 
ATOM   1046 O OD1 . ASN A 1 127 ? 1.560   -16.704 22.877  1.00 59.16 ? 128 ASN A OD1 1 
ATOM   1047 N ND2 . ASN A 1 127 ? -0.283  -17.521 21.792  1.00 56.60 ? 128 ASN A ND2 1 
HETATM 1048 O O   . HOH B 2 .   ? 2.432   -19.114 -3.349  1.00 20.27 ? 129 HOH A O   1 
HETATM 1049 O O   . HOH B 2 .   ? 11.131  -1.696  12.347  1.00 25.49 ? 130 HOH A O   1 
HETATM 1050 O O   . HOH B 2 .   ? -3.408  9.344   -7.136  1.00 18.82 ? 131 HOH A O   1 
HETATM 1051 O O   . HOH B 2 .   ? 6.203   -11.300 4.227   0.50 14.25 ? 132 HOH A O   1 
HETATM 1052 O O   . HOH B 2 .   ? 2.372   10.439  -4.306  1.00 22.63 ? 133 HOH A O   1 
HETATM 1053 O O   . HOH B 2 .   ? -9.026  -13.234 10.284  1.00 25.75 ? 134 HOH A O   1 
HETATM 1054 O O   . HOH B 2 .   ? -3.297  12.597  -5.842  1.00 25.94 ? 135 HOH A O   1 
HETATM 1055 O O   . HOH B 2 .   ? -5.838  -5.499  1.365   1.00 29.15 ? 136 HOH A O   1 
HETATM 1056 O O   . HOH B 2 .   ? 9.469   -5.915  6.048   1.00 18.38 ? 137 HOH A O   1 
HETATM 1057 O O   . HOH B 2 .   ? 3.408   4.052   -17.169 1.00 35.00 ? 138 HOH A O   1 
HETATM 1058 O O   . HOH B 2 .   ? -3.139  -14.798 21.382  1.00 36.46 ? 139 HOH A O   1 
HETATM 1059 O O   . HOH B 2 .   ? 11.399  18.073  -8.492  1.00 33.50 ? 140 HOH A O   1 
HETATM 1060 O O   . HOH B 2 .   ? 7.654   -6.244  3.812   1.00 33.53 ? 141 HOH A O   1 
HETATM 1061 O O   . HOH B 2 .   ? -2.670  15.636  -3.116  1.00 31.13 ? 142 HOH A O   1 
HETATM 1062 O O   . HOH B 2 .   ? 6.633   -0.245  -9.494  1.00 39.73 ? 143 HOH A O   1 
HETATM 1063 O O   . HOH B 2 .   ? -6.714  0.209   -11.152 1.00 40.19 ? 144 HOH A O   1 
HETATM 1064 O O   . HOH B 2 .   ? -5.491  -10.840 -5.881  1.00 49.20 ? 145 HOH A O   1 
HETATM 1065 O O   . HOH B 2 .   ? -5.992  1.620   12.096  1.00 42.86 ? 146 HOH A O   1 
HETATM 1066 O O   . HOH B 2 .   ? -14.185 0.655   -8.373  1.00 47.79 ? 147 HOH A O   1 
HETATM 1067 O O   . HOH B 2 .   ? -4.341  14.570  -4.302  1.00 39.12 ? 148 HOH A O   1 
HETATM 1068 O O   . HOH B 2 .   ? -10.329 4.003   -15.668 1.00 40.53 ? 149 HOH A O   1 
HETATM 1069 O O   . HOH B 2 .   ? 6.212   -13.481 19.699  1.00 31.62 ? 150 HOH A O   1 
HETATM 1070 O O   . HOH B 2 .   ? -1.858  -17.410 -0.501  1.00 29.98 ? 151 HOH A O   1 
HETATM 1071 O O   . HOH B 2 .   ? -5.837  -18.731 1.358   1.00 37.33 ? 152 HOH A O   1 
HETATM 1072 O O   . HOH B 2 .   ? -13.101 -6.507  8.337   1.00 34.76 ? 153 HOH A O   1 
HETATM 1073 O O   . HOH B 2 .   ? -4.176  -0.655  -19.462 1.00 49.48 ? 154 HOH A O   1 
HETATM 1074 O O   . HOH B 2 .   ? -9.087  12.189  -16.904 1.00 35.81 ? 155 HOH A O   1 
HETATM 1075 O O   . HOH B 2 .   ? -8.809  -0.095  11.730  1.00 33.55 ? 156 HOH A O   1 
HETATM 1076 O O   . HOH B 2 .   ? -10.234 -14.527 15.750  1.00 35.77 ? 157 HOH A O   1 
HETATM 1077 O O   . HOH B 2 .   ? -12.741 -8.162  11.379  1.00 36.14 ? 158 HOH A O   1 
HETATM 1078 O O   . HOH B 2 .   ? -10.992 3.407   0.299   1.00 33.84 ? 159 HOH A O   1 
HETATM 1079 O O   . HOH B 2 .   ? 1.239   8.031   3.950   1.00 36.86 ? 160 HOH A O   1 
HETATM 1080 O O   . HOH B 2 .   ? -11.724 -12.354 9.741   1.00 46.54 ? 161 HOH A O   1 
HETATM 1081 O O   . HOH B 2 .   ? 4.798   -6.723  -11.572 1.00 28.68 ? 162 HOH A O   1 
HETATM 1082 O O   . HOH B 2 .   ? -6.243  -17.462 10.814  1.00 29.24 ? 163 HOH A O   1 
HETATM 1083 O O   . HOH B 2 .   ? -3.679  -16.649 9.947   1.00 28.71 ? 164 HOH A O   1 
HETATM 1084 O O   . HOH B 2 .   ? -9.790  6.717   10.409  1.00 48.54 ? 165 HOH A O   1 
HETATM 1085 O O   . HOH B 2 .   ? -11.845 6.009   -3.418  1.00 45.82 ? 166 HOH A O   1 
HETATM 1086 O O   . HOH B 2 .   ? -6.996  -4.106  -4.693  1.00 17.49 ? 167 HOH A O   1 
HETATM 1087 O O   . HOH B 2 .   ? 0.664   10.810  1.151   1.00 49.48 ? 168 HOH A O   1 
HETATM 1088 O O   . HOH B 2 .   ? -14.365 6.328   -1.458  1.00 36.25 ? 169 HOH A O   1 
HETATM 1089 O O   . HOH B 2 .   ? -2.551  -3.720  20.925  1.00 39.16 ? 170 HOH A O   1 
HETATM 1090 O O   . HOH B 2 .   ? 1.250   9.639   -2.331  1.00 25.74 ? 171 HOH A O   1 
HETATM 1091 O O   . HOH B 2 .   ? 6.870   1.837   6.128   1.00 42.45 ? 172 HOH A O   1 
HETATM 1092 O O   . HOH B 2 .   ? 1.251   -10.576 -10.762 1.00 40.23 ? 173 HOH A O   1 
HETATM 1093 O O   . HOH B 2 .   ? 3.713   -15.474 22.084  1.00 53.69 ? 174 HOH A O   1 
HETATM 1094 O O   . HOH B 2 .   ? 11.831  10.605  -16.733 1.00 36.87 ? 175 HOH A O   1 
HETATM 1095 O O   . HOH B 2 .   ? 9.000   0.562   18.197  1.00 47.13 ? 176 HOH A O   1 
HETATM 1096 O O   . HOH B 2 .   ? 6.551   14.661  -15.483 1.00 40.33 ? 177 HOH A O   1 
HETATM 1097 O O   . HOH B 2 .   ? -11.417 -4.389  0.780   1.00 37.01 ? 178 HOH A O   1 
HETATM 1098 O O   . HOH B 2 .   ? -6.547  3.140   16.736  1.00 30.86 ? 179 HOH A O   1 
HETATM 1099 O O   . HOH B 2 .   ? 4.168   12.071  -20.567 1.00 48.24 ? 180 HOH A O   1 
HETATM 1100 O O   . HOH B 2 .   ? -7.196  -15.371 5.178   1.00 30.11 ? 181 HOH A O   1 
HETATM 1101 O O   . HOH B 2 .   ? 6.145   -1.111  -14.260 1.00 30.01 ? 182 HOH A O   1 
HETATM 1102 O O   . HOH B 2 .   ? -1.864  9.787   0.797   1.00 33.25 ? 183 HOH A O   1 
HETATM 1103 O O   . HOH B 2 .   ? -10.489 11.975  -12.402 1.00 32.45 ? 184 HOH A O   1 
HETATM 1104 O O   . HOH B 2 .   ? 1.788   6.798   19.458  1.00 54.81 ? 185 HOH A O   1 
HETATM 1105 O O   . HOH B 2 .   ? 0.487   -2.429  -17.274 1.00 28.95 ? 186 HOH A O   1 
HETATM 1106 O O   . HOH B 2 .   ? -10.998 14.422  -11.410 1.00 34.83 ? 187 HOH A O   1 
HETATM 1107 O O   . HOH B 2 .   ? -11.696 -1.263  -9.414  1.00 40.07 ? 188 HOH A O   1 
HETATM 1108 O O   . HOH B 2 .   ? -6.630  -5.647  -6.545  1.00 27.14 ? 189 HOH A O   1 
HETATM 1109 O O   . HOH B 2 .   ? -11.113 12.074  -15.241 1.00 29.98 ? 190 HOH A O   1 
# 
